data_2KBZ
#
_entry.id   2KBZ
#
_entity_poly.entity_id   1
_entity_poly.type   'polypeptide(L)'
_entity_poly.pdbx_seq_one_letter_code
;QRVKRLLSITNDKHDEYLTEMVPLLVEFAKDECHNPFIDKDGNESIPSGVLIFVAKAAQFYMTNAGLTGRSMDTVSYNFA
TEIPSTILKKLNPYRKMAR
;
_entity_poly.pdbx_strand_id   A
#
# COMPACT_ATOMS: atom_id res chain seq x y z
N GLN A 1 5.57 -6.25 24.61
CA GLN A 1 6.91 -5.80 24.35
C GLN A 1 6.87 -4.67 23.36
N ARG A 2 5.67 -4.43 22.78
CA ARG A 2 5.30 -3.44 21.75
C ARG A 2 5.52 -3.95 20.34
N VAL A 3 6.36 -5.01 20.15
CA VAL A 3 6.74 -5.67 18.88
C VAL A 3 5.54 -6.34 18.18
N LYS A 4 4.63 -6.95 19.00
CA LYS A 4 3.35 -7.57 18.68
C LYS A 4 2.32 -6.61 18.14
N ARG A 5 2.41 -5.30 18.51
CA ARG A 5 1.53 -4.20 18.10
C ARG A 5 1.53 -3.90 16.60
N LEU A 6 2.63 -4.28 15.89
CA LEU A 6 2.83 -4.20 14.45
C LEU A 6 2.12 -5.31 13.68
N LEU A 7 2.14 -6.57 14.18
CA LEU A 7 1.54 -7.74 13.59
C LEU A 7 0.18 -8.13 14.17
N SER A 8 -0.21 -7.65 15.40
CA SER A 8 -1.50 -7.93 16.07
C SER A 8 -2.70 -7.23 15.44
N ILE A 9 -2.39 -6.32 14.50
CA ILE A 9 -3.32 -5.42 13.83
C ILE A 9 -3.57 -5.83 12.38
N THR A 10 -3.22 -4.92 11.43
CA THR A 10 -3.33 -5.02 9.99
C THR A 10 -2.21 -5.87 9.38
N ASN A 11 -2.16 -7.12 9.86
CA ASN A 11 -1.31 -8.25 9.52
C ASN A 11 -2.13 -9.44 9.95
N ASP A 12 -2.16 -9.79 11.26
CA ASP A 12 -3.00 -10.86 11.85
C ASP A 12 -4.52 -10.72 11.62
N LYS A 13 -5.10 -9.50 11.66
CA LYS A 13 -6.50 -9.26 11.37
C LYS A 13 -6.73 -9.00 9.89
N HIS A 14 -5.90 -8.11 9.30
CA HIS A 14 -6.15 -7.58 8.00
C HIS A 14 -4.98 -7.51 7.04
N ASP A 15 -4.02 -8.48 6.94
CA ASP A 15 -2.89 -8.52 5.96
C ASP A 15 -3.36 -8.40 4.49
N GLU A 16 -4.54 -9.03 4.19
CA GLU A 16 -5.27 -8.91 2.95
C GLU A 16 -5.97 -7.56 2.75
N TYR A 17 -6.51 -6.88 3.82
CA TYR A 17 -7.13 -5.55 3.63
C TYR A 17 -6.20 -4.37 3.48
N LEU A 18 -5.16 -4.16 4.35
CA LEU A 18 -4.27 -3.00 4.22
C LEU A 18 -3.36 -3.05 3.01
N THR A 19 -2.61 -4.14 2.78
CA THR A 19 -1.80 -4.45 1.65
C THR A 19 -2.37 -4.31 0.27
N GLU A 20 -3.69 -4.55 0.00
CA GLU A 20 -4.39 -4.31 -1.28
C GLU A 20 -4.65 -2.82 -1.66
N MET A 21 -4.94 -1.90 -0.67
CA MET A 21 -5.06 -0.43 -0.75
C MET A 21 -3.90 0.23 -1.48
N VAL A 22 -2.71 -0.25 -1.07
CA VAL A 22 -1.42 0.15 -1.62
C VAL A 22 -1.12 -0.33 -3.05
N PRO A 23 -1.18 -1.55 -3.68
CA PRO A 23 -1.14 -1.77 -5.14
C PRO A 23 -2.21 -1.03 -5.93
N LEU A 24 -3.34 -0.53 -5.32
CA LEU A 24 -4.09 0.55 -5.99
C LEU A 24 -3.27 1.88 -6.13
N LEU A 25 -2.50 2.29 -5.09
CA LEU A 25 -1.49 3.37 -5.15
C LEU A 25 -0.17 3.10 -5.97
N VAL A 26 0.59 2.00 -5.72
CA VAL A 26 1.80 1.46 -6.35
C VAL A 26 1.62 1.06 -7.80
N GLU A 27 0.51 0.34 -8.14
CA GLU A 27 0.18 -0.05 -9.50
C GLU A 27 -0.44 1.08 -10.34
N PHE A 28 -1.37 1.95 -9.78
CA PHE A 28 -1.92 3.13 -10.49
C PHE A 28 -0.90 4.24 -10.76
N ALA A 29 -0.14 4.64 -9.70
CA ALA A 29 0.87 5.70 -9.70
C ALA A 29 2.11 5.34 -10.46
N LYS A 30 2.53 4.05 -10.41
CA LYS A 30 3.59 3.43 -11.20
C LYS A 30 3.28 3.12 -12.66
N ASP A 31 1.96 2.99 -13.05
CA ASP A 31 1.42 2.81 -14.44
C ASP A 31 1.91 3.87 -15.45
N GLU A 32 2.32 5.01 -14.89
CA GLU A 32 3.05 6.21 -15.32
C GLU A 32 4.42 5.91 -15.91
N CYS A 33 5.18 5.03 -15.22
CA CYS A 33 6.53 4.61 -15.54
C CYS A 33 6.59 3.45 -16.53
N HIS A 34 5.52 2.62 -16.60
CA HIS A 34 5.31 1.44 -17.46
C HIS A 34 6.10 0.22 -17.05
N ASN A 35 6.66 0.24 -15.81
CA ASN A 35 7.52 -0.80 -15.25
C ASN A 35 6.80 -2.07 -14.72
N PRO A 36 7.44 -3.25 -14.53
CA PRO A 36 6.74 -4.54 -14.37
C PRO A 36 6.22 -4.79 -12.95
N PHE A 37 5.24 -3.95 -12.49
CA PHE A 37 4.42 -4.16 -11.29
C PHE A 37 3.22 -5.08 -11.59
N ILE A 38 3.27 -5.79 -12.75
CA ILE A 38 2.32 -6.74 -13.32
C ILE A 38 3.05 -8.08 -13.40
N ASP A 39 2.32 -9.23 -13.32
CA ASP A 39 2.86 -10.59 -13.35
C ASP A 39 2.39 -11.30 -14.60
N LYS A 40 3.00 -12.47 -15.00
CA LYS A 40 2.74 -13.32 -16.17
C LYS A 40 1.29 -13.78 -16.50
N ASP A 41 0.32 -13.66 -15.55
CA ASP A 41 -1.09 -14.00 -15.72
C ASP A 41 -1.89 -12.72 -16.00
N GLY A 42 -1.22 -11.56 -15.79
CA GLY A 42 -1.70 -10.19 -15.88
C GLY A 42 -2.27 -9.68 -14.60
N ASN A 43 -1.80 -10.27 -13.49
CA ASN A 43 -2.13 -9.98 -12.11
C ASN A 43 -1.07 -9.03 -11.57
N GLU A 44 -1.20 -8.62 -10.31
CA GLU A 44 -0.36 -7.68 -9.57
C GLU A 44 1.00 -8.20 -9.12
N SER A 45 2.07 -7.35 -9.14
CA SER A 45 3.39 -7.75 -8.67
C SER A 45 3.99 -6.57 -7.93
N ILE A 46 4.73 -6.76 -6.80
CA ILE A 46 5.30 -5.69 -5.99
C ILE A 46 6.70 -6.19 -5.55
N PRO A 47 7.84 -5.45 -5.60
CA PRO A 47 9.17 -5.90 -5.13
C PRO A 47 9.37 -5.70 -3.61
N SER A 48 10.56 -5.99 -3.03
CA SER A 48 10.93 -5.91 -1.61
C SER A 48 10.84 -4.54 -0.88
N GLY A 49 11.34 -3.44 -1.51
CA GLY A 49 11.34 -2.05 -0.93
C GLY A 49 9.97 -1.39 -0.98
N VAL A 50 9.30 -1.51 -2.15
CA VAL A 50 7.92 -1.09 -2.41
C VAL A 50 6.88 -1.89 -1.60
N LEU A 51 7.25 -3.14 -1.17
CA LEU A 51 6.56 -4.05 -0.23
C LEU A 51 6.55 -3.49 1.17
N ILE A 52 7.73 -2.98 1.70
CA ILE A 52 7.79 -2.30 3.03
C ILE A 52 6.90 -1.06 3.08
N PHE A 53 6.77 -0.37 1.89
CA PHE A 53 5.81 0.69 1.57
C PHE A 53 4.37 0.16 1.63
N VAL A 54 3.95 -0.89 0.85
CA VAL A 54 2.57 -1.42 0.84
C VAL A 54 2.00 -1.78 2.22
N ALA A 55 2.74 -2.62 3.00
CA ALA A 55 2.48 -2.89 4.41
C ALA A 55 2.58 -1.70 5.38
N LYS A 56 3.66 -0.85 5.42
CA LYS A 56 3.76 0.23 6.40
C LYS A 56 2.90 1.47 6.15
N ALA A 57 2.62 1.79 4.85
CA ALA A 57 1.75 2.84 4.34
C ALA A 57 0.30 2.63 4.69
N ALA A 58 -0.20 1.40 4.37
CA ALA A 58 -1.55 0.98 4.67
C ALA A 58 -1.79 0.58 6.11
N GLN A 59 -0.77 0.04 6.87
CA GLN A 59 -0.95 -0.22 8.32
C GLN A 59 -0.97 1.07 9.15
N PHE A 60 -0.31 2.14 8.63
CA PHE A 60 -0.42 3.51 9.11
C PHE A 60 -1.79 4.10 8.72
N TYR A 61 -2.19 4.09 7.41
CA TYR A 61 -3.45 4.67 6.96
C TYR A 61 -4.76 3.98 7.37
N MET A 62 -4.91 2.63 7.25
CA MET A 62 -6.14 1.88 7.50
C MET A 62 -6.52 1.80 8.98
N THR A 63 -5.49 1.53 9.84
CA THR A 63 -5.47 1.48 11.31
C THR A 63 -5.68 2.84 11.98
N ASN A 64 -5.40 3.95 11.24
CA ASN A 64 -5.67 5.32 11.66
C ASN A 64 -7.01 5.80 11.11
N ALA A 65 -7.14 5.88 9.75
CA ALA A 65 -8.21 6.54 9.05
C ALA A 65 -9.30 5.72 8.41
N GLY A 66 -9.42 4.39 8.67
CA GLY A 66 -10.67 3.68 8.38
C GLY A 66 -11.68 3.93 9.48
N LEU A 67 -11.18 4.40 10.63
CA LEU A 67 -11.83 4.67 11.89
C LEU A 67 -11.83 6.08 12.37
N THR A 68 -10.65 6.74 12.52
CA THR A 68 -10.56 8.13 12.98
C THR A 68 -10.55 9.11 11.80
N GLY A 69 -10.90 8.51 10.65
CA GLY A 69 -11.07 8.94 9.28
C GLY A 69 -12.11 9.98 8.93
N ARG A 70 -13.38 9.56 9.17
CA ARG A 70 -14.64 10.27 8.93
C ARG A 70 -15.24 10.12 7.52
N SER A 71 -14.48 9.56 6.54
CA SER A 71 -14.92 9.43 5.14
C SER A 71 -15.18 7.98 4.71
N MET A 72 -15.62 7.12 5.66
CA MET A 72 -16.00 5.70 5.52
C MET A 72 -14.85 4.66 5.48
N ASP A 73 -15.13 3.44 6.05
CA ASP A 73 -14.24 2.26 6.21
C ASP A 73 -14.22 1.27 5.03
N THR A 74 -14.64 1.72 3.83
CA THR A 74 -14.74 1.02 2.53
C THR A 74 -15.59 1.93 1.68
N VAL A 75 -15.03 2.48 0.59
CA VAL A 75 -15.69 3.49 -0.22
C VAL A 75 -15.07 3.43 -1.60
N SER A 76 -15.48 4.34 -2.55
CA SER A 76 -14.94 4.61 -3.89
C SER A 76 -13.60 5.37 -3.78
N TYR A 77 -12.64 4.69 -3.11
CA TYR A 77 -11.34 5.07 -2.55
C TYR A 77 -10.48 6.27 -2.93
N ASN A 78 -9.98 6.87 -1.82
CA ASN A 78 -9.15 8.03 -1.59
C ASN A 78 -7.67 7.88 -1.88
N PHE A 79 -7.22 6.62 -2.23
CA PHE A 79 -5.83 6.16 -2.44
C PHE A 79 -4.94 7.00 -3.34
N ALA A 80 -5.62 7.68 -4.29
CA ALA A 80 -5.18 8.62 -5.29
C ALA A 80 -4.77 9.98 -4.75
N THR A 81 -5.22 10.32 -3.51
CA THR A 81 -4.92 11.55 -2.81
C THR A 81 -4.57 11.29 -1.35
N GLU A 82 -4.42 10.02 -0.90
CA GLU A 82 -4.21 9.66 0.50
C GLU A 82 -3.19 8.53 0.57
N ILE A 83 -3.02 7.98 1.82
CA ILE A 83 -2.04 6.96 2.25
C ILE A 83 -0.73 7.77 2.55
N PRO A 84 -0.07 7.80 3.74
CA PRO A 84 0.75 8.93 4.21
C PRO A 84 1.92 9.45 3.34
N SER A 85 1.89 10.78 3.05
CA SER A 85 2.77 11.67 2.26
C SER A 85 4.25 11.35 2.16
N THR A 86 4.87 10.93 3.30
CA THR A 86 6.26 10.54 3.46
C THR A 86 6.60 9.20 2.80
N ILE A 87 5.75 8.14 2.98
CA ILE A 87 5.90 6.79 2.43
C ILE A 87 5.69 6.72 0.89
N LEU A 88 4.88 7.68 0.35
CA LEU A 88 4.59 7.98 -1.06
C LEU A 88 5.85 8.15 -1.95
N LYS A 89 7.00 8.57 -1.35
CA LYS A 89 8.32 8.61 -2.00
C LYS A 89 8.99 7.22 -2.06
N LYS A 90 8.54 6.27 -1.20
CA LYS A 90 8.86 4.83 -1.12
C LYS A 90 8.03 3.97 -2.13
N LEU A 91 6.94 4.56 -2.74
CA LEU A 91 6.15 4.08 -3.94
C LEU A 91 7.03 3.85 -5.16
N ASN A 92 8.00 4.77 -5.38
CA ASN A 92 8.91 4.86 -6.52
C ASN A 92 10.30 4.17 -6.59
N PRO A 93 11.15 3.77 -5.60
CA PRO A 93 12.58 3.49 -5.84
C PRO A 93 13.01 2.27 -6.66
N TYR A 94 12.12 1.32 -7.03
CA TYR A 94 12.49 0.08 -7.72
C TYR A 94 13.03 0.08 -9.16
N ARG A 95 12.29 0.64 -10.15
CA ARG A 95 12.69 0.62 -11.54
C ARG A 95 12.10 1.92 -12.04
N LYS A 96 12.64 2.56 -13.10
CA LYS A 96 12.16 3.82 -13.66
C LYS A 96 12.34 5.08 -12.79
N MET A 97 11.82 5.03 -11.53
CA MET A 97 11.84 6.00 -10.43
C MET A 97 11.05 7.29 -10.63
N ALA A 98 10.93 7.74 -11.91
CA ALA A 98 10.19 8.88 -12.38
C ALA A 98 10.14 8.73 -13.88
N ARG A 99 9.56 9.71 -14.59
CA ARG A 99 9.54 9.77 -16.04
C ARG A 99 9.51 11.25 -16.38
N GLN A 1 6.39 2.64 19.03
CA GLN A 1 5.80 2.26 17.77
C GLN A 1 4.64 1.33 18.03
N ARG A 2 4.61 0.74 19.26
CA ARG A 2 3.64 -0.20 19.82
C ARG A 2 3.96 -1.64 19.39
N VAL A 3 4.46 -2.51 20.31
CA VAL A 3 5.00 -3.87 20.12
C VAL A 3 4.10 -4.88 19.38
N LYS A 4 2.80 -4.93 19.75
CA LYS A 4 1.72 -5.68 19.11
C LYS A 4 1.31 -5.21 17.73
N ARG A 5 1.50 -3.90 17.37
CA ARG A 5 1.10 -3.31 16.07
C ARG A 5 1.76 -3.92 14.82
N LEU A 6 2.98 -4.51 14.99
CA LEU A 6 3.76 -5.23 13.97
C LEU A 6 3.14 -6.55 13.53
N LEU A 7 2.55 -7.32 14.49
CA LEU A 7 1.89 -8.59 14.29
C LEU A 7 0.35 -8.56 14.41
N SER A 8 -0.30 -7.53 15.04
CA SER A 8 -1.77 -7.42 15.22
C SER A 8 -2.47 -6.96 13.95
N ILE A 9 -1.66 -6.47 13.01
CA ILE A 9 -2.06 -6.02 11.69
C ILE A 9 -1.26 -6.76 10.63
N THR A 10 0.09 -6.75 10.67
CA THR A 10 0.94 -7.40 9.65
C THR A 10 1.48 -8.74 10.12
N ASN A 11 0.60 -9.76 10.10
CA ASN A 11 0.78 -11.16 10.50
C ASN A 11 -0.65 -11.63 10.61
N ASP A 12 -1.43 -11.12 11.62
CA ASP A 12 -2.87 -11.34 11.80
C ASP A 12 -3.70 -10.80 10.60
N LYS A 13 -4.85 -11.43 10.30
CA LYS A 13 -5.70 -11.36 9.10
C LYS A 13 -6.02 -10.04 8.38
N HIS A 14 -5.82 -8.84 9.00
CA HIS A 14 -6.05 -7.53 8.41
C HIS A 14 -4.98 -7.15 7.38
N ASP A 15 -3.79 -7.85 7.39
CA ASP A 15 -2.62 -7.75 6.49
C ASP A 15 -2.94 -7.83 4.98
N GLU A 16 -3.83 -8.79 4.64
CA GLU A 16 -4.43 -9.09 3.34
C GLU A 16 -5.46 -8.07 2.90
N TYR A 17 -6.19 -7.43 3.87
CA TYR A 17 -7.04 -6.27 3.60
C TYR A 17 -6.20 -5.02 3.44
N LEU A 18 -5.23 -4.75 4.38
CA LEU A 18 -4.33 -3.60 4.37
C LEU A 18 -3.39 -3.53 3.20
N THR A 19 -2.60 -4.57 2.82
CA THR A 19 -1.82 -4.60 1.59
C THR A 19 -2.55 -4.32 0.28
N GLU A 20 -3.84 -4.70 0.03
CA GLU A 20 -4.65 -4.41 -1.18
C GLU A 20 -5.05 -2.92 -1.44
N MET A 21 -5.24 -2.13 -0.34
CA MET A 21 -5.42 -0.66 -0.24
C MET A 21 -4.35 0.09 -0.99
N VAL A 22 -3.14 -0.47 -0.77
CA VAL A 22 -1.93 -0.03 -1.42
C VAL A 22 -1.79 -0.48 -2.89
N PRO A 23 -1.82 -1.65 -3.66
CA PRO A 23 -1.81 -1.72 -5.14
C PRO A 23 -2.88 -0.89 -5.84
N LEU A 24 -3.98 -0.44 -5.14
CA LEU A 24 -4.74 0.71 -5.66
C LEU A 24 -3.91 2.05 -5.70
N LEU A 25 -3.26 2.46 -4.57
CA LEU A 25 -2.28 3.58 -4.48
C LEU A 25 -0.91 3.43 -5.20
N VAL A 26 -0.12 2.36 -4.96
CA VAL A 26 1.20 2.08 -5.53
C VAL A 26 1.15 1.68 -6.98
N GLU A 27 0.10 0.95 -7.46
CA GLU A 27 -0.03 0.55 -8.88
C GLU A 27 -0.53 1.72 -9.75
N PHE A 28 -1.39 2.66 -9.16
CA PHE A 28 -1.72 3.99 -9.74
C PHE A 28 -0.48 4.87 -10.09
N ALA A 29 0.41 5.07 -9.08
CA ALA A 29 1.68 5.78 -9.10
C ALA A 29 2.81 5.08 -9.84
N LYS A 30 2.81 3.72 -9.88
CA LYS A 30 3.78 2.90 -10.58
C LYS A 30 3.64 2.82 -12.10
N ASP A 31 2.40 3.05 -12.70
CA ASP A 31 2.14 3.12 -14.18
C ASP A 31 2.96 4.17 -14.95
N GLU A 32 3.40 5.18 -14.17
CA GLU A 32 4.29 6.31 -14.39
C GLU A 32 5.68 6.02 -14.91
N CYS A 33 6.19 4.79 -14.64
CA CYS A 33 7.59 4.43 -14.79
C CYS A 33 7.92 3.56 -15.98
N HIS A 34 7.07 3.48 -17.04
CA HIS A 34 7.27 2.71 -18.28
C HIS A 34 6.65 1.32 -18.26
N ASN A 35 6.76 0.63 -17.11
CA ASN A 35 6.41 -0.78 -16.90
C ASN A 35 4.92 -1.04 -16.58
N PRO A 36 4.28 -2.14 -17.06
CA PRO A 36 2.86 -2.42 -16.88
C PRO A 36 2.54 -3.30 -15.66
N PHE A 37 3.57 -3.82 -14.91
CA PHE A 37 3.54 -4.64 -13.68
C PHE A 37 2.47 -5.75 -13.56
N ILE A 38 2.52 -6.72 -14.51
CA ILE A 38 1.70 -7.90 -14.66
C ILE A 38 2.66 -9.06 -14.47
N ASP A 39 2.18 -10.17 -13.86
CA ASP A 39 2.96 -11.36 -13.52
C ASP A 39 2.41 -12.55 -14.33
N LYS A 40 3.16 -13.69 -14.39
CA LYS A 40 2.90 -14.97 -15.07
C LYS A 40 1.51 -15.65 -15.00
N ASP A 41 0.62 -15.23 -14.06
CA ASP A 41 -0.75 -15.72 -13.88
C ASP A 41 -1.74 -14.75 -14.49
N GLY A 42 -1.25 -13.52 -14.78
CA GLY A 42 -1.95 -12.33 -15.25
C GLY A 42 -2.49 -11.51 -14.12
N ASN A 43 -1.78 -11.62 -12.97
CA ASN A 43 -2.01 -10.93 -11.72
C ASN A 43 -1.03 -9.77 -11.70
N GLU A 44 -1.19 -8.78 -10.79
CA GLU A 44 -0.38 -7.57 -10.63
C GLU A 44 0.98 -7.80 -9.93
N SER A 45 2.06 -6.98 -10.19
CA SER A 45 3.44 -7.33 -9.73
C SER A 45 4.04 -6.46 -8.61
N ILE A 46 4.63 -7.05 -7.50
CA ILE A 46 5.16 -6.33 -6.34
C ILE A 46 6.68 -6.59 -6.07
N PRO A 47 7.58 -5.65 -6.46
CA PRO A 47 9.02 -5.60 -6.14
C PRO A 47 9.30 -5.09 -4.71
N SER A 48 10.61 -5.04 -4.32
CA SER A 48 11.17 -4.72 -2.99
C SER A 48 10.81 -3.37 -2.36
N GLY A 49 10.98 -2.23 -3.09
CA GLY A 49 10.59 -0.88 -2.58
C GLY A 49 9.08 -0.67 -2.47
N VAL A 50 8.38 -1.24 -3.48
CA VAL A 50 6.93 -1.27 -3.66
C VAL A 50 6.18 -2.11 -2.59
N LEU A 51 6.83 -3.21 -2.09
CA LEU A 51 6.42 -4.11 -0.98
C LEU A 51 6.51 -3.45 0.40
N ILE A 52 7.64 -2.71 0.69
CA ILE A 52 7.82 -1.90 1.94
C ILE A 52 6.85 -0.74 2.04
N PHE A 53 6.39 -0.24 0.85
CA PHE A 53 5.29 0.70 0.69
C PHE A 53 3.94 0.09 1.08
N VAL A 54 3.47 -1.05 0.45
CA VAL A 54 2.16 -1.71 0.71
C VAL A 54 1.87 -1.98 2.19
N ALA A 55 2.76 -2.74 2.86
CA ALA A 55 2.80 -2.93 4.30
C ALA A 55 2.86 -1.66 5.18
N LYS A 56 3.83 -0.70 5.01
CA LYS A 56 3.99 0.44 5.92
C LYS A 56 2.95 1.55 5.76
N ALA A 57 2.54 1.86 4.48
CA ALA A 57 1.52 2.81 4.03
C ALA A 57 0.14 2.51 4.52
N ALA A 58 -0.21 1.21 4.35
CA ALA A 58 -1.46 0.63 4.78
C ALA A 58 -1.50 0.38 6.27
N GLN A 59 -0.34 0.06 6.94
CA GLN A 59 -0.24 0.03 8.41
C GLN A 59 -0.46 1.42 9.03
N PHE A 60 0.16 2.53 8.51
CA PHE A 60 -0.10 3.90 8.97
C PHE A 60 -1.52 4.43 8.64
N TYR A 61 -2.12 4.22 7.42
CA TYR A 61 -3.52 4.62 7.11
C TYR A 61 -4.62 3.83 7.77
N MET A 62 -4.50 2.48 7.79
CA MET A 62 -5.52 1.55 8.24
C MET A 62 -5.55 1.38 9.77
N THR A 63 -4.39 1.54 10.51
CA THR A 63 -4.26 1.44 11.98
C THR A 63 -5.08 2.44 12.81
N ASN A 64 -5.71 3.47 12.19
CA ASN A 64 -6.64 4.35 12.85
C ASN A 64 -8.06 4.10 12.37
N ALA A 65 -8.37 3.07 11.51
CA ALA A 65 -9.76 2.77 11.10
C ALA A 65 -10.37 1.55 11.78
N GLY A 66 -9.71 1.04 12.85
CA GLY A 66 -10.36 0.21 13.86
C GLY A 66 -10.96 1.11 14.93
N LEU A 67 -10.58 2.42 14.90
CA LEU A 67 -11.03 3.47 15.81
C LEU A 67 -11.78 4.63 15.22
N THR A 68 -11.22 5.36 14.23
CA THR A 68 -11.79 6.50 13.48
C THR A 68 -12.44 5.92 12.23
N GLY A 69 -13.08 4.75 12.43
CA GLY A 69 -13.46 3.80 11.42
C GLY A 69 -14.94 3.89 11.03
N ARG A 70 -15.39 3.04 10.08
CA ARG A 70 -16.79 2.95 9.71
C ARG A 70 -16.94 1.67 8.92
N SER A 71 -18.18 1.31 8.50
CA SER A 71 -18.56 0.12 7.75
C SER A 71 -18.11 0.13 6.29
N MET A 72 -16.78 -0.02 6.11
CA MET A 72 -15.96 -0.04 4.90
C MET A 72 -15.22 1.28 4.76
N ASP A 73 -15.96 2.32 4.32
CA ASP A 73 -15.51 3.64 3.88
C ASP A 73 -15.45 3.63 2.34
N THR A 74 -16.65 3.61 1.69
CA THR A 74 -16.93 3.67 0.24
C THR A 74 -16.66 2.37 -0.52
N VAL A 75 -15.47 1.75 -0.31
CA VAL A 75 -14.92 0.49 -0.84
C VAL A 75 -13.84 0.77 -1.87
N SER A 76 -14.04 1.81 -2.73
CA SER A 76 -13.04 2.35 -3.66
C SER A 76 -12.12 3.40 -2.98
N TYR A 77 -12.50 3.84 -1.74
CA TYR A 77 -11.82 4.76 -0.79
C TYR A 77 -11.41 6.13 -1.27
N ASN A 78 -10.11 6.21 -1.62
CA ASN A 78 -9.39 7.44 -1.80
C ASN A 78 -7.96 7.12 -2.20
N PHE A 79 -7.64 5.93 -2.77
CA PHE A 79 -6.25 5.46 -2.88
C PHE A 79 -5.29 6.24 -3.75
N ALA A 80 -5.83 7.01 -4.72
CA ALA A 80 -5.16 7.94 -5.59
C ALA A 80 -5.08 9.35 -4.96
N THR A 81 -5.78 9.55 -3.80
CA THR A 81 -5.93 10.82 -3.09
C THR A 81 -5.32 10.82 -1.70
N GLU A 82 -5.46 9.72 -0.91
CA GLU A 82 -4.90 9.59 0.44
C GLU A 82 -3.82 8.50 0.51
N ILE A 83 -3.68 7.86 1.71
CA ILE A 83 -2.66 6.92 2.21
C ILE A 83 -1.33 7.70 2.50
N PRO A 84 -0.71 7.71 3.72
CA PRO A 84 0.28 8.70 4.21
C PRO A 84 1.52 9.02 3.38
N SER A 85 1.82 10.35 3.29
CA SER A 85 2.85 11.04 2.54
C SER A 85 4.30 10.63 2.71
N THR A 86 4.69 10.07 3.90
CA THR A 86 6.06 9.62 4.18
C THR A 86 6.43 8.30 3.48
N ILE A 87 5.43 7.40 3.28
CA ILE A 87 5.49 6.14 2.52
C ILE A 87 5.57 6.34 0.98
N LEU A 88 5.06 7.50 0.45
CA LEU A 88 5.14 8.00 -0.94
C LEU A 88 6.56 8.03 -1.57
N LYS A 89 7.62 8.13 -0.73
CA LYS A 89 9.03 7.96 -1.09
C LYS A 89 9.39 6.47 -1.31
N LYS A 90 8.67 5.52 -0.62
CA LYS A 90 8.71 4.05 -0.74
C LYS A 90 8.00 3.55 -2.01
N LEU A 91 7.20 4.41 -2.70
CA LEU A 91 6.74 4.24 -4.13
C LEU A 91 7.88 4.18 -5.18
N ASN A 92 9.00 4.91 -4.90
CA ASN A 92 10.19 5.05 -5.74
C ASN A 92 11.47 4.18 -5.52
N PRO A 93 11.83 3.25 -4.59
CA PRO A 93 13.13 2.52 -4.57
C PRO A 93 13.27 1.43 -5.66
N TYR A 94 12.15 1.09 -6.35
CA TYR A 94 12.03 0.16 -7.45
C TYR A 94 12.02 0.98 -8.73
N ARG A 95 10.81 1.43 -9.10
CA ARG A 95 10.50 2.17 -10.35
C ARG A 95 10.47 1.31 -11.60
N LYS A 96 11.68 0.86 -11.96
CA LYS A 96 11.96 -0.06 -13.03
C LYS A 96 13.44 -0.39 -12.88
N MET A 97 13.93 -0.46 -11.61
CA MET A 97 15.35 -0.80 -11.30
C MET A 97 15.81 -2.24 -11.60
N ALA A 98 14.85 -3.19 -11.74
CA ALA A 98 15.04 -4.56 -12.13
C ALA A 98 14.23 -4.82 -13.39
N ARG A 99 14.91 -5.12 -14.53
CA ARG A 99 14.31 -5.37 -15.84
C ARG A 99 14.11 -6.85 -16.11
N GLN A 1 1.75 3.70 17.96
CA GLN A 1 2.71 3.75 19.03
C GLN A 1 2.47 2.60 19.98
N ARG A 2 1.83 1.53 19.46
CA ARG A 2 1.54 0.29 20.15
C ARG A 2 2.32 -0.79 19.43
N VAL A 3 3.17 -1.57 20.17
CA VAL A 3 4.05 -2.64 19.70
C VAL A 3 3.36 -3.84 19.05
N LYS A 4 2.13 -4.20 19.54
CA LYS A 4 1.19 -5.18 19.01
C LYS A 4 0.59 -4.78 17.67
N ARG A 5 0.45 -3.45 17.37
CA ARG A 5 -0.15 -2.87 16.16
C ARG A 5 0.50 -3.27 14.84
N LEU A 6 1.81 -3.63 14.87
CA LEU A 6 2.63 -4.08 13.76
C LEU A 6 2.28 -5.49 13.29
N LEU A 7 2.19 -6.46 14.23
CA LEU A 7 1.83 -7.86 14.06
C LEU A 7 0.33 -8.10 14.17
N SER A 8 -0.46 -7.14 14.75
CA SER A 8 -1.93 -7.12 14.84
C SER A 8 -2.55 -6.88 13.45
N ILE A 9 -1.72 -6.33 12.53
CA ILE A 9 -2.07 -6.09 11.11
C ILE A 9 -1.12 -6.75 10.14
N THR A 10 0.23 -6.55 10.22
CA THR A 10 1.20 -7.18 9.30
C THR A 10 1.84 -8.38 10.00
N ASN A 11 1.14 -9.53 9.90
CA ASN A 11 1.42 -10.86 10.45
C ASN A 11 0.07 -11.52 10.52
N ASP A 12 -0.91 -10.98 11.32
CA ASP A 12 -2.32 -11.43 11.35
C ASP A 12 -3.06 -11.24 10.00
N LYS A 13 -4.17 -11.99 9.73
CA LYS A 13 -4.93 -12.08 8.47
C LYS A 13 -5.25 -10.83 7.64
N HIS A 14 -5.35 -9.64 8.30
CA HIS A 14 -5.57 -8.29 7.83
C HIS A 14 -4.48 -7.81 6.87
N ASP A 15 -3.27 -8.45 6.92
CA ASP A 15 -2.10 -8.28 6.07
C ASP A 15 -2.40 -8.39 4.55
N GLU A 16 -3.36 -9.29 4.15
CA GLU A 16 -3.89 -9.40 2.77
C GLU A 16 -4.82 -8.25 2.38
N TYR A 17 -5.60 -7.70 3.36
CA TYR A 17 -6.46 -6.52 3.21
C TYR A 17 -5.64 -5.21 3.22
N LEU A 18 -4.60 -5.11 4.08
CA LEU A 18 -3.62 -4.00 4.15
C LEU A 18 -2.70 -3.95 2.96
N THR A 19 -2.03 -5.05 2.52
CA THR A 19 -1.23 -5.10 1.31
C THR A 19 -1.94 -4.77 0.00
N GLU A 20 -3.26 -5.10 -0.22
CA GLU A 20 -4.08 -4.70 -1.40
C GLU A 20 -4.38 -3.19 -1.60
N MET A 21 -4.53 -2.36 -0.51
CA MET A 21 -4.63 -0.88 -0.44
C MET A 21 -3.53 -0.18 -1.19
N VAL A 22 -2.32 -0.73 -0.96
CA VAL A 22 -1.10 -0.25 -1.58
C VAL A 22 -0.98 -0.55 -3.08
N PRO A 23 -1.11 -1.69 -3.83
CA PRO A 23 -1.30 -1.74 -5.29
C PRO A 23 -2.46 -0.93 -5.84
N LEU A 24 -3.53 -0.51 -5.06
CA LEU A 24 -4.42 0.59 -5.52
C LEU A 24 -3.62 1.93 -5.73
N LEU A 25 -2.63 2.20 -4.83
CA LEU A 25 -1.58 3.25 -4.96
C LEU A 25 -0.40 2.97 -5.93
N VAL A 26 0.36 1.85 -5.83
CA VAL A 26 1.50 1.39 -6.66
C VAL A 26 1.14 1.09 -8.11
N GLU A 27 -0.12 0.62 -8.36
CA GLU A 27 -0.70 0.46 -9.70
C GLU A 27 -1.16 1.82 -10.24
N PHE A 28 -1.93 2.71 -9.50
CA PHE A 28 -2.26 4.10 -9.96
C PHE A 28 -1.04 4.96 -10.35
N ALA A 29 -0.07 5.03 -9.39
CA ALA A 29 1.15 5.78 -9.40
C ALA A 29 2.18 5.28 -10.36
N LYS A 30 2.61 3.98 -10.26
CA LYS A 30 3.59 3.40 -11.19
C LYS A 30 3.15 2.99 -12.60
N ASP A 31 1.82 2.72 -12.86
CA ASP A 31 1.20 2.45 -14.21
C ASP A 31 1.47 3.53 -15.23
N GLU A 32 1.78 4.77 -14.72
CA GLU A 32 2.17 5.99 -15.43
C GLU A 32 3.43 5.81 -16.25
N CYS A 33 4.47 5.10 -15.70
CA CYS A 33 5.74 4.96 -16.38
C CYS A 33 5.94 3.58 -17.03
N HIS A 34 4.90 2.70 -16.91
CA HIS A 34 4.76 1.30 -17.32
C HIS A 34 5.79 0.29 -16.82
N ASN A 35 6.18 0.33 -15.50
CA ASN A 35 7.16 -0.57 -14.86
C ASN A 35 6.67 -2.04 -14.70
N PRO A 36 7.37 -3.12 -14.25
CA PRO A 36 6.86 -4.47 -14.28
C PRO A 36 6.25 -4.76 -12.91
N PHE A 37 5.31 -3.89 -12.46
CA PHE A 37 4.54 -3.95 -11.22
C PHE A 37 3.26 -4.77 -11.45
N ILE A 38 3.32 -5.54 -12.56
CA ILE A 38 2.34 -6.36 -13.20
C ILE A 38 2.77 -7.83 -13.05
N ASP A 39 1.81 -8.80 -13.09
CA ASP A 39 2.03 -10.24 -12.98
C ASP A 39 1.63 -10.91 -14.30
N LYS A 40 2.05 -12.18 -14.56
CA LYS A 40 1.77 -13.03 -15.74
C LYS A 40 0.29 -13.32 -16.10
N ASP A 41 -0.66 -12.99 -15.18
CA ASP A 41 -2.11 -13.13 -15.34
C ASP A 41 -2.73 -11.79 -15.75
N GLY A 42 -1.87 -10.73 -15.70
CA GLY A 42 -2.15 -9.32 -15.93
C GLY A 42 -2.70 -8.63 -14.73
N ASN A 43 -2.28 -9.14 -13.55
CA ASN A 43 -2.63 -8.69 -12.21
C ASN A 43 -1.49 -7.80 -11.71
N GLU A 44 -1.50 -7.39 -10.43
CA GLU A 44 -0.49 -6.55 -9.81
C GLU A 44 0.58 -7.39 -9.11
N SER A 45 1.80 -6.85 -8.97
CA SER A 45 2.92 -7.54 -8.32
C SER A 45 3.88 -6.48 -7.84
N ILE A 46 4.73 -6.75 -6.81
CA ILE A 46 5.66 -5.74 -6.29
C ILE A 46 7.02 -6.36 -5.94
N PRO A 47 8.19 -5.78 -6.33
CA PRO A 47 9.53 -6.15 -5.83
C PRO A 47 9.74 -5.70 -4.37
N SER A 48 10.83 -6.17 -3.70
CA SER A 48 11.18 -6.04 -2.29
C SER A 48 11.11 -4.67 -1.59
N GLY A 49 11.45 -3.55 -2.30
CA GLY A 49 11.34 -2.15 -1.77
C GLY A 49 9.92 -1.59 -1.73
N VAL A 50 9.12 -1.80 -2.81
CA VAL A 50 7.71 -1.39 -2.91
C VAL A 50 6.78 -2.30 -2.10
N LEU A 51 7.25 -3.56 -1.84
CA LEU A 51 6.67 -4.55 -0.92
C LEU A 51 6.80 -4.17 0.57
N ILE A 52 7.99 -3.62 1.03
CA ILE A 52 8.12 -3.05 2.41
C ILE A 52 7.29 -1.79 2.61
N PHE A 53 7.07 -1.04 1.48
CA PHE A 53 6.16 0.08 1.34
C PHE A 53 4.72 -0.41 1.52
N VAL A 54 4.21 -1.49 0.83
CA VAL A 54 2.83 -2.05 0.98
C VAL A 54 2.41 -2.34 2.43
N ALA A 55 3.23 -3.17 3.11
CA ALA A 55 3.22 -3.47 4.54
C ALA A 55 3.22 -2.26 5.50
N LYS A 56 4.22 -1.32 5.46
CA LYS A 56 4.30 -0.17 6.37
C LYS A 56 3.35 1.01 6.11
N ALA A 57 3.00 1.26 4.82
CA ALA A 57 2.11 2.29 4.29
C ALA A 57 0.68 2.14 4.74
N ALA A 58 0.17 0.91 4.49
CA ALA A 58 -1.14 0.49 4.86
C ALA A 58 -1.27 0.14 6.33
N GLN A 59 -0.26 -0.46 7.07
CA GLN A 59 -0.36 -0.63 8.55
C GLN A 59 -0.47 0.69 9.33
N PHE A 60 0.15 1.79 8.80
CA PHE A 60 0.06 3.14 9.34
C PHE A 60 -1.31 3.78 9.07
N TYR A 61 -1.81 3.76 7.80
CA TYR A 61 -3.10 4.32 7.35
C TYR A 61 -4.37 3.58 7.78
N MET A 62 -4.36 2.22 7.67
CA MET A 62 -5.44 1.24 7.82
C MET A 62 -6.11 1.21 9.18
N THR A 63 -5.36 1.56 10.26
CA THR A 63 -5.81 1.50 11.66
C THR A 63 -6.84 2.56 12.10
N ASN A 64 -6.77 3.82 11.58
CA ASN A 64 -7.61 4.98 11.86
C ASN A 64 -6.90 6.27 11.38
N ALA A 65 -6.59 6.40 10.06
CA ALA A 65 -6.04 7.63 9.47
C ALA A 65 -7.09 8.40 8.65
N GLY A 66 -8.40 8.24 9.00
CA GLY A 66 -9.51 8.94 8.37
C GLY A 66 -10.27 8.12 7.36
N LEU A 67 -10.15 6.76 7.45
CA LEU A 67 -10.80 5.77 6.58
C LEU A 67 -12.18 5.37 7.09
N THR A 68 -12.27 4.83 8.35
CA THR A 68 -13.48 4.42 9.12
C THR A 68 -14.00 5.63 9.89
N GLY A 69 -13.34 6.76 9.55
CA GLY A 69 -13.53 8.10 9.97
C GLY A 69 -14.28 8.94 8.96
N ARG A 70 -14.59 8.44 7.74
CA ARG A 70 -15.11 9.32 6.69
C ARG A 70 -15.68 8.55 5.51
N SER A 71 -14.99 7.44 5.11
CA SER A 71 -15.37 6.58 3.99
C SER A 71 -15.80 5.24 4.55
N MET A 72 -16.13 4.25 3.67
CA MET A 72 -16.67 2.95 4.08
C MET A 72 -15.68 1.78 3.97
N ASP A 73 -16.06 0.66 3.32
CA ASP A 73 -15.27 -0.58 3.14
C ASP A 73 -14.98 -0.81 1.65
N THR A 74 -13.97 -0.10 1.07
CA THR A 74 -13.51 -0.17 -0.34
C THR A 74 -14.40 0.58 -1.32
N VAL A 75 -14.62 1.91 -1.08
CA VAL A 75 -15.44 2.74 -1.96
C VAL A 75 -14.46 3.76 -2.49
N SER A 76 -13.47 3.26 -3.30
CA SER A 76 -12.30 3.94 -3.88
C SER A 76 -11.28 4.49 -2.87
N TYR A 77 -11.77 5.23 -1.84
CA TYR A 77 -11.07 5.83 -0.68
C TYR A 77 -10.26 7.06 -1.02
N ASN A 78 -8.98 6.77 -1.34
CA ASN A 78 -7.93 7.75 -1.42
C ASN A 78 -6.60 7.21 -1.95
N PHE A 79 -6.47 6.01 -2.56
CA PHE A 79 -5.13 5.44 -2.86
C PHE A 79 -4.36 6.10 -4.01
N ALA A 80 -5.08 7.03 -4.69
CA ALA A 80 -4.65 7.98 -5.68
C ALA A 80 -4.20 9.31 -5.07
N THR A 81 -4.53 9.60 -3.78
CA THR A 81 -4.24 10.90 -3.16
C THR A 81 -3.69 10.86 -1.73
N GLU A 82 -3.89 9.77 -0.92
CA GLU A 82 -3.39 9.67 0.45
C GLU A 82 -2.39 8.51 0.60
N ILE A 83 -2.39 7.84 1.79
CA ILE A 83 -1.47 6.83 2.38
C ILE A 83 -0.20 7.59 2.90
N PRO A 84 0.35 7.50 4.16
CA PRO A 84 1.16 8.54 4.84
C PRO A 84 2.39 9.11 4.14
N SER A 85 2.40 10.46 3.93
CA SER A 85 3.38 11.35 3.26
C SER A 85 4.85 10.93 3.10
N THR A 86 5.53 10.48 4.21
CA THR A 86 6.92 9.99 4.22
C THR A 86 7.13 8.67 3.45
N ILE A 87 6.14 7.72 3.50
CA ILE A 87 6.06 6.46 2.75
C ILE A 87 5.75 6.63 1.26
N LEU A 88 5.07 7.73 0.83
CA LEU A 88 4.79 8.12 -0.57
C LEU A 88 6.06 8.29 -1.46
N LYS A 89 7.20 8.64 -0.81
CA LYS A 89 8.56 8.70 -1.37
C LYS A 89 9.20 7.29 -1.44
N LYS A 90 8.64 6.34 -0.64
CA LYS A 90 8.91 4.90 -0.59
C LYS A 90 8.11 4.16 -1.67
N LEU A 91 7.09 4.82 -2.33
CA LEU A 91 6.50 4.39 -3.65
C LEU A 91 7.55 4.44 -4.78
N ASN A 92 8.55 5.36 -4.69
CA ASN A 92 9.58 5.73 -5.66
C ASN A 92 10.85 4.86 -5.88
N PRO A 93 11.43 3.96 -5.06
CA PRO A 93 12.68 3.20 -5.32
C PRO A 93 12.70 2.13 -6.44
N TYR A 94 11.56 1.79 -7.08
CA TYR A 94 11.26 0.77 -8.10
C TYR A 94 12.05 0.75 -9.44
N ARG A 95 11.38 0.42 -10.59
CA ARG A 95 11.98 0.49 -11.92
C ARG A 95 11.43 1.76 -12.56
N LYS A 96 12.14 2.36 -13.55
CA LYS A 96 11.78 3.54 -14.30
C LYS A 96 11.93 4.88 -13.59
N MET A 97 12.96 4.97 -12.69
CA MET A 97 13.39 6.16 -11.95
C MET A 97 14.20 7.13 -12.82
N ALA A 98 14.74 6.63 -13.96
CA ALA A 98 15.57 7.36 -14.90
C ALA A 98 14.84 7.86 -16.14
N ARG A 99 13.85 7.08 -16.68
CA ARG A 99 13.14 7.42 -17.92
C ARG A 99 11.70 7.80 -17.65
N GLN A 1 1.67 2.83 20.57
CA GLN A 1 2.46 2.61 21.75
C GLN A 1 2.08 1.28 22.37
N ARG A 2 1.34 0.44 21.59
CA ARG A 2 0.88 -0.89 21.98
C ARG A 2 1.69 -1.87 21.15
N VAL A 3 2.52 -2.74 21.81
CA VAL A 3 3.47 -3.74 21.25
C VAL A 3 2.85 -4.76 20.28
N LYS A 4 1.58 -5.16 20.56
CA LYS A 4 0.69 -5.99 19.75
C LYS A 4 0.23 -5.29 18.48
N ARG A 5 0.15 -3.93 18.43
CA ARG A 5 -0.30 -3.12 17.30
C ARG A 5 0.41 -3.29 15.96
N LEU A 6 1.70 -3.75 15.97
CA LEU A 6 2.52 -4.08 14.82
C LEU A 6 2.17 -5.43 14.18
N LEU A 7 2.09 -6.48 15.03
CA LEU A 7 1.83 -7.88 14.71
C LEU A 7 0.35 -8.27 14.67
N SER A 8 -0.57 -7.46 15.26
CA SER A 8 -2.04 -7.63 15.22
C SER A 8 -2.67 -7.29 13.86
N ILE A 9 -1.81 -6.85 12.92
CA ILE A 9 -2.07 -6.54 11.51
C ILE A 9 -1.10 -7.29 10.62
N THR A 10 0.16 -6.78 10.57
CA THR A 10 1.34 -7.25 9.84
C THR A 10 2.04 -8.34 10.63
N ASN A 11 1.41 -9.53 10.56
CA ASN A 11 1.81 -10.82 11.15
C ASN A 11 0.51 -11.59 11.19
N ASP A 12 -0.58 -11.06 11.88
CA ASP A 12 -1.95 -11.58 11.83
C ASP A 12 -2.64 -11.58 10.42
N LYS A 13 -3.98 -11.45 10.28
CA LYS A 13 -4.70 -11.70 9.03
C LYS A 13 -4.83 -10.54 8.05
N HIS A 14 -4.67 -9.32 8.55
CA HIS A 14 -4.86 -8.05 7.88
C HIS A 14 -3.73 -7.65 6.96
N ASP A 15 -2.57 -8.39 7.04
CA ASP A 15 -1.32 -8.31 6.27
C ASP A 15 -1.51 -8.26 4.75
N GLU A 16 -2.42 -9.14 4.25
CA GLU A 16 -2.94 -9.20 2.89
C GLU A 16 -3.94 -8.08 2.55
N TYR A 17 -4.84 -7.70 3.52
CA TYR A 17 -5.84 -6.62 3.33
C TYR A 17 -5.24 -5.21 3.32
N LEU A 18 -4.23 -4.88 4.18
CA LEU A 18 -3.51 -3.59 4.12
C LEU A 18 -2.60 -3.50 2.92
N THR A 19 -1.80 -4.55 2.61
CA THR A 19 -1.05 -4.76 1.36
C THR A 19 -1.84 -4.64 0.06
N GLU A 20 -3.15 -5.02 -0.06
CA GLU A 20 -3.99 -4.80 -1.27
C GLU A 20 -4.31 -3.32 -1.65
N MET A 21 -4.63 -2.41 -0.66
CA MET A 21 -4.88 -0.93 -0.75
C MET A 21 -3.85 -0.22 -1.63
N VAL A 22 -2.60 -0.55 -1.25
CA VAL A 22 -1.38 -0.02 -1.86
C VAL A 22 -1.18 -0.46 -3.31
N PRO A 23 -1.03 -1.68 -3.92
CA PRO A 23 -1.05 -1.97 -5.36
C PRO A 23 -2.25 -1.46 -6.13
N LEU A 24 -3.40 -1.06 -5.51
CA LEU A 24 -4.34 -0.19 -6.27
C LEU A 24 -3.74 1.24 -6.56
N LEU A 25 -3.05 1.83 -5.54
CA LEU A 25 -2.18 3.03 -5.69
C LEU A 25 -0.84 2.80 -6.46
N VAL A 26 0.00 1.77 -6.14
CA VAL A 26 1.24 1.35 -6.80
C VAL A 26 0.97 0.95 -8.24
N GLU A 27 -0.24 0.42 -8.59
CA GLU A 27 -0.61 0.15 -9.99
C GLU A 27 -0.83 1.47 -10.77
N PHE A 28 -1.63 2.43 -10.19
CA PHE A 28 -1.88 3.81 -10.72
C PHE A 28 -0.60 4.69 -10.90
N ALA A 29 0.16 4.83 -9.80
CA ALA A 29 1.40 5.56 -9.59
C ALA A 29 2.63 4.98 -10.27
N LYS A 30 2.80 3.63 -10.22
CA LYS A 30 3.93 2.92 -10.83
C LYS A 30 3.88 2.77 -12.34
N ASP A 31 2.65 2.80 -12.99
CA ASP A 31 2.43 2.69 -14.47
C ASP A 31 3.19 3.72 -15.31
N GLU A 32 3.52 4.84 -14.64
CA GLU A 32 4.31 6.00 -14.92
C GLU A 32 5.78 5.78 -15.30
N CYS A 33 6.39 4.63 -14.88
CA CYS A 33 7.83 4.44 -14.90
C CYS A 33 8.42 3.37 -15.82
N HIS A 34 7.70 2.94 -16.89
CA HIS A 34 8.13 1.97 -17.92
C HIS A 34 7.48 0.61 -17.80
N ASN A 35 7.37 0.08 -16.55
CA ASN A 35 6.89 -1.27 -16.23
C ASN A 35 5.37 -1.36 -16.14
N PRO A 36 4.69 -2.39 -16.67
CA PRO A 36 3.24 -2.55 -16.58
C PRO A 36 2.80 -3.30 -15.32
N PHE A 37 3.73 -3.98 -14.55
CA PHE A 37 3.64 -4.80 -13.30
C PHE A 37 2.43 -5.75 -13.05
N ILE A 38 1.38 -5.72 -13.91
CA ILE A 38 0.15 -6.53 -13.93
C ILE A 38 0.44 -7.86 -14.66
N ASP A 39 -0.29 -8.96 -14.32
CA ASP A 39 -0.05 -10.31 -14.83
C ASP A 39 -1.21 -10.80 -15.68
N LYS A 40 -1.02 -11.92 -16.43
CA LYS A 40 -1.96 -12.63 -17.32
C LYS A 40 -3.42 -12.89 -16.91
N ASP A 41 -3.79 -12.87 -15.60
CA ASP A 41 -5.15 -13.08 -15.10
C ASP A 41 -5.76 -11.72 -14.72
N GLY A 42 -4.91 -10.67 -14.79
CA GLY A 42 -5.09 -9.27 -14.42
C GLY A 42 -4.85 -9.02 -12.96
N ASN A 43 -3.90 -9.79 -12.40
CA ASN A 43 -3.49 -9.73 -11.01
C ASN A 43 -2.29 -8.80 -10.88
N GLU A 44 -2.08 -8.31 -9.65
CA GLU A 44 -1.09 -7.36 -9.21
C GLU A 44 0.15 -8.06 -8.71
N SER A 45 1.31 -7.36 -8.82
CA SER A 45 2.61 -7.92 -8.48
C SER A 45 3.56 -6.76 -8.22
N ILE A 46 4.41 -6.80 -7.15
CA ILE A 46 5.33 -5.72 -6.78
C ILE A 46 6.65 -6.35 -6.28
N PRO A 47 7.87 -5.84 -6.60
CA PRO A 47 9.14 -6.22 -5.97
C PRO A 47 9.33 -5.58 -4.57
N SER A 48 10.49 -5.89 -3.92
CA SER A 48 10.92 -5.54 -2.57
C SER A 48 10.83 -4.10 -2.08
N GLY A 49 11.19 -3.08 -2.93
CA GLY A 49 11.13 -1.63 -2.59
C GLY A 49 9.73 -1.04 -2.52
N VAL A 50 8.89 -1.29 -3.57
CA VAL A 50 7.48 -0.86 -3.62
C VAL A 50 6.60 -1.59 -2.58
N LEU A 51 7.03 -2.82 -2.17
CA LEU A 51 6.50 -3.65 -1.07
C LEU A 51 6.78 -3.10 0.34
N ILE A 52 8.00 -2.51 0.63
CA ILE A 52 8.29 -1.81 1.92
C ILE A 52 7.45 -0.53 2.09
N PHE A 53 7.12 0.12 0.92
CA PHE A 53 6.10 1.16 0.82
C PHE A 53 4.70 0.60 1.14
N VAL A 54 4.23 -0.42 0.38
CA VAL A 54 2.92 -1.10 0.44
C VAL A 54 2.49 -1.60 1.84
N ALA A 55 3.27 -2.54 2.44
CA ALA A 55 3.14 -3.01 3.81
C ALA A 55 3.30 -1.96 4.91
N LYS A 56 4.36 -1.06 4.90
CA LYS A 56 4.50 -0.08 5.99
C LYS A 56 3.54 1.11 5.95
N ALA A 57 3.12 1.56 4.73
CA ALA A 57 2.11 2.59 4.46
C ALA A 57 0.74 2.26 4.99
N ALA A 58 0.35 1.00 4.71
CA ALA A 58 -0.89 0.39 5.05
C ALA A 58 -0.97 -0.09 6.51
N GLN A 59 0.17 -0.53 7.15
CA GLN A 59 0.24 -0.82 8.61
C GLN A 59 0.19 0.45 9.45
N PHE A 60 0.58 1.59 8.82
CA PHE A 60 0.40 2.95 9.34
C PHE A 60 -1.08 3.41 9.26
N TYR A 61 -1.68 3.40 8.03
CA TYR A 61 -3.04 3.82 7.72
C TYR A 61 -4.24 2.97 8.14
N MET A 62 -4.27 1.64 7.84
CA MET A 62 -5.38 0.68 8.04
C MET A 62 -5.86 0.57 9.48
N THR A 63 -4.89 0.83 10.40
CA THR A 63 -4.90 1.05 11.84
C THR A 63 -5.84 2.16 12.32
N ASN A 64 -6.19 3.15 11.43
CA ASN A 64 -7.19 4.17 11.67
C ASN A 64 -8.49 3.87 10.92
N ALA A 65 -8.69 2.69 10.26
CA ALA A 65 -9.93 2.37 9.54
C ALA A 65 -10.89 1.44 10.26
N GLY A 66 -10.75 1.42 11.62
CA GLY A 66 -11.86 1.09 12.51
C GLY A 66 -12.63 2.35 12.86
N LEU A 67 -12.05 3.55 12.56
CA LEU A 67 -12.60 4.86 12.84
C LEU A 67 -12.92 5.78 11.68
N THR A 68 -11.95 6.06 10.75
CA THR A 68 -12.15 6.90 9.55
C THR A 68 -12.28 5.92 8.39
N GLY A 69 -12.96 4.81 8.70
CA GLY A 69 -13.17 3.60 7.95
C GLY A 69 -14.33 3.65 6.96
N ARG A 70 -14.60 2.53 6.24
CA ARG A 70 -15.66 2.43 5.26
C ARG A 70 -16.03 0.96 5.21
N SER A 71 -17.27 0.62 4.73
CA SER A 71 -17.77 -0.75 4.58
C SER A 71 -17.46 -1.28 3.18
N MET A 72 -16.15 -1.25 2.82
CA MET A 72 -15.53 -1.54 1.53
C MET A 72 -15.78 -0.46 0.46
N ASP A 73 -16.99 0.13 0.43
CA ASP A 73 -17.52 1.18 -0.45
C ASP A 73 -17.96 0.54 -1.76
N THR A 74 -17.02 0.49 -2.73
CA THR A 74 -17.16 -0.23 -3.98
C THR A 74 -16.02 -1.23 -4.07
N VAL A 75 -15.21 -1.37 -2.99
CA VAL A 75 -14.05 -2.27 -2.79
C VAL A 75 -12.73 -1.61 -3.16
N SER A 76 -12.77 -0.74 -4.20
CA SER A 76 -11.70 0.14 -4.66
C SER A 76 -12.04 1.52 -4.13
N TYR A 77 -11.66 1.87 -2.87
CA TYR A 77 -12.12 3.07 -2.17
C TYR A 77 -11.55 4.44 -2.58
N ASN A 78 -10.22 4.70 -2.37
CA ASN A 78 -9.66 6.05 -2.56
C ASN A 78 -8.14 6.09 -2.47
N PHE A 79 -7.36 5.36 -3.29
CA PHE A 79 -5.92 5.13 -3.08
C PHE A 79 -4.89 6.26 -3.05
N ALA A 80 -5.29 7.49 -3.46
CA ALA A 80 -4.56 8.73 -3.32
C ALA A 80 -4.61 9.33 -1.89
N THR A 81 -5.60 8.94 -1.04
CA THR A 81 -5.81 9.49 0.32
C THR A 81 -5.93 8.38 1.36
N GLU A 82 -5.46 7.16 1.01
CA GLU A 82 -5.61 5.95 1.82
C GLU A 82 -4.35 5.49 2.55
N ILE A 83 -3.25 6.22 2.36
CA ILE A 83 -1.97 5.94 3.00
C ILE A 83 -1.33 7.27 3.42
N PRO A 84 -0.32 7.34 4.33
CA PRO A 84 0.36 8.58 4.73
C PRO A 84 1.34 9.17 3.68
N SER A 85 1.52 10.53 3.75
CA SER A 85 2.39 11.40 2.93
C SER A 85 3.88 11.11 3.00
N THR A 86 4.32 10.49 4.12
CA THR A 86 5.67 10.05 4.47
C THR A 86 6.17 8.87 3.64
N ILE A 87 5.45 7.70 3.64
CA ILE A 87 5.81 6.48 2.89
C ILE A 87 5.62 6.64 1.36
N LEU A 88 4.68 7.53 0.93
CA LEU A 88 4.35 8.00 -0.43
C LEU A 88 5.55 8.53 -1.25
N LYS A 89 6.58 9.03 -0.51
CA LYS A 89 7.90 9.43 -0.98
C LYS A 89 8.80 8.21 -1.30
N LYS A 90 8.53 7.04 -0.64
CA LYS A 90 9.12 5.70 -0.80
C LYS A 90 8.47 4.91 -1.95
N LEU A 91 7.28 5.33 -2.50
CA LEU A 91 6.64 4.80 -3.77
C LEU A 91 7.56 4.90 -5.01
N ASN A 92 8.27 6.05 -5.15
CA ASN A 92 9.17 6.40 -6.24
C ASN A 92 10.58 5.77 -6.25
N PRO A 93 11.40 5.64 -5.15
CA PRO A 93 12.72 4.99 -5.05
C PRO A 93 12.90 3.58 -5.60
N TYR A 94 11.82 2.86 -6.03
CA TYR A 94 11.86 1.64 -6.83
C TYR A 94 12.03 2.14 -8.27
N ARG A 95 10.91 2.45 -8.98
CA ARG A 95 10.88 3.04 -10.33
C ARG A 95 11.12 2.00 -11.40
N LYS A 96 12.27 1.32 -11.22
CA LYS A 96 12.84 0.17 -11.90
C LYS A 96 14.21 0.53 -12.41
N MET A 97 14.35 1.81 -12.84
CA MET A 97 15.52 2.58 -13.30
C MET A 97 16.55 2.03 -14.28
N ALA A 98 17.00 0.75 -14.08
CA ALA A 98 18.06 0.02 -14.78
C ALA A 98 19.45 0.32 -14.19
N ARG A 99 19.48 1.08 -13.06
CA ARG A 99 20.68 1.54 -12.36
C ARG A 99 20.80 0.88 -10.99
N GLN A 1 1.21 1.38 22.33
CA GLN A 1 0.08 1.16 21.47
C GLN A 1 0.58 0.56 20.17
N ARG A 2 1.89 0.82 19.85
CA ARG A 2 2.57 0.45 18.62
C ARG A 2 3.18 -0.95 18.58
N VAL A 3 3.27 -1.67 19.74
CA VAL A 3 3.82 -3.02 19.89
C VAL A 3 2.92 -4.10 19.25
N LYS A 4 1.57 -3.97 19.43
CA LYS A 4 0.52 -4.78 18.84
C LYS A 4 0.34 -4.61 17.33
N ARG A 5 0.65 -3.42 16.74
CA ARG A 5 0.49 -3.06 15.32
C ARG A 5 1.17 -3.95 14.30
N LEU A 6 2.26 -4.64 14.71
CA LEU A 6 2.99 -5.63 13.93
C LEU A 6 2.30 -6.98 13.89
N LEU A 7 1.91 -7.54 15.06
CA LEU A 7 1.25 -8.83 15.22
C LEU A 7 -0.26 -8.79 15.04
N SER A 8 -0.87 -7.57 15.13
CA SER A 8 -2.27 -7.26 14.81
C SER A 8 -2.47 -7.18 13.29
N ILE A 9 -1.36 -7.23 12.51
CA ILE A 9 -1.38 -7.23 11.04
C ILE A 9 -0.64 -8.39 10.41
N THR A 10 0.70 -8.53 10.62
CA THR A 10 1.59 -9.50 9.97
C THR A 10 1.83 -10.62 10.96
N ASN A 11 0.71 -11.31 11.23
CA ASN A 11 0.53 -12.47 12.14
C ASN A 11 -0.95 -12.79 12.09
N ASP A 12 -1.84 -11.81 12.48
CA ASP A 12 -3.30 -11.87 12.28
C ASP A 12 -3.71 -11.74 10.77
N LYS A 13 -4.96 -11.36 10.45
CA LYS A 13 -5.52 -11.40 9.09
C LYS A 13 -5.26 -10.18 8.19
N HIS A 14 -4.98 -9.02 8.85
CA HIS A 14 -4.76 -7.68 8.32
C HIS A 14 -3.59 -7.50 7.36
N ASP A 15 -2.66 -8.48 7.18
CA ASP A 15 -1.56 -8.47 6.20
C ASP A 15 -2.04 -8.43 4.75
N GLU A 16 -3.18 -9.12 4.50
CA GLU A 16 -3.93 -9.19 3.24
C GLU A 16 -4.71 -7.92 2.93
N TYR A 17 -5.46 -7.42 3.95
CA TYR A 17 -6.27 -6.18 3.90
C TYR A 17 -5.39 -4.93 3.80
N LEU A 18 -4.21 -4.87 4.52
CA LEU A 18 -3.24 -3.78 4.34
C LEU A 18 -2.46 -3.83 3.05
N THR A 19 -1.80 -4.96 2.68
CA THR A 19 -1.13 -5.16 1.40
C THR A 19 -1.94 -5.02 0.09
N GLU A 20 -3.26 -5.37 -0.08
CA GLU A 20 -4.05 -5.12 -1.32
C GLU A 20 -4.41 -3.64 -1.69
N MET A 21 -4.63 -2.75 -0.67
CA MET A 21 -4.88 -1.29 -0.76
C MET A 21 -3.73 -0.55 -1.37
N VAL A 22 -2.52 -1.06 -1.09
CA VAL A 22 -1.29 -0.54 -1.62
C VAL A 22 -1.03 -0.94 -3.09
N PRO A 23 -1.08 -2.08 -3.85
CA PRO A 23 -1.20 -2.10 -5.32
C PRO A 23 -2.38 -1.31 -5.89
N LEU A 24 -3.46 -0.92 -5.14
CA LEU A 24 -4.29 0.20 -5.66
C LEU A 24 -3.50 1.57 -5.81
N LEU A 25 -2.60 1.87 -4.83
CA LEU A 25 -1.61 2.98 -4.87
C LEU A 25 -0.36 2.75 -5.77
N VAL A 26 0.37 1.61 -5.70
CA VAL A 26 1.53 1.14 -6.48
C VAL A 26 1.18 0.87 -7.92
N GLU A 27 -0.05 0.40 -8.25
CA GLU A 27 -0.50 0.23 -9.63
C GLU A 27 -0.84 1.60 -10.22
N PHE A 28 -1.59 2.51 -9.49
CA PHE A 28 -1.80 3.91 -9.94
C PHE A 28 -0.51 4.76 -10.17
N ALA A 29 0.36 4.82 -9.13
CA ALA A 29 1.63 5.52 -8.98
C ALA A 29 2.80 4.97 -9.76
N LYS A 30 2.98 3.62 -9.82
CA LYS A 30 4.02 2.96 -10.61
C LYS A 30 3.80 2.86 -12.11
N ASP A 31 2.51 2.90 -12.59
CA ASP A 31 2.02 2.97 -14.00
C ASP A 31 2.60 4.15 -14.80
N GLU A 32 3.04 5.18 -14.04
CA GLU A 32 3.77 6.37 -14.38
C GLU A 32 5.20 6.12 -14.85
N CYS A 33 5.83 5.03 -14.34
CA CYS A 33 7.25 4.79 -14.52
C CYS A 33 7.57 3.63 -15.45
N HIS A 34 6.56 2.97 -16.06
CA HIS A 34 6.62 1.78 -16.91
C HIS A 34 7.14 0.49 -16.27
N ASN A 35 6.47 0.00 -15.21
CA ASN A 35 6.89 -1.23 -14.55
C ASN A 35 5.96 -2.44 -14.81
N PRO A 36 6.47 -3.70 -14.73
CA PRO A 36 5.69 -4.92 -14.85
C PRO A 36 5.09 -5.28 -13.47
N PHE A 37 4.27 -4.41 -12.85
CA PHE A 37 3.57 -4.63 -11.57
C PHE A 37 2.22 -5.37 -11.79
N ILE A 38 2.18 -6.14 -12.90
CA ILE A 38 1.09 -6.90 -13.47
C ILE A 38 1.70 -8.28 -13.74
N ASP A 39 0.89 -9.37 -13.60
CA ASP A 39 1.28 -10.77 -13.85
C ASP A 39 0.65 -11.22 -15.15
N LYS A 40 1.05 -12.42 -15.69
CA LYS A 40 0.57 -13.05 -16.92
C LYS A 40 -0.93 -13.46 -16.99
N ASP A 41 -1.68 -13.24 -15.88
CA ASP A 41 -3.12 -13.45 -15.72
C ASP A 41 -3.82 -12.09 -15.76
N GLY A 42 -3.03 -10.99 -15.79
CA GLY A 42 -3.40 -9.58 -15.75
C GLY A 42 -3.83 -9.07 -14.41
N ASN A 43 -3.32 -9.74 -13.37
CA ASN A 43 -3.53 -9.50 -11.96
C ASN A 43 -2.30 -8.78 -11.46
N GLU A 44 -2.37 -8.12 -10.28
CA GLU A 44 -1.31 -7.33 -9.65
C GLU A 44 -0.09 -8.08 -9.12
N SER A 45 1.11 -7.45 -9.17
CA SER A 45 2.38 -8.03 -8.72
C SER A 45 3.23 -6.89 -8.20
N ILE A 46 4.07 -7.08 -7.14
CA ILE A 46 4.93 -6.04 -6.58
C ILE A 46 6.30 -6.64 -6.15
N PRO A 47 7.50 -6.07 -6.46
CA PRO A 47 8.81 -6.49 -5.95
C PRO A 47 9.07 -5.97 -4.52
N SER A 48 10.07 -6.53 -3.80
CA SER A 48 10.45 -6.31 -2.39
C SER A 48 10.63 -4.89 -1.82
N GLY A 49 11.15 -3.90 -2.61
CA GLY A 49 11.33 -2.48 -2.22
C GLY A 49 10.04 -1.69 -2.22
N VAL A 50 9.24 -1.81 -3.32
CA VAL A 50 7.90 -1.19 -3.45
C VAL A 50 6.89 -1.86 -2.47
N LEU A 51 7.20 -3.14 -2.08
CA LEU A 51 6.57 -3.97 -1.04
C LEU A 51 6.84 -3.46 0.38
N ILE A 52 8.06 -2.89 0.72
CA ILE A 52 8.29 -2.19 2.03
C ILE A 52 7.44 -0.94 2.15
N PHE A 53 7.27 -0.21 0.98
CA PHE A 53 6.28 0.86 0.77
C PHE A 53 4.81 0.37 0.99
N VAL A 54 4.36 -0.76 0.37
CA VAL A 54 3.04 -1.43 0.49
C VAL A 54 2.66 -1.79 1.94
N ALA A 55 3.47 -2.67 2.59
CA ALA A 55 3.47 -2.99 4.01
C ALA A 55 3.53 -1.78 4.98
N LYS A 56 4.45 -0.77 4.84
CA LYS A 56 4.49 0.40 5.71
C LYS A 56 3.43 1.49 5.52
N ALA A 57 2.94 1.69 4.26
CA ALA A 57 1.85 2.58 3.83
C ALA A 57 0.53 2.28 4.49
N ALA A 58 0.07 1.01 4.33
CA ALA A 58 -1.17 0.54 4.88
C ALA A 58 -1.08 0.20 6.36
N GLN A 59 0.10 -0.22 6.93
CA GLN A 59 0.24 -0.36 8.39
C GLN A 59 0.16 0.95 9.16
N PHE A 60 0.45 2.09 8.49
CA PHE A 60 0.19 3.44 8.98
C PHE A 60 -1.32 3.83 8.95
N TYR A 61 -1.94 3.71 7.74
CA TYR A 61 -3.32 4.06 7.35
C TYR A 61 -4.48 3.19 7.86
N MET A 62 -4.38 1.84 7.63
CA MET A 62 -5.37 0.78 7.84
C MET A 62 -5.96 0.69 9.24
N THR A 63 -5.13 1.15 10.22
CA THR A 63 -5.24 1.24 11.68
C THR A 63 -6.55 1.86 12.16
N ASN A 64 -7.02 2.95 11.49
CA ASN A 64 -8.35 3.47 11.66
C ASN A 64 -8.85 3.94 10.30
N ALA A 65 -8.85 3.00 9.31
CA ALA A 65 -9.36 3.21 7.96
C ALA A 65 -10.76 2.66 7.78
N GLY A 66 -11.11 1.60 8.55
CA GLY A 66 -12.29 0.84 8.26
C GLY A 66 -12.13 -0.51 8.86
N LEU A 67 -12.01 -0.52 10.19
CA LEU A 67 -12.06 -1.72 11.01
C LEU A 67 -13.27 -1.53 11.90
N THR A 68 -13.08 -0.61 12.87
CA THR A 68 -14.01 -0.13 13.89
C THR A 68 -14.06 1.39 13.91
N GLY A 69 -13.99 2.01 12.70
CA GLY A 69 -14.08 3.46 12.48
C GLY A 69 -15.48 3.98 12.28
N ARG A 70 -16.17 3.46 11.23
CA ARG A 70 -17.53 3.79 10.80
C ARG A 70 -17.59 3.40 9.35
N SER A 71 -16.46 3.70 8.64
CA SER A 71 -16.18 3.40 7.24
C SER A 71 -15.82 1.93 7.01
N MET A 72 -15.87 1.47 5.74
CA MET A 72 -15.66 0.11 5.30
C MET A 72 -14.24 -0.11 4.75
N ASP A 73 -14.07 -1.21 3.96
CA ASP A 73 -12.92 -1.59 3.15
C ASP A 73 -13.08 -0.96 1.76
N THR A 74 -11.96 -0.70 1.01
CA THR A 74 -11.76 -0.11 -0.33
C THR A 74 -12.96 -0.11 -1.29
N VAL A 75 -13.78 0.98 -1.29
CA VAL A 75 -15.11 0.89 -1.94
C VAL A 75 -15.36 2.29 -2.42
N SER A 76 -15.61 3.21 -1.47
CA SER A 76 -15.75 4.64 -1.72
C SER A 76 -14.45 5.31 -1.32
N TYR A 77 -13.27 4.67 -1.58
CA TYR A 77 -12.01 5.30 -1.31
C TYR A 77 -10.85 4.69 -2.04
N ASN A 78 -9.93 5.56 -2.50
CA ASN A 78 -8.68 5.20 -3.14
C ASN A 78 -7.53 5.84 -2.42
N PHE A 79 -6.44 5.04 -2.31
CA PHE A 79 -5.12 5.32 -1.76
C PHE A 79 -4.31 6.21 -2.68
N ALA A 80 -4.80 6.35 -3.94
CA ALA A 80 -4.43 7.16 -5.07
C ALA A 80 -4.71 8.65 -4.87
N THR A 81 -5.44 9.00 -3.79
CA THR A 81 -5.78 10.38 -3.44
C THR A 81 -5.57 10.63 -1.94
N GLU A 82 -4.76 9.81 -1.21
CA GLU A 82 -4.54 9.98 0.24
C GLU A 82 -3.38 9.12 0.80
N ILE A 83 -3.57 8.64 2.06
CA ILE A 83 -2.74 7.87 3.01
C ILE A 83 -1.63 8.71 3.72
N PRO A 84 -0.55 8.30 4.48
CA PRO A 84 0.48 9.24 4.95
C PRO A 84 1.37 9.76 3.82
N SER A 85 1.44 11.11 3.63
CA SER A 85 2.18 11.85 2.60
C SER A 85 3.69 11.67 2.61
N THR A 86 4.24 11.23 3.79
CA THR A 86 5.66 10.94 4.04
C THR A 86 6.15 9.65 3.37
N ILE A 87 5.36 8.53 3.38
CA ILE A 87 5.59 7.23 2.73
C ILE A 87 5.48 7.35 1.19
N LEU A 88 4.66 8.31 0.67
CA LEU A 88 4.47 8.64 -0.76
C LEU A 88 5.73 8.99 -1.59
N LYS A 89 6.79 9.52 -0.91
CA LYS A 89 8.12 9.72 -1.49
C LYS A 89 8.89 8.39 -1.54
N LYS A 90 8.58 7.49 -0.55
CA LYS A 90 9.02 6.11 -0.34
C LYS A 90 8.39 5.11 -1.35
N LEU A 91 7.31 5.53 -2.10
CA LEU A 91 6.70 4.85 -3.29
C LEU A 91 7.71 4.60 -4.41
N ASN A 92 8.70 5.51 -4.46
CA ASN A 92 9.76 5.63 -5.45
C ASN A 92 11.05 4.82 -5.23
N PRO A 93 11.76 4.62 -4.10
CA PRO A 93 13.01 3.83 -3.95
C PRO A 93 13.10 2.40 -4.52
N TYR A 94 12.02 1.73 -5.05
CA TYR A 94 12.02 0.42 -5.72
C TYR A 94 12.99 0.31 -6.93
N ARG A 95 12.63 1.04 -8.00
CA ARG A 95 13.28 1.20 -9.29
C ARG A 95 12.74 2.50 -9.90
N LYS A 96 12.65 2.50 -11.25
CA LYS A 96 12.21 3.37 -12.35
C LYS A 96 11.67 4.80 -12.23
N MET A 97 11.63 5.33 -10.98
CA MET A 97 11.21 6.59 -10.33
C MET A 97 11.03 7.93 -11.07
N ALA A 98 10.90 7.93 -12.41
CA ALA A 98 10.74 9.10 -13.26
C ALA A 98 9.32 9.69 -13.30
N ARG A 99 8.88 10.26 -12.15
CA ARG A 99 7.58 10.92 -11.96
C ARG A 99 7.72 12.44 -12.08
N GLN A 1 2.14 -1.25 23.65
CA GLN A 1 1.03 -1.47 22.76
C GLN A 1 1.48 -1.28 21.33
N ARG A 2 2.79 -0.94 21.15
CA ARG A 2 3.47 -0.69 19.88
C ARG A 2 3.96 -1.96 19.19
N VAL A 3 4.65 -2.85 19.95
CA VAL A 3 5.30 -4.12 19.57
C VAL A 3 4.37 -5.17 18.96
N LYS A 4 3.09 -5.25 19.43
CA LYS A 4 2.01 -6.10 18.92
C LYS A 4 1.52 -5.74 17.54
N ARG A 5 1.62 -4.46 17.11
CA ARG A 5 1.16 -3.91 15.82
C ARG A 5 1.93 -4.45 14.61
N LEU A 6 3.19 -4.89 14.86
CA LEU A 6 4.12 -5.57 13.95
C LEU A 6 3.66 -6.97 13.54
N LEU A 7 2.97 -7.69 14.45
CA LEU A 7 2.38 -8.99 14.21
C LEU A 7 0.84 -9.07 14.26
N SER A 8 0.10 -8.10 14.90
CA SER A 8 -1.36 -8.05 15.04
C SER A 8 -2.07 -7.63 13.78
N ILE A 9 -1.28 -7.01 12.86
CA ILE A 9 -1.70 -6.48 11.56
C ILE A 9 -0.90 -7.12 10.44
N THR A 10 0.40 -6.76 10.30
CA THR A 10 1.34 -7.19 9.24
C THR A 10 2.07 -8.50 9.61
N ASN A 11 1.33 -9.62 9.59
CA ASN A 11 1.70 -11.01 9.92
C ASN A 11 0.34 -11.67 9.99
N ASP A 12 -0.57 -11.23 10.93
CA ASP A 12 -2.00 -11.58 11.03
C ASP A 12 -2.83 -11.32 9.75
N LYS A 13 -4.17 -11.46 9.84
CA LYS A 13 -5.07 -11.57 8.69
C LYS A 13 -5.38 -10.25 8.01
N HIS A 14 -5.30 -9.17 8.79
CA HIS A 14 -5.48 -7.77 8.48
C HIS A 14 -4.49 -7.24 7.43
N ASP A 15 -3.32 -7.95 7.29
CA ASP A 15 -2.25 -7.78 6.30
C ASP A 15 -2.77 -7.93 4.84
N GLU A 16 -3.80 -8.80 4.63
CA GLU A 16 -4.51 -9.03 3.36
C GLU A 16 -5.43 -7.87 2.97
N TYR A 17 -6.09 -7.24 3.99
CA TYR A 17 -6.94 -6.04 3.89
C TYR A 17 -6.07 -4.79 3.70
N LEU A 18 -4.95 -4.67 4.45
CA LEU A 18 -3.96 -3.59 4.39
C LEU A 18 -3.11 -3.60 3.15
N THR A 19 -2.42 -4.71 2.74
CA THR A 19 -1.68 -4.78 1.48
C THR A 19 -2.39 -4.49 0.17
N GLU A 20 -3.70 -4.82 -0.05
CA GLU A 20 -4.51 -4.51 -1.27
C GLU A 20 -4.84 -3.02 -1.57
N MET A 21 -5.05 -2.16 -0.52
CA MET A 21 -5.23 -0.68 -0.52
C MET A 21 -4.13 0.00 -1.29
N VAL A 22 -2.93 -0.51 -0.94
CA VAL A 22 -1.69 -0.13 -1.59
C VAL A 22 -1.57 -0.57 -3.06
N PRO A 23 -1.59 -1.74 -3.79
CA PRO A 23 -1.65 -1.84 -5.26
C PRO A 23 -2.76 -1.05 -5.95
N LEU A 24 -3.85 -0.55 -5.27
CA LEU A 24 -4.59 0.57 -5.93
C LEU A 24 -3.75 1.89 -6.06
N LEU A 25 -3.01 2.28 -4.98
CA LEU A 25 -1.96 3.33 -5.01
C LEU A 25 -0.63 2.99 -5.77
N VAL A 26 0.01 1.80 -5.58
CA VAL A 26 1.20 1.27 -6.24
C VAL A 26 0.97 0.94 -7.69
N GLU A 27 -0.22 0.47 -8.14
CA GLU A 27 -0.47 0.24 -9.58
C GLU A 27 -0.73 1.57 -10.28
N PHE A 28 -1.48 2.55 -9.65
CA PHE A 28 -1.62 3.94 -10.16
C PHE A 28 -0.27 4.71 -10.30
N ALA A 29 0.51 4.79 -9.19
CA ALA A 29 1.82 5.39 -8.97
C ALA A 29 3.05 4.71 -9.57
N LYS A 30 3.14 3.36 -9.57
CA LYS A 30 4.25 2.60 -10.16
C LYS A 30 4.18 2.55 -11.67
N ASP A 31 2.95 2.53 -12.32
CA ASP A 31 2.71 2.48 -13.78
C ASP A 31 3.39 3.62 -14.56
N GLU A 32 3.66 4.73 -13.83
CA GLU A 32 4.38 5.96 -14.10
C GLU A 32 5.83 5.81 -14.55
N CYS A 33 6.48 4.66 -14.19
CA CYS A 33 7.90 4.44 -14.37
C CYS A 33 8.27 3.47 -15.50
N HIS A 34 7.36 3.23 -16.49
CA HIS A 34 7.55 2.43 -17.72
C HIS A 34 7.09 0.98 -17.66
N ASN A 35 7.20 0.36 -16.47
CA ASN A 35 6.85 -1.04 -16.18
C ASN A 35 5.37 -1.16 -15.79
N PRO A 36 4.53 -2.06 -16.35
CA PRO A 36 3.12 -2.20 -15.94
C PRO A 36 2.94 -3.22 -14.80
N PHE A 37 4.05 -3.90 -14.37
CA PHE A 37 4.23 -4.94 -13.32
C PHE A 37 3.12 -6.01 -13.21
N ILE A 38 2.89 -6.78 -14.31
CA ILE A 38 1.87 -7.84 -14.42
C ILE A 38 2.53 -9.20 -14.26
N ASP A 39 1.76 -10.21 -13.74
CA ASP A 39 2.18 -11.59 -13.51
C ASP A 39 1.72 -12.51 -14.62
N LYS A 40 2.22 -13.78 -14.65
CA LYS A 40 1.93 -14.82 -15.63
C LYS A 40 0.49 -15.39 -15.64
N ASP A 41 -0.31 -15.06 -14.60
CA ASP A 41 -1.72 -15.41 -14.42
C ASP A 41 -2.59 -14.22 -14.79
N GLY A 42 -1.92 -13.06 -15.06
CA GLY A 42 -2.46 -11.75 -15.38
C GLY A 42 -2.89 -10.92 -14.20
N ASN A 43 -2.29 -11.21 -13.02
CA ASN A 43 -2.47 -10.50 -11.76
C ASN A 43 -1.51 -9.32 -11.71
N GLU A 44 -1.75 -8.39 -10.74
CA GLU A 44 -0.94 -7.23 -10.43
C GLU A 44 0.18 -7.62 -9.47
N SER A 45 1.42 -7.15 -9.74
CA SER A 45 2.63 -7.53 -9.02
C SER A 45 3.25 -6.33 -8.30
N ILE A 46 3.94 -6.54 -7.15
CA ILE A 46 4.52 -5.49 -6.32
C ILE A 46 6.05 -5.75 -6.15
N PRO A 47 6.97 -4.81 -6.51
CA PRO A 47 8.45 -4.88 -6.35
C PRO A 47 8.95 -4.65 -4.91
N SER A 48 10.17 -5.13 -4.52
CA SER A 48 10.77 -5.19 -3.15
C SER A 48 10.71 -3.93 -2.25
N GLY A 49 11.14 -2.72 -2.73
CA GLY A 49 11.05 -1.45 -1.92
C GLY A 49 9.64 -0.90 -1.79
N VAL A 50 8.94 -0.88 -2.96
CA VAL A 50 7.54 -0.47 -3.17
C VAL A 50 6.51 -1.31 -2.33
N LEU A 51 6.91 -2.58 -2.04
CA LEU A 51 6.33 -3.63 -1.17
C LEU A 51 6.46 -3.29 0.31
N ILE A 52 7.66 -2.78 0.78
CA ILE A 52 7.87 -2.28 2.17
C ILE A 52 6.93 -1.12 2.51
N PHE A 53 6.66 -0.30 1.44
CA PHE A 53 5.66 0.77 1.33
C PHE A 53 4.26 0.18 1.44
N VAL A 54 3.83 -0.91 0.71
CA VAL A 54 2.46 -1.52 0.79
C VAL A 54 2.01 -1.85 2.22
N ALA A 55 2.83 -2.67 2.92
CA ALA A 55 2.79 -2.97 4.34
C ALA A 55 2.76 -1.77 5.31
N LYS A 56 3.77 -0.84 5.32
CA LYS A 56 3.78 0.29 6.26
C LYS A 56 2.83 1.47 6.00
N ALA A 57 2.50 1.75 4.70
CA ALA A 57 1.58 2.77 4.16
C ALA A 57 0.15 2.58 4.58
N ALA A 58 -0.34 1.35 4.31
CA ALA A 58 -1.68 0.91 4.64
C ALA A 58 -1.81 0.58 6.10
N GLN A 59 -0.72 0.12 6.78
CA GLN A 59 -0.69 -0.03 8.25
C GLN A 59 -0.89 1.27 9.02
N PHE A 60 -0.41 2.40 8.45
CA PHE A 60 -0.57 3.78 8.92
C PHE A 60 -2.02 4.26 8.76
N TYR A 61 -2.57 4.16 7.51
CA TYR A 61 -3.91 4.61 7.13
C TYR A 61 -5.08 3.78 7.71
N MET A 62 -4.90 2.44 7.77
CA MET A 62 -5.84 1.43 8.22
C MET A 62 -5.87 1.22 9.72
N THR A 63 -4.75 1.48 10.47
CA THR A 63 -4.71 1.42 11.96
C THR A 63 -5.42 2.63 12.56
N ASN A 64 -5.05 3.86 12.09
CA ASN A 64 -5.80 5.06 12.38
C ASN A 64 -5.25 6.28 11.64
N ALA A 65 -5.70 6.47 10.35
CA ALA A 65 -5.44 7.63 9.47
C ALA A 65 -5.66 9.01 10.07
N GLY A 66 -6.82 9.20 10.74
CA GLY A 66 -6.99 10.40 11.52
C GLY A 66 -8.26 10.33 12.28
N LEU A 67 -9.38 9.94 11.61
CA LEU A 67 -10.68 9.94 12.26
C LEU A 67 -11.33 8.59 12.36
N THR A 68 -11.86 8.10 11.23
CA THR A 68 -12.74 6.92 11.14
C THR A 68 -12.06 5.77 10.43
N GLY A 69 -10.72 5.88 10.34
CA GLY A 69 -9.73 5.04 9.66
C GLY A 69 -9.51 3.62 10.22
N ARG A 70 -10.33 2.57 9.82
CA ARG A 70 -10.25 1.17 10.24
C ARG A 70 -11.39 0.47 9.51
N SER A 71 -12.63 0.95 9.79
CA SER A 71 -13.91 0.53 9.25
C SER A 71 -14.24 1.28 7.96
N MET A 72 -15.29 0.82 7.21
CA MET A 72 -15.75 1.38 5.94
C MET A 72 -16.83 2.45 6.10
N ASP A 73 -16.41 3.75 6.06
CA ASP A 73 -17.26 4.95 6.20
C ASP A 73 -17.40 5.63 4.85
N THR A 74 -17.23 4.83 3.78
CA THR A 74 -17.27 5.11 2.36
C THR A 74 -16.80 3.78 1.82
N VAL A 75 -16.31 3.72 0.57
CA VAL A 75 -15.80 2.53 -0.11
C VAL A 75 -15.45 2.96 -1.52
N SER A 76 -16.01 4.12 -1.96
CA SER A 76 -15.73 4.85 -3.22
C SER A 76 -14.39 5.62 -3.08
N TYR A 77 -13.33 4.82 -2.81
CA TYR A 77 -11.95 5.02 -2.41
C TYR A 77 -11.07 6.18 -2.93
N ASN A 78 -10.16 6.59 -2.01
CA ASN A 78 -9.24 7.71 -2.06
C ASN A 78 -7.84 7.43 -2.56
N PHE A 79 -7.47 6.12 -2.75
CA PHE A 79 -6.12 5.53 -2.97
C PHE A 79 -5.12 6.25 -3.84
N ALA A 80 -5.63 6.80 -4.96
CA ALA A 80 -4.99 7.58 -5.99
C ALA A 80 -4.81 9.05 -5.60
N THR A 81 -5.38 9.54 -4.48
CA THR A 81 -5.14 10.92 -4.03
C THR A 81 -4.90 10.95 -2.53
N GLU A 82 -4.53 9.80 -1.88
CA GLU A 82 -4.41 9.73 -0.42
C GLU A 82 -3.34 8.75 0.05
N ILE A 83 -3.57 8.13 1.26
CA ILE A 83 -2.74 7.21 2.05
C ILE A 83 -1.63 8.06 2.78
N PRO A 84 -0.52 7.76 3.52
CA PRO A 84 0.31 8.83 4.12
C PRO A 84 1.32 9.42 3.14
N SER A 85 1.33 10.78 3.00
CA SER A 85 2.08 11.64 2.09
C SER A 85 3.60 11.50 2.07
N THR A 86 4.20 11.11 3.22
CA THR A 86 5.65 10.96 3.40
C THR A 86 6.20 9.60 2.95
N ILE A 87 5.44 8.45 3.11
CA ILE A 87 5.78 7.08 2.68
C ILE A 87 5.71 6.95 1.13
N LEU A 88 4.86 7.79 0.49
CA LEU A 88 4.63 7.98 -0.96
C LEU A 88 5.90 8.24 -1.81
N LYS A 89 6.96 8.84 -1.20
CA LYS A 89 8.29 8.98 -1.80
C LYS A 89 9.07 7.66 -1.76
N LYS A 90 8.78 6.78 -0.75
CA LYS A 90 9.28 5.41 -0.55
C LYS A 90 8.62 4.40 -1.51
N LEU A 91 7.48 4.77 -2.18
CA LEU A 91 6.90 4.04 -3.36
C LEU A 91 7.79 4.05 -4.62
N ASN A 92 8.71 5.04 -4.76
CA ASN A 92 9.64 5.20 -5.87
C ASN A 92 11.12 4.67 -5.84
N PRO A 93 11.94 4.32 -4.80
CA PRO A 93 13.39 4.01 -4.89
C PRO A 93 13.81 2.75 -5.69
N TYR A 94 12.82 1.92 -6.10
CA TYR A 94 12.86 0.79 -7.00
C TYR A 94 12.75 1.39 -8.39
N ARG A 95 11.53 1.86 -8.73
CA ARG A 95 11.17 2.49 -10.04
C ARG A 95 11.10 1.57 -11.25
N LYS A 96 12.09 0.69 -11.36
CA LYS A 96 12.29 -0.28 -12.44
C LYS A 96 13.42 -1.11 -11.91
N MET A 97 14.31 -0.40 -11.20
CA MET A 97 15.53 -0.79 -10.48
C MET A 97 16.65 -1.43 -11.29
N ALA A 98 16.28 -2.44 -12.09
CA ALA A 98 17.17 -3.19 -12.95
C ALA A 98 16.33 -3.99 -13.94
N ARG A 99 15.26 -4.66 -13.46
CA ARG A 99 14.39 -5.54 -14.24
C ARG A 99 13.06 -4.89 -14.59
N GLN A 1 3.29 -2.54 25.12
CA GLN A 1 1.97 -2.79 24.61
C GLN A 1 1.87 -2.17 23.23
N ARG A 2 2.93 -1.45 22.81
CA ARG A 2 3.07 -0.74 21.54
C ARG A 2 3.56 -1.61 20.39
N VAL A 3 4.18 -2.79 20.71
CA VAL A 3 4.73 -3.80 19.80
C VAL A 3 3.66 -4.62 19.06
N LYS A 4 2.53 -4.97 19.75
CA LYS A 4 1.37 -5.69 19.23
C LYS A 4 0.53 -4.93 18.23
N ARG A 5 0.52 -3.57 18.29
CA ARG A 5 -0.15 -2.63 17.39
C ARG A 5 0.18 -2.78 15.90
N LEU A 6 1.40 -3.33 15.59
CA LEU A 6 1.87 -3.74 14.27
C LEU A 6 1.32 -5.07 13.79
N LEU A 7 1.37 -6.16 14.58
CA LEU A 7 0.90 -7.49 14.21
C LEU A 7 -0.58 -7.74 14.50
N SER A 8 -1.24 -6.93 15.38
CA SER A 8 -2.68 -6.96 15.71
C SER A 8 -3.54 -6.51 14.52
N ILE A 9 -2.88 -5.75 13.62
CA ILE A 9 -3.38 -5.26 12.35
C ILE A 9 -2.83 -6.02 11.14
N THR A 10 -1.50 -6.25 11.05
CA THR A 10 -0.83 -6.90 9.91
C THR A 10 -0.77 -8.42 9.92
N ASN A 11 -0.99 -9.10 11.07
CA ASN A 11 -0.68 -10.53 11.14
C ASN A 11 -1.71 -11.16 12.04
N ASP A 12 -2.99 -10.89 11.78
CA ASP A 12 -4.05 -11.17 12.71
C ASP A 12 -5.29 -10.63 12.05
N LYS A 13 -5.42 -9.26 11.99
CA LYS A 13 -6.66 -8.66 11.56
C LYS A 13 -6.92 -8.41 10.10
N HIS A 14 -6.02 -7.63 9.50
CA HIS A 14 -6.26 -6.99 8.25
C HIS A 14 -5.06 -7.14 7.37
N ASP A 15 -4.36 -8.32 7.42
CA ASP A 15 -3.15 -8.73 6.68
C ASP A 15 -3.32 -8.64 5.16
N GLU A 16 -4.55 -9.03 4.79
CA GLU A 16 -5.25 -9.05 3.54
C GLU A 16 -5.68 -7.67 3.06
N TYR A 17 -6.33 -6.90 3.97
CA TYR A 17 -6.86 -5.55 3.76
C TYR A 17 -5.80 -4.47 3.76
N LEU A 18 -4.73 -4.52 4.62
CA LEU A 18 -3.73 -3.43 4.65
C LEU A 18 -2.87 -3.43 3.40
N THR A 19 -2.26 -4.57 3.06
CA THR A 19 -1.64 -4.99 1.85
C THR A 19 -2.37 -4.77 0.53
N GLU A 20 -3.75 -4.79 0.47
CA GLU A 20 -4.55 -4.40 -0.72
C GLU A 20 -4.72 -2.87 -0.95
N MET A 21 -4.96 -2.01 0.12
CA MET A 21 -5.07 -0.51 0.11
C MET A 21 -3.97 0.18 -0.71
N VAL A 22 -2.76 -0.25 -0.37
CA VAL A 22 -1.51 0.19 -0.95
C VAL A 22 -1.34 -0.24 -2.41
N PRO A 23 -1.37 -1.44 -3.05
CA PRO A 23 -1.44 -1.64 -4.51
C PRO A 23 -2.54 -0.90 -5.26
N LEU A 24 -3.66 -0.40 -4.64
CA LEU A 24 -4.47 0.65 -5.34
C LEU A 24 -3.66 1.98 -5.55
N LEU A 25 -2.89 2.39 -4.51
CA LEU A 25 -1.87 3.46 -4.59
C LEU A 25 -0.56 3.15 -5.37
N VAL A 26 0.14 2.00 -5.17
CA VAL A 26 1.37 1.57 -5.83
C VAL A 26 1.18 1.13 -7.23
N GLU A 27 0.06 0.44 -7.61
CA GLU A 27 -0.23 0.07 -9.00
C GLU A 27 -0.76 1.27 -9.80
N PHE A 28 -1.68 2.16 -9.26
CA PHE A 28 -2.14 3.39 -9.97
C PHE A 28 -1.05 4.43 -10.26
N ALA A 29 -0.16 4.69 -9.26
CA ALA A 29 0.98 5.60 -9.32
C ALA A 29 2.15 5.12 -10.20
N LYS A 30 2.32 3.76 -10.28
CA LYS A 30 3.26 3.01 -11.10
C LYS A 30 2.89 2.92 -12.58
N ASP A 31 1.55 2.88 -12.88
CA ASP A 31 0.83 2.82 -14.18
C ASP A 31 1.23 3.92 -15.18
N GLU A 32 1.75 5.00 -14.58
CA GLU A 32 2.28 6.27 -15.02
C GLU A 32 3.42 6.21 -16.04
N CYS A 33 4.55 5.46 -15.81
CA CYS A 33 5.70 5.54 -16.72
C CYS A 33 6.04 4.27 -17.47
N HIS A 34 5.15 3.24 -17.50
CA HIS A 34 5.29 2.06 -18.36
C HIS A 34 6.39 1.00 -18.10
N ASN A 35 6.83 0.82 -16.84
CA ASN A 35 7.81 -0.21 -16.44
C ASN A 35 7.20 -1.65 -16.41
N PRO A 36 7.92 -2.79 -16.49
CA PRO A 36 7.33 -4.12 -16.68
C PRO A 36 6.83 -4.76 -15.36
N PHE A 37 5.89 -4.09 -14.65
CA PHE A 37 5.21 -4.49 -13.41
C PHE A 37 4.14 -5.60 -13.57
N ILE A 38 4.49 -6.65 -14.34
CA ILE A 38 3.66 -7.77 -14.77
C ILE A 38 4.29 -9.06 -14.26
N ASP A 39 3.46 -10.10 -14.00
CA ASP A 39 3.84 -11.42 -13.47
C ASP A 39 3.53 -12.46 -14.52
N LYS A 40 4.08 -13.71 -14.41
CA LYS A 40 3.90 -14.85 -15.33
C LYS A 40 2.49 -15.40 -15.59
N ASP A 41 1.44 -14.85 -14.92
CA ASP A 41 0.03 -15.16 -15.14
C ASP A 41 -0.59 -14.07 -16.04
N GLY A 42 0.15 -12.94 -16.18
CA GLY A 42 -0.17 -11.70 -16.88
C GLY A 42 -0.96 -10.75 -16.05
N ASN A 43 -0.75 -10.88 -14.73
CA ASN A 43 -1.33 -10.11 -13.65
C ASN A 43 -0.27 -9.10 -13.24
N GLU A 44 -0.66 -8.07 -12.46
CA GLU A 44 0.17 -6.99 -11.94
C GLU A 44 1.03 -7.44 -10.75
N SER A 45 2.19 -6.78 -10.54
CA SER A 45 3.17 -7.19 -9.54
C SER A 45 3.90 -5.95 -9.05
N ILE A 46 4.53 -6.05 -7.86
CA ILE A 46 5.25 -4.98 -7.15
C ILE A 46 6.68 -5.52 -6.87
N PRO A 47 7.81 -4.75 -6.98
CA PRO A 47 9.16 -5.18 -6.56
C PRO A 47 9.38 -5.03 -5.04
N SER A 48 10.49 -5.57 -4.48
CA SER A 48 10.89 -5.65 -3.07
C SER A 48 10.90 -4.39 -2.17
N GLY A 49 11.36 -3.21 -2.67
CA GLY A 49 11.34 -1.91 -1.91
C GLY A 49 9.95 -1.32 -1.82
N VAL A 50 9.25 -1.25 -2.98
CA VAL A 50 7.83 -0.86 -3.14
C VAL A 50 6.82 -1.78 -2.39
N LEU A 51 7.25 -3.06 -2.10
CA LEU A 51 6.65 -4.09 -1.24
C LEU A 51 6.74 -3.76 0.26
N ILE A 52 7.93 -3.27 0.77
CA ILE A 52 8.08 -2.75 2.17
C ILE A 52 7.20 -1.51 2.44
N PHE A 53 6.95 -0.74 1.35
CA PHE A 53 6.01 0.36 1.24
C PHE A 53 4.57 -0.15 1.36
N VAL A 54 4.06 -1.20 0.64
CA VAL A 54 2.67 -1.70 0.79
C VAL A 54 2.25 -2.16 2.20
N ALA A 55 3.06 -3.08 2.80
CA ALA A 55 2.98 -3.45 4.19
C ALA A 55 3.18 -2.31 5.21
N LYS A 56 4.24 -1.43 5.13
CA LYS A 56 4.43 -0.37 6.13
C LYS A 56 3.49 0.86 6.04
N ALA A 57 3.06 1.24 4.80
CA ALA A 57 2.07 2.26 4.44
C ALA A 57 0.70 2.02 5.02
N ALA A 58 0.16 0.81 4.77
CA ALA A 58 -1.12 0.43 5.31
C ALA A 58 -1.09 0.01 6.76
N GLN A 59 0.00 -0.57 7.36
CA GLN A 59 0.06 -0.74 8.83
C GLN A 59 0.14 0.57 9.63
N PHE A 60 0.64 1.67 8.98
CA PHE A 60 0.54 3.06 9.45
C PHE A 60 -0.89 3.63 9.29
N TYR A 61 -1.44 3.60 8.03
CA TYR A 61 -2.75 4.14 7.69
C TYR A 61 -4.02 3.45 8.13
N MET A 62 -4.18 2.11 7.90
CA MET A 62 -5.42 1.31 8.09
C MET A 62 -6.19 1.51 9.39
N THR A 63 -5.40 1.67 10.49
CA THR A 63 -5.69 1.93 11.90
C THR A 63 -6.40 3.26 12.16
N ASN A 64 -6.28 4.23 11.23
CA ASN A 64 -7.01 5.49 11.27
C ASN A 64 -7.11 5.93 9.83
N ALA A 65 -7.73 5.07 8.99
CA ALA A 65 -7.86 5.29 7.57
C ALA A 65 -9.14 6.01 7.21
N GLY A 66 -10.30 5.29 7.17
CA GLY A 66 -11.59 5.89 6.89
C GLY A 66 -12.58 5.48 7.93
N LEU A 67 -12.11 4.87 9.04
CA LEU A 67 -12.91 4.38 10.16
C LEU A 67 -12.78 5.36 11.30
N THR A 68 -11.54 5.66 11.74
CA THR A 68 -11.27 6.68 12.76
C THR A 68 -10.20 7.62 12.23
N GLY A 69 -10.19 7.84 10.88
CA GLY A 69 -9.26 8.68 10.12
C GLY A 69 -9.54 10.13 10.21
N ARG A 70 -10.84 10.42 10.16
CA ARG A 70 -11.39 11.76 10.29
C ARG A 70 -12.84 11.45 10.46
N SER A 71 -13.36 10.87 9.35
CA SER A 71 -14.70 10.42 9.04
C SER A 71 -14.70 10.53 7.54
N MET A 72 -13.95 9.65 6.83
CA MET A 72 -13.84 9.68 5.38
C MET A 72 -15.02 9.02 4.68
N ASP A 73 -16.00 9.82 4.22
CA ASP A 73 -17.17 9.41 3.46
C ASP A 73 -17.18 10.32 2.23
N THR A 74 -17.08 9.78 0.98
CA THR A 74 -17.07 10.54 -0.31
C THR A 74 -15.69 11.13 -0.64
N VAL A 75 -14.62 10.32 -0.42
CA VAL A 75 -13.21 10.66 -0.57
C VAL A 75 -12.53 10.04 -1.81
N SER A 76 -13.15 8.97 -2.41
CA SER A 76 -12.66 8.01 -3.42
C SER A 76 -12.35 6.82 -2.52
N TYR A 77 -11.08 6.77 -2.07
CA TYR A 77 -10.66 6.09 -0.87
C TYR A 77 -9.27 6.63 -0.64
N ASN A 78 -8.91 6.83 0.64
CA ASN A 78 -7.72 7.54 1.16
C ASN A 78 -6.32 7.08 0.82
N PHE A 79 -6.12 5.94 0.13
CA PHE A 79 -4.80 5.59 -0.45
C PHE A 79 -4.48 6.34 -1.75
N ALA A 80 -5.53 6.69 -2.53
CA ALA A 80 -5.47 7.40 -3.80
C ALA A 80 -5.27 8.91 -3.66
N THR A 81 -5.76 9.45 -2.51
CA THR A 81 -5.66 10.86 -2.15
C THR A 81 -4.75 11.12 -0.95
N GLU A 82 -4.46 10.13 -0.05
CA GLU A 82 -3.72 10.41 1.20
C GLU A 82 -2.63 9.37 1.48
N ILE A 83 -2.55 8.90 2.78
CA ILE A 83 -1.61 8.00 3.48
C ILE A 83 -0.37 8.77 4.02
N PRO A 84 0.65 8.28 4.81
CA PRO A 84 1.87 9.03 5.13
C PRO A 84 2.72 9.40 3.91
N SER A 85 2.92 10.73 3.68
CA SER A 85 3.65 11.33 2.55
C SER A 85 5.14 11.00 2.42
N THR A 86 5.74 10.46 3.51
CA THR A 86 7.13 9.99 3.61
C THR A 86 7.32 8.58 3.05
N ILE A 87 6.42 7.56 3.34
CA ILE A 87 6.46 6.19 2.74
C ILE A 87 6.08 6.23 1.24
N LEU A 88 5.23 7.23 0.89
CA LEU A 88 4.79 7.65 -0.44
C LEU A 88 5.96 7.99 -1.41
N LYS A 89 7.14 8.41 -0.85
CA LYS A 89 8.43 8.53 -1.55
C LYS A 89 9.07 7.15 -1.90
N LYS A 90 8.78 6.11 -1.05
CA LYS A 90 9.07 4.67 -1.20
C LYS A 90 8.23 3.99 -2.29
N LEU A 91 7.14 4.67 -2.77
CA LEU A 91 6.44 4.36 -4.08
C LEU A 91 7.39 4.41 -5.31
N ASN A 92 8.37 5.34 -5.33
CA ASN A 92 9.28 5.61 -6.45
C ASN A 92 10.65 4.87 -6.61
N PRO A 93 11.41 4.16 -5.72
CA PRO A 93 12.78 3.65 -5.94
C PRO A 93 13.10 2.64 -7.08
N TYR A 94 12.10 2.11 -7.82
CA TYR A 94 12.22 1.10 -8.90
C TYR A 94 12.82 1.51 -10.28
N ARG A 95 12.05 1.37 -11.41
CA ARG A 95 12.48 1.60 -12.80
C ARG A 95 11.70 2.69 -13.54
N LYS A 96 10.66 3.30 -12.91
CA LYS A 96 9.77 4.31 -13.51
C LYS A 96 10.35 5.73 -13.43
N MET A 97 11.03 6.00 -12.29
CA MET A 97 11.70 7.19 -11.73
C MET A 97 12.47 8.19 -12.62
N ALA A 98 11.94 8.53 -13.82
CA ALA A 98 12.46 9.50 -14.77
C ALA A 98 11.91 10.90 -14.48
N ARG A 99 12.34 11.50 -13.34
CA ARG A 99 11.89 12.78 -12.83
C ARG A 99 12.87 13.89 -13.19
N GLN A 1 -2.20 -1.14 23.03
CA GLN A 1 -1.30 -0.28 23.78
C GLN A 1 -0.17 0.14 22.87
N ARG A 2 -0.36 -0.08 21.56
CA ARG A 2 0.50 0.21 20.41
C ARG A 2 1.37 -0.96 19.98
N VAL A 3 1.87 -1.80 20.92
CA VAL A 3 2.76 -2.95 20.67
C VAL A 3 2.18 -4.08 19.80
N LYS A 4 0.90 -4.50 20.05
CA LYS A 4 0.15 -5.47 19.25
C LYS A 4 -0.26 -5.01 17.87
N ARG A 5 -0.48 -3.69 17.62
CA ARG A 5 -0.94 -3.10 16.35
C ARG A 5 -0.07 -3.33 15.13
N LEU A 6 1.23 -3.57 15.37
CA LEU A 6 2.27 -3.84 14.39
C LEU A 6 2.13 -5.25 13.81
N LEU A 7 1.99 -6.26 14.69
CA LEU A 7 1.80 -7.66 14.40
C LEU A 7 0.35 -8.12 14.34
N SER A 8 -0.63 -7.34 14.90
CA SER A 8 -2.07 -7.54 14.77
C SER A 8 -2.56 -6.97 13.43
N ILE A 9 -1.62 -6.46 12.60
CA ILE A 9 -1.85 -5.95 11.25
C ILE A 9 -0.87 -6.50 10.24
N THR A 10 0.47 -6.32 10.41
CA THR A 10 1.48 -6.86 9.50
C THR A 10 2.10 -8.08 10.17
N ASN A 11 1.42 -9.26 10.05
CA ASN A 11 1.79 -10.56 10.61
C ASN A 11 0.49 -11.30 10.64
N ASP A 12 -0.50 -10.86 11.49
CA ASP A 12 -1.87 -11.37 11.55
C ASP A 12 -2.66 -11.10 10.25
N LYS A 13 -3.84 -11.75 10.04
CA LYS A 13 -4.65 -11.82 8.82
C LYS A 13 -4.89 -10.60 7.93
N HIS A 14 -4.90 -9.37 8.52
CA HIS A 14 -5.11 -8.05 7.93
C HIS A 14 -4.10 -7.70 6.86
N ASP A 15 -2.91 -8.37 6.91
CA ASP A 15 -1.80 -8.38 5.95
C ASP A 15 -2.26 -8.66 4.51
N GLU A 16 -3.36 -9.47 4.32
CA GLU A 16 -4.02 -9.66 3.03
C GLU A 16 -4.83 -8.43 2.57
N TYR A 17 -5.54 -7.70 3.49
CA TYR A 17 -6.22 -6.44 3.15
C TYR A 17 -5.24 -5.25 3.04
N LEU A 18 -4.22 -5.16 3.96
CA LEU A 18 -3.17 -4.12 3.99
C LEU A 18 -2.32 -4.11 2.72
N THR A 19 -1.76 -5.29 2.33
CA THR A 19 -1.19 -5.58 1.02
C THR A 19 -2.06 -5.37 -0.22
N GLU A 20 -3.43 -5.53 -0.23
CA GLU A 20 -4.30 -5.20 -1.38
C GLU A 20 -4.56 -3.68 -1.61
N MET A 21 -4.79 -2.85 -0.52
CA MET A 21 -4.92 -1.36 -0.58
C MET A 21 -3.75 -0.68 -1.23
N VAL A 22 -2.53 -1.22 -1.01
CA VAL A 22 -1.33 -0.65 -1.54
C VAL A 22 -1.13 -0.86 -3.02
N PRO A 23 -1.31 -1.96 -3.80
CA PRO A 23 -1.49 -2.00 -5.25
C PRO A 23 -2.59 -1.08 -5.76
N LEU A 24 -3.63 -0.65 -4.96
CA LEU A 24 -4.38 0.59 -5.39
C LEU A 24 -3.47 1.86 -5.52
N LEU A 25 -2.55 2.06 -4.54
CA LEU A 25 -1.49 3.09 -4.65
C LEU A 25 -0.27 2.83 -5.60
N VAL A 26 0.39 1.62 -5.58
CA VAL A 26 1.52 1.11 -6.36
C VAL A 26 1.21 0.99 -7.83
N GLU A 27 0.01 0.40 -8.13
CA GLU A 27 -0.50 0.20 -9.47
C GLU A 27 -1.04 1.51 -10.06
N PHE A 28 -1.77 2.40 -9.25
CA PHE A 28 -2.17 3.75 -9.70
C PHE A 28 -1.02 4.73 -10.00
N ALA A 29 -0.07 4.84 -9.02
CA ALA A 29 1.11 5.70 -9.04
C ALA A 29 2.17 5.26 -10.01
N LYS A 30 2.52 3.94 -10.06
CA LYS A 30 3.47 3.38 -11.02
C LYS A 30 2.99 3.27 -12.47
N ASP A 31 1.64 3.28 -12.72
CA ASP A 31 1.00 3.39 -14.07
C ASP A 31 1.46 4.61 -14.89
N GLU A 32 1.95 5.66 -14.17
CA GLU A 32 2.49 6.95 -14.56
C GLU A 32 3.77 6.90 -15.40
N CYS A 33 4.65 5.90 -15.13
CA CYS A 33 5.93 5.70 -15.84
C CYS A 33 5.87 4.41 -16.66
N HIS A 34 4.63 3.93 -16.97
CA HIS A 34 4.15 2.69 -17.59
C HIS A 34 5.02 1.46 -17.60
N ASN A 35 5.28 1.07 -16.33
CA ASN A 35 5.96 -0.03 -15.75
C ASN A 35 5.05 -1.28 -15.82
N PRO A 36 5.48 -2.51 -16.04
CA PRO A 36 4.62 -3.68 -16.16
C PRO A 36 4.39 -4.25 -14.75
N PHE A 37 3.78 -3.48 -13.80
CA PHE A 37 3.48 -3.88 -12.42
C PHE A 37 2.24 -4.82 -12.31
N ILE A 38 2.10 -5.71 -13.31
CA ILE A 38 1.05 -6.67 -13.58
C ILE A 38 1.82 -7.96 -13.81
N ASP A 39 1.23 -9.14 -13.48
CA ASP A 39 1.87 -10.46 -13.56
C ASP A 39 1.17 -11.30 -14.61
N LYS A 40 1.77 -12.45 -15.04
CA LYS A 40 1.29 -13.39 -16.06
C LYS A 40 -0.10 -14.03 -15.95
N ASP A 41 -0.83 -13.83 -14.81
CA ASP A 41 -2.20 -14.27 -14.58
C ASP A 41 -3.13 -13.06 -14.69
N GLY A 42 -2.54 -11.86 -14.91
CA GLY A 42 -3.12 -10.53 -15.09
C GLY A 42 -3.54 -9.84 -13.84
N ASN A 43 -2.87 -10.22 -12.73
CA ASN A 43 -3.05 -9.72 -11.38
C ASN A 43 -1.82 -8.88 -11.09
N GLU A 44 -1.78 -8.21 -9.92
CA GLU A 44 -0.76 -7.27 -9.43
C GLU A 44 0.71 -7.71 -9.28
N SER A 45 1.68 -6.75 -9.38
CA SER A 45 3.11 -7.06 -9.13
C SER A 45 3.74 -6.11 -8.08
N ILE A 46 4.78 -6.58 -7.31
CA ILE A 46 5.47 -5.86 -6.22
C ILE A 46 6.98 -6.17 -6.29
N PRO A 47 7.96 -5.23 -6.29
CA PRO A 47 9.40 -5.49 -6.13
C PRO A 47 9.79 -5.46 -4.61
N SER A 48 11.09 -5.53 -4.18
CA SER A 48 11.49 -5.46 -2.75
C SER A 48 11.31 -4.10 -2.01
N GLY A 49 11.65 -2.94 -2.64
CA GLY A 49 11.56 -1.57 -2.02
C GLY A 49 10.13 -1.08 -1.86
N VAL A 50 9.33 -1.33 -2.92
CA VAL A 50 7.87 -1.20 -2.94
C VAL A 50 7.14 -2.22 -2.03
N LEU A 51 7.77 -3.39 -1.69
CA LEU A 51 7.28 -4.34 -0.66
C LEU A 51 7.32 -3.74 0.76
N ILE A 52 8.39 -2.96 1.11
CA ILE A 52 8.41 -2.15 2.38
C ILE A 52 7.37 -1.01 2.42
N PHE A 53 7.12 -0.36 1.23
CA PHE A 53 6.10 0.64 0.94
C PHE A 53 4.68 0.08 1.16
N VAL A 54 4.34 -1.12 0.60
CA VAL A 54 3.02 -1.76 0.75
C VAL A 54 2.63 -2.14 2.18
N ALA A 55 3.43 -3.01 2.86
CA ALA A 55 3.34 -3.26 4.29
C ALA A 55 3.37 -2.03 5.23
N LYS A 56 4.31 -1.03 5.09
CA LYS A 56 4.35 0.15 5.95
C LYS A 56 3.31 1.23 5.68
N ALA A 57 2.81 1.39 4.42
CA ALA A 57 1.73 2.28 3.99
C ALA A 57 0.40 2.00 4.64
N ALA A 58 -0.03 0.74 4.46
CA ALA A 58 -1.29 0.22 4.93
C ALA A 58 -1.29 -0.12 6.42
N GLN A 59 -0.13 -0.49 7.05
CA GLN A 59 -0.08 -0.51 8.53
C GLN A 59 -0.05 0.89 9.15
N PHE A 60 0.42 1.95 8.40
CA PHE A 60 0.45 3.33 8.91
C PHE A 60 -0.93 3.97 8.97
N TYR A 61 -1.58 4.01 7.77
CA TYR A 61 -2.88 4.57 7.53
C TYR A 61 -4.07 3.80 8.03
N MET A 62 -4.20 2.49 7.67
CA MET A 62 -5.35 1.63 7.91
C MET A 62 -5.63 1.25 9.34
N THR A 63 -4.55 1.23 10.17
CA THR A 63 -4.54 0.86 11.59
C THR A 63 -5.26 1.84 12.52
N ASN A 64 -5.74 3.01 11.98
CA ASN A 64 -6.59 4.01 12.63
C ASN A 64 -7.97 3.46 12.95
N ALA A 65 -8.41 2.36 12.27
CA ALA A 65 -9.67 1.71 12.60
C ALA A 65 -9.59 0.64 13.67
N GLY A 66 -8.43 0.58 14.40
CA GLY A 66 -8.36 -0.07 15.70
C GLY A 66 -8.72 0.92 16.80
N LEU A 67 -8.84 2.22 16.42
CA LEU A 67 -9.20 3.36 17.28
C LEU A 67 -10.46 4.11 16.94
N THR A 68 -10.66 4.54 15.66
CA THR A 68 -11.88 5.21 15.16
C THR A 68 -12.68 4.16 14.40
N GLY A 69 -12.55 2.92 14.92
CA GLY A 69 -13.05 1.64 14.49
C GLY A 69 -14.57 1.42 14.60
N ARG A 70 -15.38 2.33 13.98
CA ARG A 70 -16.83 2.39 13.97
C ARG A 70 -17.31 1.87 12.61
N SER A 71 -17.13 0.56 12.41
CA SER A 71 -17.36 -0.19 11.18
C SER A 71 -16.12 -0.17 10.30
N MET A 72 -16.22 0.49 9.14
CA MET A 72 -15.18 0.54 8.15
C MET A 72 -15.01 1.90 7.50
N ASP A 73 -15.12 3.01 8.30
CA ASP A 73 -14.99 4.43 7.92
C ASP A 73 -13.75 4.81 7.10
N THR A 74 -12.54 4.42 7.58
CA THR A 74 -11.23 4.60 6.97
C THR A 74 -10.64 3.20 6.73
N VAL A 75 -11.43 2.33 6.04
CA VAL A 75 -11.09 0.92 5.78
C VAL A 75 -11.55 0.62 4.37
N SER A 76 -12.83 0.97 4.01
CA SER A 76 -13.37 0.90 2.64
C SER A 76 -13.15 2.24 1.92
N TYR A 77 -12.03 2.93 2.27
CA TYR A 77 -11.52 4.21 1.81
C TYR A 77 -10.75 4.16 0.48
N ASN A 78 -9.91 5.18 0.17
CA ASN A 78 -9.21 5.17 -1.11
C ASN A 78 -7.86 5.86 -1.12
N PHE A 79 -6.86 5.14 -1.68
CA PHE A 79 -5.45 5.45 -1.87
C PHE A 79 -5.12 6.40 -3.01
N ALA A 80 -6.14 6.80 -3.79
CA ALA A 80 -6.10 7.92 -4.70
C ALA A 80 -6.54 9.19 -3.94
N THR A 81 -7.04 9.04 -2.68
CA THR A 81 -7.55 10.13 -1.86
C THR A 81 -6.79 10.35 -0.54
N GLU A 82 -6.40 9.28 0.21
CA GLU A 82 -5.84 9.45 1.57
C GLU A 82 -4.82 8.36 2.03
N ILE A 83 -3.49 8.68 2.28
CA ILE A 83 -2.44 7.82 2.87
C ILE A 83 -1.36 8.77 3.42
N PRO A 84 -0.29 8.43 4.23
CA PRO A 84 0.80 9.35 4.60
C PRO A 84 1.77 9.73 3.44
N SER A 85 2.51 10.87 3.55
CA SER A 85 3.42 11.40 2.52
C SER A 85 4.87 10.91 2.59
N THR A 86 5.34 10.40 3.77
CA THR A 86 6.72 9.93 4.03
C THR A 86 7.14 8.69 3.23
N ILE A 87 6.25 7.66 3.16
CA ILE A 87 6.32 6.43 2.38
C ILE A 87 6.16 6.65 0.88
N LEU A 88 5.45 7.72 0.42
CA LEU A 88 5.20 8.10 -0.99
C LEU A 88 6.46 8.27 -1.88
N LYS A 89 7.63 8.61 -1.26
CA LYS A 89 8.95 8.59 -1.89
C LYS A 89 9.54 7.16 -1.96
N LYS A 90 9.02 6.20 -1.13
CA LYS A 90 9.30 4.76 -1.16
C LYS A 90 8.50 4.00 -2.24
N LEU A 91 7.43 4.61 -2.84
CA LEU A 91 6.69 4.17 -4.07
C LEU A 91 7.58 4.07 -5.33
N ASN A 92 8.56 4.97 -5.35
CA ASN A 92 9.50 5.33 -6.38
C ASN A 92 10.80 4.52 -6.66
N PRO A 93 11.59 3.85 -5.75
CA PRO A 93 12.91 3.24 -6.02
C PRO A 93 13.01 2.11 -7.06
N TYR A 94 11.85 1.56 -7.53
CA TYR A 94 11.75 0.61 -8.61
C TYR A 94 11.49 1.38 -9.92
N ARG A 95 10.90 0.71 -10.93
CA ARG A 95 10.47 1.25 -12.18
C ARG A 95 10.27 -0.04 -12.91
N LYS A 96 10.31 0.00 -14.26
CA LYS A 96 10.25 -1.12 -15.19
C LYS A 96 11.58 -1.84 -15.30
N MET A 97 12.65 -1.28 -14.64
CA MET A 97 14.04 -1.74 -14.56
C MET A 97 14.84 -1.77 -15.87
N ALA A 98 14.20 -2.25 -16.97
CA ALA A 98 14.67 -2.36 -18.35
C ALA A 98 15.72 -3.44 -18.60
N ARG A 99 16.83 -3.39 -17.83
CA ARG A 99 17.95 -4.30 -17.87
C ARG A 99 17.94 -5.17 -16.61
N GLN A 1 4.32 2.43 20.97
CA GLN A 1 3.59 1.85 22.06
C GLN A 1 2.71 0.73 21.54
N ARG A 2 2.72 -0.44 22.24
CA ARG A 2 1.94 -1.65 21.99
C ARG A 2 2.55 -2.54 20.90
N VAL A 3 3.37 -3.54 21.34
CA VAL A 3 4.10 -4.56 20.54
C VAL A 3 3.24 -5.38 19.58
N LYS A 4 1.97 -5.63 20.02
CA LYS A 4 0.88 -6.25 19.29
C LYS A 4 0.37 -5.43 18.13
N ARG A 5 0.48 -4.07 18.12
CA ARG A 5 0.02 -3.15 17.06
C ARG A 5 0.54 -3.39 15.64
N LEU A 6 1.72 -4.06 15.54
CA LEU A 6 2.35 -4.59 14.36
C LEU A 6 1.70 -5.91 13.91
N LEU A 7 1.44 -6.86 14.88
CA LEU A 7 0.93 -8.22 14.68
C LEU A 7 -0.55 -8.39 14.65
N SER A 8 -1.25 -7.37 15.20
CA SER A 8 -2.68 -7.09 15.16
C SER A 8 -3.08 -6.59 13.77
N ILE A 9 -2.09 -6.58 12.81
CA ILE A 9 -2.35 -6.10 11.45
C ILE A 9 -1.54 -6.79 10.39
N THR A 10 -0.31 -6.29 10.11
CA THR A 10 0.58 -6.59 8.99
C THR A 10 1.42 -7.85 9.17
N ASN A 11 0.76 -8.93 9.63
CA ASN A 11 1.40 -10.19 10.00
C ASN A 11 0.29 -11.22 10.02
N ASP A 12 -0.55 -11.20 11.10
CA ASP A 12 -1.69 -12.06 11.32
C ASP A 12 -2.95 -11.80 10.48
N LYS A 13 -3.82 -10.83 10.88
CA LYS A 13 -5.17 -10.67 10.36
C LYS A 13 -5.48 -9.85 9.13
N HIS A 14 -4.65 -8.83 8.83
CA HIS A 14 -4.99 -7.81 7.89
C HIS A 14 -3.89 -7.56 6.88
N ASP A 15 -3.00 -8.57 6.59
CA ASP A 15 -1.89 -8.49 5.63
C ASP A 15 -2.38 -8.31 4.19
N GLU A 16 -3.56 -8.91 3.95
CA GLU A 16 -4.42 -8.90 2.79
C GLU A 16 -5.16 -7.58 2.62
N TYR A 17 -5.78 -7.03 3.72
CA TYR A 17 -6.49 -5.74 3.67
C TYR A 17 -5.53 -4.56 3.68
N LEU A 18 -4.42 -4.60 4.47
CA LEU A 18 -3.41 -3.53 4.43
C LEU A 18 -2.57 -3.52 3.18
N THR A 19 -1.95 -4.64 2.72
CA THR A 19 -1.25 -4.69 1.44
C THR A 19 -2.09 -4.41 0.20
N GLU A 20 -3.41 -4.79 0.08
CA GLU A 20 -4.31 -4.47 -1.06
C GLU A 20 -4.67 -2.98 -1.34
N MET A 21 -4.86 -2.07 -0.29
CA MET A 21 -5.11 -0.60 -0.46
C MET A 21 -4.00 0.09 -1.25
N VAL A 22 -2.80 -0.46 -0.98
CA VAL A 22 -1.57 -0.15 -1.64
C VAL A 22 -1.49 -0.62 -3.11
N PRO A 23 -1.60 -1.78 -3.84
CA PRO A 23 -1.75 -1.85 -5.30
C PRO A 23 -2.88 -1.02 -5.91
N LEU A 24 -3.94 -0.53 -5.18
CA LEU A 24 -4.72 0.61 -5.80
C LEU A 24 -3.86 1.90 -6.00
N LEU A 25 -3.00 2.20 -5.00
CA LEU A 25 -1.96 3.23 -5.01
C LEU A 25 -0.68 2.93 -5.85
N VAL A 26 0.02 1.77 -5.74
CA VAL A 26 1.18 1.33 -6.55
C VAL A 26 0.80 1.07 -7.99
N GLU A 27 -0.38 0.47 -8.30
CA GLU A 27 -0.79 0.24 -9.70
C GLU A 27 -1.17 1.55 -10.40
N PHE A 28 -1.92 2.50 -9.73
CA PHE A 28 -2.18 3.86 -10.27
C PHE A 28 -0.93 4.77 -10.41
N ALA A 29 -0.12 4.87 -9.32
CA ALA A 29 1.09 5.66 -9.17
C ALA A 29 2.29 5.16 -9.96
N LYS A 30 2.49 3.82 -10.02
CA LYS A 30 3.50 3.13 -10.84
C LYS A 30 3.14 3.09 -12.32
N ASP A 31 1.82 3.23 -12.75
CA ASP A 31 1.35 3.24 -14.18
C ASP A 31 2.05 4.25 -15.11
N GLU A 32 2.61 5.29 -14.46
CA GLU A 32 3.47 6.39 -14.78
C GLU A 32 4.86 6.00 -15.29
N CYS A 33 5.33 4.79 -14.89
CA CYS A 33 6.71 4.37 -15.00
C CYS A 33 7.09 3.53 -16.22
N HIS A 34 6.31 3.53 -17.34
CA HIS A 34 6.57 2.82 -18.62
C HIS A 34 5.88 1.46 -18.72
N ASN A 35 5.75 0.77 -17.57
CA ASN A 35 5.38 -0.64 -17.42
C ASN A 35 3.99 -0.87 -16.85
N PRO A 36 3.28 -1.98 -17.15
CA PRO A 36 1.97 -2.29 -16.58
C PRO A 36 1.99 -3.07 -15.26
N PHE A 37 3.15 -3.66 -14.75
CA PHE A 37 3.32 -4.50 -13.54
C PHE A 37 2.30 -5.65 -13.36
N ILE A 38 2.30 -6.61 -14.31
CA ILE A 38 1.48 -7.81 -14.35
C ILE A 38 2.48 -8.97 -14.25
N ASP A 39 2.09 -10.09 -13.60
CA ASP A 39 2.92 -11.27 -13.38
C ASP A 39 2.33 -12.45 -14.14
N LYS A 40 3.08 -13.58 -14.28
CA LYS A 40 2.74 -14.82 -15.00
C LYS A 40 1.47 -15.61 -14.60
N ASP A 41 0.78 -15.21 -13.50
CA ASP A 41 -0.48 -15.77 -13.03
C ASP A 41 -1.61 -14.78 -13.31
N GLY A 42 -1.26 -13.61 -13.91
CA GLY A 42 -2.08 -12.47 -14.32
C GLY A 42 -2.53 -11.57 -13.21
N ASN A 43 -1.71 -11.55 -12.15
CA ASN A 43 -1.86 -10.79 -10.93
C ASN A 43 -0.82 -9.69 -11.01
N GLU A 44 -0.84 -8.70 -10.09
CA GLU A 44 0.05 -7.55 -10.00
C GLU A 44 1.50 -7.85 -9.59
N SER A 45 2.47 -7.00 -10.03
CA SER A 45 3.91 -7.25 -9.80
C SER A 45 4.48 -6.33 -8.71
N ILE A 46 4.81 -6.87 -7.50
CA ILE A 46 5.29 -6.08 -6.38
C ILE A 46 6.70 -6.53 -5.95
N PRO A 47 7.82 -6.02 -6.55
CA PRO A 47 9.19 -6.26 -6.05
C PRO A 47 9.48 -5.55 -4.70
N SER A 48 10.60 -5.88 -4.02
CA SER A 48 11.04 -5.50 -2.67
C SER A 48 10.97 -4.03 -2.21
N GLY A 49 11.16 -3.08 -3.18
CA GLY A 49 10.96 -1.62 -2.96
C GLY A 49 9.50 -1.19 -2.92
N VAL A 50 8.64 -1.71 -3.84
CA VAL A 50 7.19 -1.46 -3.85
C VAL A 50 6.45 -2.18 -2.70
N LEU A 51 7.08 -3.26 -2.18
CA LEU A 51 6.71 -4.09 -1.03
C LEU A 51 6.89 -3.35 0.32
N ILE A 52 8.04 -2.63 0.48
CA ILE A 52 8.31 -1.72 1.63
C ILE A 52 7.36 -0.50 1.66
N PHE A 53 6.87 -0.10 0.44
CA PHE A 53 5.73 0.79 0.28
C PHE A 53 4.40 0.14 0.74
N VAL A 54 3.93 -1.02 0.17
CA VAL A 54 2.63 -1.67 0.53
C VAL A 54 2.38 -1.91 2.03
N ALA A 55 3.27 -2.73 2.65
CA ALA A 55 3.41 -3.00 4.06
C ALA A 55 3.54 -1.77 4.96
N LYS A 56 4.51 -0.79 4.82
CA LYS A 56 4.54 0.33 5.76
C LYS A 56 3.47 1.38 5.54
N ALA A 57 2.98 1.57 4.27
CA ALA A 57 1.94 2.53 3.88
C ALA A 57 0.61 2.36 4.57
N ALA A 58 0.00 1.14 4.43
CA ALA A 58 -1.27 0.82 5.05
C ALA A 58 -1.15 0.49 6.53
N GLN A 59 0.02 -0.07 6.98
CA GLN A 59 0.39 -0.31 8.39
C GLN A 59 0.40 0.94 9.25
N PHE A 60 0.81 2.09 8.65
CA PHE A 60 0.71 3.40 9.25
C PHE A 60 -0.73 3.93 9.28
N TYR A 61 -1.39 4.01 8.08
CA TYR A 61 -2.72 4.56 7.80
C TYR A 61 -4.03 3.87 8.20
N MET A 62 -4.21 2.54 7.94
CA MET A 62 -5.46 1.81 8.24
C MET A 62 -5.73 1.64 9.74
N THR A 63 -4.60 1.65 10.52
CA THR A 63 -4.40 1.72 11.98
C THR A 63 -5.10 2.94 12.65
N ASN A 64 -5.15 4.10 11.93
CA ASN A 64 -5.89 5.32 12.30
C ASN A 64 -7.27 5.38 11.64
N ALA A 65 -7.39 5.13 10.31
CA ALA A 65 -8.57 5.22 9.45
C ALA A 65 -9.92 4.58 9.80
N GLY A 66 -10.34 4.58 11.07
CA GLY A 66 -11.66 4.08 11.53
C GLY A 66 -12.65 5.21 11.64
N LEU A 67 -12.24 6.37 11.08
CA LEU A 67 -12.96 7.64 11.05
C LEU A 67 -13.27 8.09 9.65
N THR A 68 -12.15 8.38 8.94
CA THR A 68 -12.01 8.92 7.60
C THR A 68 -12.15 7.79 6.64
N GLY A 69 -11.59 6.62 7.02
CA GLY A 69 -11.68 5.36 6.31
C GLY A 69 -12.97 4.59 6.40
N ARG A 70 -14.12 5.30 6.52
CA ARG A 70 -15.39 4.70 6.83
C ARG A 70 -16.51 5.49 6.16
N SER A 71 -17.53 4.83 5.57
CA SER A 71 -18.72 5.40 4.91
C SER A 71 -18.62 5.75 3.43
N MET A 72 -17.38 5.77 2.86
CA MET A 72 -17.05 6.10 1.47
C MET A 72 -17.05 7.61 1.19
N ASP A 73 -16.20 8.38 1.93
CA ASP A 73 -16.01 9.83 1.83
C ASP A 73 -14.90 10.15 0.83
N THR A 74 -15.16 9.83 -0.47
CA THR A 74 -14.32 9.97 -1.67
C THR A 74 -14.48 8.67 -2.42
N VAL A 75 -14.00 7.56 -1.76
CA VAL A 75 -14.00 6.14 -2.15
C VAL A 75 -12.59 5.64 -2.39
N SER A 76 -11.64 6.58 -2.66
CA SER A 76 -10.23 6.33 -2.92
C SER A 76 -9.38 6.98 -1.84
N TYR A 77 -9.90 6.97 -0.58
CA TYR A 77 -9.46 7.55 0.70
C TYR A 77 -8.04 7.26 1.21
N ASN A 78 -7.16 6.73 0.34
CA ASN A 78 -5.83 6.21 0.65
C ASN A 78 -4.97 6.35 -0.56
N PHE A 79 -5.51 6.00 -1.75
CA PHE A 79 -4.86 6.08 -3.06
C PHE A 79 -4.85 7.49 -3.65
N ALA A 80 -6.08 8.05 -3.75
CA ALA A 80 -6.37 9.40 -4.25
C ALA A 80 -6.36 10.48 -3.18
N THR A 81 -6.94 10.24 -1.95
CA THR A 81 -6.91 11.25 -0.86
C THR A 81 -5.60 11.19 -0.10
N GLU A 82 -4.97 9.99 -0.19
CA GLU A 82 -3.67 9.63 0.32
C GLU A 82 -3.59 9.12 1.79
N ILE A 83 -2.49 8.37 2.11
CA ILE A 83 -2.08 7.79 3.38
C ILE A 83 -1.01 8.70 4.01
N PRO A 84 0.04 8.40 4.87
CA PRO A 84 1.05 9.38 5.26
C PRO A 84 2.01 9.76 4.12
N SER A 85 2.29 11.08 3.94
CA SER A 85 3.18 11.69 2.93
C SER A 85 4.64 11.26 2.95
N THR A 86 5.09 10.68 4.10
CA THR A 86 6.43 10.12 4.36
C THR A 86 6.65 8.76 3.66
N ILE A 87 5.66 7.81 3.71
CA ILE A 87 5.64 6.51 3.01
C ILE A 87 5.44 6.66 1.47
N LEU A 88 4.75 7.75 1.01
CA LEU A 88 4.51 8.15 -0.39
C LEU A 88 5.78 8.39 -1.23
N LYS A 89 6.91 8.75 -0.54
CA LYS A 89 8.28 8.81 -1.04
C LYS A 89 8.85 7.38 -1.25
N LYS A 90 8.43 6.44 -0.35
CA LYS A 90 8.61 4.99 -0.37
C LYS A 90 7.80 4.30 -1.50
N LEU A 91 6.81 4.98 -2.18
CA LEU A 91 6.20 4.54 -3.50
C LEU A 91 7.25 4.36 -4.63
N ASN A 92 8.33 5.17 -4.63
CA ASN A 92 9.39 5.24 -5.63
C ASN A 92 10.75 4.48 -5.53
N PRO A 93 11.25 3.69 -4.55
CA PRO A 93 12.52 2.95 -4.60
C PRO A 93 12.49 1.68 -5.49
N TYR A 94 11.28 1.26 -5.99
CA TYR A 94 10.86 0.15 -6.85
C TYR A 94 11.69 -0.31 -8.07
N ARG A 95 10.95 -0.78 -9.10
CA ARG A 95 11.45 -1.22 -10.39
C ARG A 95 11.19 -0.09 -11.38
N LYS A 96 12.25 0.60 -11.89
CA LYS A 96 12.22 1.72 -12.83
C LYS A 96 13.23 2.71 -12.29
N MET A 97 12.90 3.28 -11.09
CA MET A 97 13.65 4.29 -10.32
C MET A 97 13.64 5.71 -10.91
N ALA A 98 13.85 5.80 -12.24
CA ALA A 98 13.88 6.96 -13.12
C ALA A 98 15.30 7.42 -13.39
N ARG A 99 15.57 8.75 -13.29
CA ARG A 99 16.86 9.36 -13.55
C ARG A 99 16.77 10.76 -12.99
N GLN A 1 1.87 2.97 18.05
CA GLN A 1 2.30 3.53 19.30
C GLN A 1 2.24 2.44 20.34
N ARG A 2 1.57 1.33 19.99
CA ARG A 2 1.35 0.16 20.82
C ARG A 2 1.98 -1.02 20.11
N VAL A 3 2.59 -1.95 20.89
CA VAL A 3 3.26 -3.21 20.53
C VAL A 3 2.32 -4.24 19.87
N LYS A 4 1.03 -4.24 20.32
CA LYS A 4 -0.09 -5.01 19.81
C LYS A 4 -0.56 -4.61 18.43
N ARG A 5 -0.38 -3.33 17.97
CA ARG A 5 -0.77 -2.82 16.65
C ARG A 5 -0.05 -3.41 15.45
N LEU A 6 1.18 -3.94 15.69
CA LEU A 6 2.01 -4.72 14.78
C LEU A 6 1.38 -6.09 14.42
N LEU A 7 0.96 -6.86 15.46
CA LEU A 7 0.35 -8.18 15.40
C LEU A 7 -1.19 -8.19 15.37
N SER A 8 -1.87 -7.06 15.78
CA SER A 8 -3.35 -6.85 15.71
C SER A 8 -3.82 -6.71 14.26
N ILE A 9 -2.83 -6.31 13.44
CA ILE A 9 -2.88 -6.11 12.00
C ILE A 9 -2.17 -7.26 11.31
N THR A 10 -0.80 -7.22 11.18
CA THR A 10 0.06 -8.14 10.42
C THR A 10 0.42 -9.40 11.19
N ASN A 11 -0.58 -10.26 11.45
CA ASN A 11 -0.48 -11.53 12.18
C ASN A 11 -1.92 -11.91 12.35
N ASP A 12 -2.70 -11.14 13.18
CA ASP A 12 -4.13 -11.31 13.40
C ASP A 12 -5.08 -11.08 12.19
N LYS A 13 -6.04 -10.10 12.23
CA LYS A 13 -7.11 -10.01 11.24
C LYS A 13 -6.91 -9.23 9.97
N HIS A 14 -5.82 -8.45 9.85
CA HIS A 14 -5.75 -7.45 8.80
C HIS A 14 -4.44 -7.56 8.04
N ASP A 15 -3.79 -8.76 7.98
CA ASP A 15 -2.55 -9.05 7.26
C ASP A 15 -2.72 -9.01 5.74
N GLU A 16 -3.88 -9.55 5.30
CA GLU A 16 -4.45 -9.57 3.96
C GLU A 16 -5.00 -8.24 3.49
N TYR A 17 -5.67 -7.47 4.41
CA TYR A 17 -6.23 -6.14 4.11
C TYR A 17 -5.17 -5.05 4.06
N LEU A 18 -4.06 -5.15 4.84
CA LEU A 18 -2.98 -4.15 4.83
C LEU A 18 -2.18 -4.05 3.54
N THR A 19 -1.62 -5.09 2.87
CA THR A 19 -1.00 -4.90 1.57
C THR A 19 -1.92 -4.42 0.44
N GLU A 20 -3.21 -4.86 0.32
CA GLU A 20 -4.27 -4.44 -0.64
C GLU A 20 -4.57 -2.92 -0.85
N MET A 21 -4.70 -2.09 0.25
CA MET A 21 -4.82 -0.60 0.26
C MET A 21 -3.70 0.09 -0.51
N VAL A 22 -2.51 -0.55 -0.40
CA VAL A 22 -1.32 -0.20 -1.16
C VAL A 22 -1.35 -0.60 -2.65
N PRO A 23 -1.51 -1.74 -3.41
CA PRO A 23 -1.72 -1.78 -4.87
C PRO A 23 -2.85 -0.90 -5.41
N LEU A 24 -3.84 -0.40 -4.58
CA LEU A 24 -4.64 0.76 -5.05
C LEU A 24 -3.77 2.06 -5.18
N LEU A 25 -2.94 2.42 -4.16
CA LEU A 25 -1.95 3.51 -4.16
C LEU A 25 -0.68 3.34 -5.03
N VAL A 26 0.12 2.26 -4.88
CA VAL A 26 1.32 1.94 -5.64
C VAL A 26 1.10 1.44 -7.05
N GLU A 27 -0.04 0.71 -7.36
CA GLU A 27 -0.40 0.27 -8.72
C GLU A 27 -1.02 1.42 -9.53
N PHE A 28 -1.75 2.41 -8.85
CA PHE A 28 -2.12 3.77 -9.37
C PHE A 28 -0.88 4.52 -9.94
N ALA A 29 0.20 4.48 -9.13
CA ALA A 29 1.54 5.00 -9.38
C ALA A 29 2.33 4.24 -10.45
N LYS A 30 2.55 2.91 -10.26
CA LYS A 30 3.27 1.97 -11.14
C LYS A 30 2.79 1.92 -12.59
N ASP A 31 1.53 2.32 -12.86
CA ASP A 31 0.92 2.48 -14.20
C ASP A 31 1.62 3.56 -15.07
N GLU A 32 2.29 4.54 -14.38
CA GLU A 32 3.07 5.66 -14.89
C GLU A 32 4.45 5.35 -15.44
N CYS A 33 5.16 4.37 -14.82
CA CYS A 33 6.58 4.04 -14.97
C CYS A 33 7.09 3.43 -16.25
N HIS A 34 6.38 3.57 -17.39
CA HIS A 34 6.71 3.02 -18.71
C HIS A 34 6.01 1.70 -19.00
N ASN A 35 5.56 0.97 -17.95
CA ASN A 35 4.93 -0.33 -18.12
C ASN A 35 3.73 -0.40 -17.18
N PRO A 36 2.55 -0.92 -17.51
CA PRO A 36 1.44 -1.01 -16.57
C PRO A 36 1.53 -2.28 -15.69
N PHE A 37 2.71 -2.60 -15.05
CA PHE A 37 3.08 -3.71 -14.13
C PHE A 37 2.58 -5.14 -14.41
N ILE A 38 1.94 -5.38 -15.56
CA ILE A 38 1.25 -6.59 -15.99
C ILE A 38 2.17 -7.54 -16.75
N ASP A 39 1.99 -8.87 -16.47
CA ASP A 39 2.79 -9.98 -16.99
C ASP A 39 2.00 -10.93 -17.89
N LYS A 40 2.55 -12.15 -18.10
CA LYS A 40 2.07 -13.25 -18.95
C LYS A 40 0.72 -13.90 -18.62
N ASP A 41 0.23 -13.86 -17.36
CA ASP A 41 -1.06 -14.47 -16.97
C ASP A 41 -2.08 -13.37 -16.69
N GLY A 42 -1.67 -12.12 -17.02
CA GLY A 42 -2.37 -10.84 -16.90
C GLY A 42 -2.56 -10.32 -15.50
N ASN A 43 -1.60 -10.70 -14.65
CA ASN A 43 -1.49 -10.38 -13.24
C ASN A 43 -0.66 -9.13 -13.06
N GLU A 44 -0.82 -8.45 -11.89
CA GLU A 44 -0.10 -7.26 -11.43
C GLU A 44 1.23 -7.66 -10.82
N SER A 45 2.27 -6.79 -10.82
CA SER A 45 3.60 -7.20 -10.38
C SER A 45 4.12 -6.22 -9.34
N ILE A 46 4.59 -6.71 -8.15
CA ILE A 46 5.07 -5.91 -7.03
C ILE A 46 6.56 -6.27 -6.81
N PRO A 47 7.52 -5.33 -6.92
CA PRO A 47 8.96 -5.53 -6.67
C PRO A 47 9.33 -5.47 -5.16
N SER A 48 10.64 -5.59 -4.79
CA SER A 48 11.19 -5.64 -3.41
C SER A 48 11.07 -4.33 -2.58
N GLY A 49 11.45 -3.16 -3.16
CA GLY A 49 11.33 -1.80 -2.52
C GLY A 49 9.90 -1.30 -2.42
N VAL A 50 9.06 -1.67 -3.43
CA VAL A 50 7.61 -1.43 -3.42
C VAL A 50 6.82 -2.35 -2.46
N LEU A 51 7.40 -3.55 -2.12
CA LEU A 51 6.94 -4.47 -1.06
C LEU A 51 7.11 -3.85 0.34
N ILE A 52 8.28 -3.18 0.66
CA ILE A 52 8.43 -2.44 1.93
C ILE A 52 7.52 -1.21 2.05
N PHE A 53 7.15 -0.56 0.90
CA PHE A 53 6.11 0.48 0.79
C PHE A 53 4.72 -0.06 1.14
N VAL A 54 4.24 -1.20 0.54
CA VAL A 54 2.92 -1.83 0.82
C VAL A 54 2.65 -2.13 2.30
N ALA A 55 3.49 -3.01 2.95
CA ALA A 55 3.51 -3.31 4.37
C ALA A 55 3.57 -2.11 5.35
N LYS A 56 4.59 -1.18 5.23
CA LYS A 56 4.70 -0.03 6.13
C LYS A 56 3.71 1.12 5.92
N ALA A 57 3.31 1.47 4.65
CA ALA A 57 2.29 2.49 4.33
C ALA A 57 0.92 2.21 4.94
N ALA A 58 0.55 0.90 4.81
CA ALA A 58 -0.62 0.30 5.36
C ALA A 58 -0.68 0.20 6.88
N GLN A 59 0.44 -0.12 7.60
CA GLN A 59 0.47 -0.08 9.07
C GLN A 59 0.33 1.32 9.67
N PHE A 60 0.68 2.44 8.94
CA PHE A 60 0.28 3.78 9.46
C PHE A 60 -1.22 4.10 9.32
N TYR A 61 -1.69 4.02 8.05
CA TYR A 61 -3.00 4.36 7.57
C TYR A 61 -4.19 3.47 7.89
N MET A 62 -4.02 2.11 8.00
CA MET A 62 -5.11 1.15 8.21
C MET A 62 -5.69 1.17 9.62
N THR A 63 -4.83 1.38 10.66
CA THR A 63 -5.21 1.47 12.09
C THR A 63 -6.08 2.70 12.47
N ASN A 64 -6.27 3.63 11.52
CA ASN A 64 -7.16 4.77 11.60
C ASN A 64 -8.14 4.74 10.44
N ALA A 65 -7.70 4.69 9.15
CA ALA A 65 -8.62 4.75 8.04
C ALA A 65 -9.17 3.44 7.50
N GLY A 66 -8.95 2.34 8.25
CA GLY A 66 -9.81 1.17 8.15
C GLY A 66 -11.00 1.32 9.07
N LEU A 67 -10.97 2.33 9.99
CA LEU A 67 -12.01 2.62 10.97
C LEU A 67 -12.75 3.93 10.95
N THR A 68 -12.00 5.07 10.91
CA THR A 68 -12.49 6.45 10.90
C THR A 68 -12.08 7.01 9.56
N GLY A 69 -12.16 6.13 8.52
CA GLY A 69 -11.63 6.31 7.17
C GLY A 69 -12.42 7.25 6.27
N ARG A 70 -13.77 7.11 6.31
CA ARG A 70 -14.76 8.03 5.71
C ARG A 70 -15.12 7.66 4.28
N SER A 71 -15.22 6.34 4.08
CA SER A 71 -15.59 5.62 2.90
C SER A 71 -15.60 4.20 3.47
N MET A 72 -16.05 3.17 2.71
CA MET A 72 -16.16 1.79 3.20
C MET A 72 -14.90 0.94 2.91
N ASP A 73 -14.98 -0.13 2.08
CA ASP A 73 -13.87 -1.03 1.71
C ASP A 73 -13.12 -0.55 0.46
N THR A 74 -13.74 -0.65 -0.73
CA THR A 74 -13.20 -0.08 -1.96
C THR A 74 -14.43 0.28 -2.78
N VAL A 75 -15.00 1.45 -2.41
CA VAL A 75 -16.23 2.00 -2.98
C VAL A 75 -15.82 3.27 -3.72
N SER A 76 -15.76 4.42 -3.00
CA SER A 76 -15.26 5.71 -3.50
C SER A 76 -14.03 5.97 -2.66
N TYR A 77 -12.85 5.37 -3.04
CA TYR A 77 -11.64 5.37 -2.24
C TYR A 77 -10.60 6.45 -2.47
N ASN A 78 -9.85 6.65 -1.36
CA ASN A 78 -8.84 7.64 -1.08
C ASN A 78 -7.39 7.23 -1.35
N PHE A 79 -7.12 5.94 -1.75
CA PHE A 79 -5.77 5.38 -1.88
C PHE A 79 -4.86 6.01 -2.94
N ALA A 80 -5.44 6.81 -3.86
CA ALA A 80 -4.78 7.60 -4.86
C ALA A 80 -4.39 9.01 -4.36
N THR A 81 -5.02 9.51 -3.25
CA THR A 81 -4.81 10.88 -2.77
C THR A 81 -4.62 11.11 -1.26
N GLU A 82 -4.69 10.12 -0.32
CA GLU A 82 -4.50 10.44 1.12
C GLU A 82 -3.18 9.88 1.65
N ILE A 83 -3.21 8.83 2.54
CA ILE A 83 -2.09 8.03 3.13
C ILE A 83 -0.97 8.82 3.86
N PRO A 84 0.10 8.25 4.51
CA PRO A 84 1.27 9.03 4.97
C PRO A 84 2.09 9.61 3.80
N SER A 85 2.17 10.96 3.68
CA SER A 85 2.82 11.71 2.59
C SER A 85 4.35 11.66 2.54
N THR A 86 4.96 10.93 3.51
CA THR A 86 6.38 10.57 3.62
C THR A 86 6.68 9.29 2.84
N ILE A 87 5.79 8.25 2.92
CA ILE A 87 5.88 6.93 2.25
C ILE A 87 5.66 7.03 0.73
N LEU A 88 4.91 8.08 0.30
CA LEU A 88 4.75 8.62 -1.07
C LEU A 88 6.07 8.90 -1.84
N LYS A 89 7.19 9.14 -1.11
CA LYS A 89 8.57 9.21 -1.61
C LYS A 89 9.13 7.81 -1.93
N LYS A 90 8.72 6.77 -1.13
CA LYS A 90 9.03 5.34 -1.17
C LYS A 90 8.20 4.60 -2.22
N LEU A 91 7.12 5.24 -2.76
CA LEU A 91 6.36 4.86 -3.98
C LEU A 91 7.24 4.78 -5.23
N ASN A 92 8.15 5.78 -5.38
CA ASN A 92 9.12 6.06 -6.44
C ASN A 92 10.17 4.97 -6.73
N PRO A 93 10.71 4.20 -5.77
CA PRO A 93 11.32 2.87 -5.92
C PRO A 93 10.55 1.80 -6.73
N TYR A 94 9.26 1.99 -7.18
CA TYR A 94 8.40 1.16 -8.03
C TYR A 94 8.96 0.54 -9.34
N ARG A 95 10.07 -0.25 -9.20
CA ARG A 95 10.81 -1.03 -10.22
C ARG A 95 11.46 -0.25 -11.35
N LYS A 96 10.65 0.19 -12.36
CA LYS A 96 11.02 0.81 -13.61
C LYS A 96 11.39 2.29 -13.51
N MET A 97 12.33 2.59 -12.57
CA MET A 97 12.90 3.87 -12.16
C MET A 97 13.74 4.61 -13.23
N ALA A 98 13.19 4.81 -14.46
CA ALA A 98 13.81 5.53 -15.56
C ALA A 98 13.14 6.89 -15.76
N ARG A 99 12.06 7.16 -14.99
CA ARG A 99 11.25 8.36 -15.05
C ARG A 99 10.44 8.43 -13.77
N GLN A 1 4.80 2.31 15.26
CA GLN A 1 5.64 2.82 16.31
C GLN A 1 5.22 2.15 17.61
N ARG A 2 4.29 1.18 17.51
CA ARG A 2 3.79 0.36 18.60
C ARG A 2 4.17 -1.05 18.21
N VAL A 3 4.86 -1.82 19.09
CA VAL A 3 5.42 -3.17 18.88
C VAL A 3 4.43 -4.25 18.39
N LYS A 4 3.20 -4.32 19.00
CA LYS A 4 2.10 -5.20 18.61
C LYS A 4 1.49 -4.88 17.26
N ARG A 5 1.52 -3.59 16.80
CA ARG A 5 0.97 -3.10 15.52
C ARG A 5 1.59 -3.76 14.27
N LEU A 6 2.86 -4.24 14.42
CA LEU A 6 3.69 -4.91 13.45
C LEU A 6 3.25 -6.32 13.11
N LEU A 7 2.81 -7.09 14.14
CA LEU A 7 2.23 -8.41 14.02
C LEU A 7 0.69 -8.46 14.14
N SER A 8 0.00 -7.41 14.70
CA SER A 8 -1.46 -7.30 14.89
C SER A 8 -2.20 -6.97 13.61
N ILE A 9 -1.44 -6.50 12.62
CA ILE A 9 -1.86 -6.04 11.30
C ILE A 9 -1.17 -6.81 10.19
N THR A 10 0.16 -6.62 9.96
CA THR A 10 0.94 -7.30 8.90
C THR A 10 1.56 -8.57 9.48
N ASN A 11 0.74 -9.64 9.53
CA ASN A 11 1.03 -10.98 10.06
C ASN A 11 -0.34 -11.53 10.34
N ASP A 12 -1.13 -10.88 11.26
CA ASP A 12 -2.55 -11.18 11.57
C ASP A 12 -3.55 -11.00 10.39
N LYS A 13 -4.79 -10.49 10.62
CA LYS A 13 -5.87 -10.52 9.63
C LYS A 13 -5.97 -9.40 8.64
N HIS A 14 -5.36 -8.25 8.98
CA HIS A 14 -5.45 -7.02 8.26
C HIS A 14 -4.46 -6.96 7.11
N ASP A 15 -3.53 -7.96 7.00
CA ASP A 15 -2.47 -8.16 6.02
C ASP A 15 -2.97 -8.16 4.56
N GLU A 16 -4.10 -8.87 4.34
CA GLU A 16 -4.88 -8.93 3.11
C GLU A 16 -5.68 -7.65 2.83
N TYR A 17 -6.15 -6.96 3.90
CA TYR A 17 -6.90 -5.69 3.84
C TYR A 17 -6.02 -4.47 3.56
N LEU A 18 -4.91 -4.31 4.33
CA LEU A 18 -3.93 -3.24 4.22
C LEU A 18 -3.06 -3.35 3.02
N THR A 19 -2.49 -4.52 2.63
CA THR A 19 -1.75 -4.67 1.38
C THR A 19 -2.43 -4.31 0.03
N GLU A 20 -3.78 -4.51 -0.17
CA GLU A 20 -4.64 -4.14 -1.33
C GLU A 20 -4.82 -2.62 -1.62
N MET A 21 -4.86 -1.78 -0.51
CA MET A 21 -4.80 -0.29 -0.35
C MET A 21 -3.68 0.28 -1.21
N VAL A 22 -2.59 -0.49 -1.15
CA VAL A 22 -1.43 -0.31 -1.98
C VAL A 22 -1.59 -0.78 -3.43
N PRO A 23 -1.83 -1.94 -4.11
CA PRO A 23 -2.00 -2.00 -5.58
C PRO A 23 -3.01 -1.07 -6.26
N LEU A 24 -4.09 -0.47 -5.66
CA LEU A 24 -4.69 0.69 -6.43
C LEU A 24 -3.79 1.97 -6.36
N LEU A 25 -3.16 2.27 -5.17
CA LEU A 25 -2.14 3.34 -5.00
C LEU A 25 -0.81 3.18 -5.78
N VAL A 26 -0.10 2.03 -5.68
CA VAL A 26 1.14 1.66 -6.36
C VAL A 26 0.94 1.35 -7.80
N GLU A 27 -0.11 0.60 -8.22
CA GLU A 27 -0.27 0.22 -9.63
C GLU A 27 -0.70 1.42 -10.51
N PHE A 28 -1.56 2.35 -9.97
CA PHE A 28 -1.91 3.65 -10.61
C PHE A 28 -0.72 4.61 -10.75
N ALA A 29 0.01 4.84 -9.62
CA ALA A 29 1.16 5.72 -9.49
C ALA A 29 2.41 5.22 -10.20
N LYS A 30 2.64 3.88 -10.15
CA LYS A 30 3.70 3.15 -10.80
C LYS A 30 3.56 3.03 -12.31
N ASP A 31 2.31 3.19 -12.89
CA ASP A 31 1.98 3.17 -14.35
C ASP A 31 2.81 4.11 -15.23
N GLU A 32 3.34 5.14 -14.57
CA GLU A 32 4.29 6.19 -14.87
C GLU A 32 5.75 5.77 -15.18
N CYS A 33 6.19 4.52 -14.81
CA CYS A 33 7.61 4.12 -14.79
C CYS A 33 8.12 3.20 -15.88
N HIS A 34 7.45 3.07 -17.05
CA HIS A 34 7.78 2.22 -18.23
C HIS A 34 6.97 0.94 -18.27
N ASN A 35 6.80 0.27 -17.11
CA ASN A 35 6.24 -1.07 -17.00
C ASN A 35 4.73 -1.17 -16.76
N PRO A 36 4.03 -2.24 -17.15
CA PRO A 36 2.61 -2.43 -16.85
C PRO A 36 2.38 -3.13 -15.49
N PHE A 37 3.42 -3.69 -14.77
CA PHE A 37 3.39 -4.38 -13.46
C PHE A 37 2.27 -5.42 -13.23
N ILE A 38 1.96 -6.21 -14.30
CA ILE A 38 0.97 -7.27 -14.38
C ILE A 38 1.74 -8.38 -15.08
N ASP A 39 1.56 -9.66 -14.67
CA ASP A 39 2.26 -10.81 -15.24
C ASP A 39 1.30 -11.77 -15.92
N LYS A 40 1.84 -12.87 -16.53
CA LYS A 40 1.19 -13.95 -17.29
C LYS A 40 -0.03 -14.69 -16.70
N ASP A 41 -0.24 -14.64 -15.36
CA ASP A 41 -1.36 -15.27 -14.66
C ASP A 41 -2.42 -14.21 -14.33
N GLY A 42 -2.08 -12.93 -14.62
CA GLY A 42 -2.81 -11.68 -14.37
C GLY A 42 -2.73 -11.19 -12.95
N ASN A 43 -1.58 -11.52 -12.30
CA ASN A 43 -1.19 -11.15 -10.97
C ASN A 43 -0.33 -9.90 -11.13
N GLU A 44 -0.30 -9.05 -10.07
CA GLU A 44 0.32 -7.75 -9.97
C GLU A 44 1.79 -7.78 -9.55
N SER A 45 2.63 -6.79 -9.97
CA SER A 45 4.09 -6.83 -9.66
C SER A 45 4.42 -6.06 -8.39
N ILE A 46 4.55 -6.77 -7.25
CA ILE A 46 5.01 -6.22 -5.99
C ILE A 46 6.46 -6.70 -5.79
N PRO A 47 7.53 -5.90 -6.08
CA PRO A 47 8.91 -6.21 -5.71
C PRO A 47 9.18 -5.90 -4.22
N SER A 48 10.40 -6.19 -3.70
CA SER A 48 10.85 -6.03 -2.30
C SER A 48 10.73 -4.64 -1.64
N GLY A 49 11.11 -3.53 -2.34
CA GLY A 49 10.97 -2.13 -1.84
C GLY A 49 9.53 -1.64 -1.80
N VAL A 50 8.75 -1.94 -2.90
CA VAL A 50 7.32 -1.65 -2.99
C VAL A 50 6.45 -2.44 -1.98
N LEU A 51 6.90 -3.68 -1.56
CA LEU A 51 6.32 -4.55 -0.50
C LEU A 51 6.49 -3.97 0.89
N ILE A 52 7.70 -3.42 1.27
CA ILE A 52 7.92 -2.76 2.61
C ILE A 52 7.04 -1.53 2.79
N PHE A 53 6.83 -0.82 1.64
CA PHE A 53 5.92 0.28 1.39
C PHE A 53 4.47 -0.19 1.58
N VAL A 54 3.94 -1.27 0.89
CA VAL A 54 2.55 -1.76 1.06
C VAL A 54 2.09 -2.04 2.51
N ALA A 55 2.86 -2.91 3.21
CA ALA A 55 2.86 -3.26 4.63
C ALA A 55 2.92 -2.07 5.60
N LYS A 56 3.94 -1.15 5.56
CA LYS A 56 4.01 0.00 6.47
C LYS A 56 3.07 1.15 6.18
N ALA A 57 2.69 1.38 4.88
CA ALA A 57 1.81 2.43 4.35
C ALA A 57 0.43 2.40 4.88
N ALA A 58 -0.20 1.21 4.66
CA ALA A 58 -1.53 0.89 5.05
C ALA A 58 -1.65 0.50 6.52
N GLN A 59 -0.61 -0.13 7.15
CA GLN A 59 -0.55 -0.42 8.60
C GLN A 59 -0.50 0.83 9.47
N PHE A 60 0.13 1.90 8.92
CA PHE A 60 0.14 3.27 9.43
C PHE A 60 -1.22 3.96 9.20
N TYR A 61 -1.77 4.02 7.93
CA TYR A 61 -3.04 4.70 7.68
C TYR A 61 -4.30 4.05 8.25
N MET A 62 -4.56 2.75 7.95
CA MET A 62 -5.70 1.91 8.31
C MET A 62 -5.96 1.74 9.80
N THR A 63 -4.89 1.82 10.62
CA THR A 63 -4.83 1.68 12.10
C THR A 63 -5.07 3.00 12.84
N ASN A 64 -5.23 4.10 12.07
CA ASN A 64 -5.51 5.48 12.48
C ASN A 64 -4.35 6.46 12.39
N ALA A 65 -4.11 6.98 11.14
CA ALA A 65 -3.23 8.11 10.82
C ALA A 65 -3.60 9.41 11.50
N GLY A 66 -4.93 9.62 11.72
CA GLY A 66 -5.39 10.69 12.59
C GLY A 66 -6.80 11.07 12.32
N LEU A 67 -7.30 10.81 11.09
CA LEU A 67 -8.63 11.19 10.66
C LEU A 67 -9.51 10.02 10.31
N THR A 68 -9.36 9.48 9.09
CA THR A 68 -10.26 8.50 8.46
C THR A 68 -9.56 7.19 8.23
N GLY A 69 -8.63 6.91 9.14
CA GLY A 69 -7.79 5.74 9.28
C GLY A 69 -8.51 4.68 10.11
N ARG A 70 -9.28 3.71 9.51
CA ARG A 70 -10.18 2.74 10.14
C ARG A 70 -11.55 3.02 9.55
N SER A 71 -11.87 4.30 9.22
CA SER A 71 -13.18 4.78 8.75
C SER A 71 -13.54 4.44 7.30
N MET A 72 -13.63 3.12 7.00
CA MET A 72 -13.91 2.55 5.69
C MET A 72 -15.40 2.31 5.50
N ASP A 73 -16.12 3.35 5.04
CA ASP A 73 -17.57 3.39 4.82
C ASP A 73 -17.82 3.40 3.32
N THR A 74 -17.42 2.31 2.64
CA THR A 74 -17.58 2.06 1.20
C THR A 74 -16.99 0.69 0.99
N VAL A 75 -15.63 0.59 1.03
CA VAL A 75 -14.82 -0.64 0.91
C VAL A 75 -14.61 -1.14 -0.53
N SER A 76 -14.44 -0.12 -1.40
CA SER A 76 -14.10 -0.14 -2.81
C SER A 76 -13.58 1.28 -2.98
N TYR A 77 -12.59 1.59 -2.11
CA TYR A 77 -12.09 2.91 -1.77
C TYR A 77 -10.89 3.49 -2.54
N ASN A 78 -10.80 4.83 -2.41
CA ASN A 78 -9.96 5.87 -2.99
C ASN A 78 -8.47 5.97 -2.66
N PHE A 79 -7.72 4.84 -2.58
CA PHE A 79 -6.38 4.71 -1.97
C PHE A 79 -5.28 5.77 -2.10
N ALA A 80 -5.23 6.47 -3.27
CA ALA A 80 -4.33 7.56 -3.64
C ALA A 80 -4.40 8.81 -2.74
N THR A 81 -5.62 9.12 -2.25
CA THR A 81 -5.95 10.30 -1.43
C THR A 81 -5.71 10.12 0.06
N GLU A 82 -5.37 8.91 0.55
CA GLU A 82 -5.26 8.62 1.98
C GLU A 82 -3.83 8.69 2.56
N ILE A 83 -3.09 7.54 2.55
CA ILE A 83 -1.73 7.18 2.97
C ILE A 83 -0.64 8.23 3.36
N PRO A 84 0.22 8.04 4.41
CA PRO A 84 1.11 9.07 4.98
C PRO A 84 2.23 9.66 4.11
N SER A 85 2.58 10.95 4.42
CA SER A 85 3.57 11.89 3.85
C SER A 85 4.98 11.38 3.55
N THR A 86 5.53 10.46 4.39
CA THR A 86 6.83 9.79 4.22
C THR A 86 6.69 8.58 3.33
N ILE A 87 5.71 7.67 3.66
CA ILE A 87 5.48 6.38 3.02
C ILE A 87 5.05 6.56 1.54
N LEU A 88 4.22 7.59 1.21
CA LEU A 88 3.89 8.03 -0.15
C LEU A 88 5.09 8.46 -1.04
N LYS A 89 6.21 8.94 -0.43
CA LYS A 89 7.51 9.19 -1.10
C LYS A 89 8.28 7.86 -1.28
N LYS A 90 8.03 6.90 -0.34
CA LYS A 90 8.37 5.48 -0.31
C LYS A 90 7.63 4.64 -1.37
N LEU A 91 6.56 5.22 -2.05
CA LEU A 91 5.89 4.69 -3.28
C LEU A 91 6.89 4.50 -4.43
N ASN A 92 7.83 5.46 -4.54
CA ASN A 92 8.84 5.59 -5.58
C ASN A 92 10.16 4.80 -5.54
N PRO A 93 10.87 4.29 -4.51
CA PRO A 93 12.17 3.59 -4.66
C PRO A 93 12.14 2.19 -5.35
N TYR A 94 10.93 1.60 -5.61
CA TYR A 94 10.52 0.33 -6.26
C TYR A 94 11.43 -0.46 -7.23
N ARG A 95 10.83 -1.03 -8.30
CA ARG A 95 11.54 -1.75 -9.38
C ARG A 95 12.07 -0.84 -10.50
N LYS A 96 11.21 -0.17 -11.32
CA LYS A 96 11.60 0.69 -12.46
C LYS A 96 12.04 2.11 -12.12
N MET A 97 12.79 2.24 -11.00
CA MET A 97 13.45 3.43 -10.49
C MET A 97 14.87 3.51 -11.04
N ALA A 98 15.60 2.36 -10.90
CA ALA A 98 16.98 2.10 -11.29
C ALA A 98 17.97 2.34 -10.15
N ARG A 99 17.58 2.00 -8.90
CA ARG A 99 18.41 2.10 -7.70
C ARG A 99 18.87 0.70 -7.30
N GLN A 1 -0.31 -5.66 25.17
CA GLN A 1 -1.11 -5.55 23.97
C GLN A 1 -0.23 -4.88 22.94
N ARG A 2 0.65 -3.95 23.39
CA ARG A 2 1.57 -3.12 22.60
C ARG A 2 2.59 -3.87 21.74
N VAL A 3 3.11 -5.03 22.22
CA VAL A 3 4.01 -5.95 21.52
C VAL A 3 3.32 -6.75 20.41
N LYS A 4 2.08 -7.29 20.68
CA LYS A 4 1.20 -8.00 19.74
C LYS A 4 0.61 -7.12 18.67
N ARG A 5 0.40 -5.80 18.96
CA ARG A 5 -0.11 -4.76 18.06
C ARG A 5 0.67 -4.57 16.75
N LEU A 6 2.00 -4.87 16.77
CA LEU A 6 2.95 -4.87 15.66
C LEU A 6 2.71 -6.00 14.64
N LEU A 7 2.57 -7.25 15.11
CA LEU A 7 2.31 -8.43 14.31
C LEU A 7 0.80 -8.71 14.10
N SER A 8 -0.10 -7.97 14.84
CA SER A 8 -1.57 -8.02 14.78
C SER A 8 -2.17 -7.63 13.41
N ILE A 9 -1.32 -7.02 12.54
CA ILE A 9 -1.71 -6.63 11.17
C ILE A 9 -0.76 -7.12 10.09
N THR A 10 0.49 -6.60 10.08
CA THR A 10 1.55 -6.87 9.11
C THR A 10 2.38 -8.03 9.64
N ASN A 11 1.73 -9.22 9.60
CA ASN A 11 2.21 -10.52 10.02
C ASN A 11 0.96 -11.36 10.06
N ASP A 12 -0.04 -11.07 10.95
CA ASP A 12 -1.35 -11.75 10.99
C ASP A 12 -2.27 -11.55 9.76
N LYS A 13 -3.58 -11.23 9.90
CA LYS A 13 -4.53 -11.31 8.80
C LYS A 13 -4.67 -10.12 7.88
N HIS A 14 -4.65 -8.91 8.48
CA HIS A 14 -4.80 -7.58 7.88
C HIS A 14 -3.74 -7.18 6.85
N ASP A 15 -2.67 -8.03 6.71
CA ASP A 15 -1.61 -8.03 5.71
C ASP A 15 -2.18 -8.23 4.29
N GLU A 16 -3.30 -9.01 4.18
CA GLU A 16 -4.11 -9.10 2.95
C GLU A 16 -4.92 -7.83 2.68
N TYR A 17 -5.64 -7.28 3.72
CA TYR A 17 -6.40 -6.03 3.64
C TYR A 17 -5.56 -4.78 3.37
N LEU A 18 -4.43 -4.53 4.11
CA LEU A 18 -3.59 -3.34 3.86
C LEU A 18 -2.83 -3.40 2.55
N THR A 19 -2.07 -4.48 2.22
CA THR A 19 -1.60 -4.81 0.87
C THR A 19 -2.63 -4.73 -0.30
N GLU A 20 -3.97 -5.00 -0.18
CA GLU A 20 -4.99 -4.68 -1.24
C GLU A 20 -5.18 -3.14 -1.63
N MET A 21 -5.00 -2.20 -0.64
CA MET A 21 -4.95 -0.73 -0.80
C MET A 21 -3.80 -0.29 -1.74
N VAL A 22 -2.77 -1.19 -1.79
CA VAL A 22 -1.60 -1.19 -2.65
C VAL A 22 -1.83 -1.57 -4.10
N PRO A 23 -2.45 -2.56 -4.84
CA PRO A 23 -2.74 -2.37 -6.26
C PRO A 23 -3.71 -1.20 -6.52
N LEU A 24 -4.52 -0.70 -5.52
CA LEU A 24 -5.16 0.62 -5.77
C LEU A 24 -4.16 1.84 -5.88
N LEU A 25 -3.31 2.13 -4.84
CA LEU A 25 -2.26 3.16 -4.78
C LEU A 25 -1.03 2.89 -5.63
N VAL A 26 -0.41 1.71 -5.48
CA VAL A 26 0.77 1.25 -6.21
C VAL A 26 0.50 0.94 -7.66
N GLU A 27 -0.72 0.47 -8.11
CA GLU A 27 -0.96 0.27 -9.55
C GLU A 27 -1.24 1.64 -10.22
N PHE A 28 -1.97 2.57 -9.50
CA PHE A 28 -2.14 3.98 -9.90
C PHE A 28 -0.82 4.80 -10.10
N ALA A 29 0.02 4.84 -9.03
CA ALA A 29 1.30 5.50 -8.84
C ALA A 29 2.48 4.94 -9.59
N LYS A 30 2.61 3.57 -9.56
CA LYS A 30 3.68 2.84 -10.22
C LYS A 30 3.61 2.69 -11.72
N ASP A 31 2.39 2.53 -12.33
CA ASP A 31 2.08 2.35 -13.79
C ASP A 31 2.65 3.45 -14.68
N GLU A 32 2.91 4.61 -14.03
CA GLU A 32 3.61 5.81 -14.42
C GLU A 32 5.08 5.62 -14.84
N CYS A 33 5.74 4.48 -14.47
CA CYS A 33 7.16 4.27 -14.77
C CYS A 33 7.53 3.31 -15.89
N HIS A 34 6.64 2.99 -16.87
CA HIS A 34 6.92 2.12 -18.02
C HIS A 34 6.41 0.70 -17.84
N ASN A 35 6.48 0.22 -16.59
CA ASN A 35 6.12 -1.10 -16.10
C ASN A 35 4.61 -1.30 -15.89
N PRO A 36 3.94 -2.36 -16.39
CA PRO A 36 2.55 -2.66 -16.07
C PRO A 36 2.41 -3.41 -14.73
N PHE A 37 3.48 -4.16 -14.31
CA PHE A 37 3.64 -5.06 -13.14
C PHE A 37 2.44 -6.00 -12.84
N ILE A 38 2.11 -6.88 -13.84
CA ILE A 38 1.05 -7.87 -13.83
C ILE A 38 1.72 -9.24 -13.82
N ASP A 39 1.07 -10.26 -13.22
CA ASP A 39 1.56 -11.64 -13.12
C ASP A 39 0.88 -12.56 -14.12
N LYS A 40 1.26 -13.87 -14.16
CA LYS A 40 0.74 -14.90 -15.06
C LYS A 40 -0.65 -15.45 -14.72
N ASP A 41 -1.17 -15.13 -13.50
CA ASP A 41 -2.49 -15.49 -12.96
C ASP A 41 -3.42 -14.28 -13.07
N GLY A 42 -2.81 -13.11 -13.40
CA GLY A 42 -3.43 -11.82 -13.66
C GLY A 42 -3.62 -10.89 -12.49
N ASN A 43 -2.86 -11.08 -11.38
CA ASN A 43 -2.83 -10.16 -10.25
C ASN A 43 -1.70 -9.17 -10.47
N GLU A 44 -1.65 -8.08 -9.67
CA GLU A 44 -0.65 -7.02 -9.72
C GLU A 44 0.57 -7.43 -8.88
N SER A 45 1.77 -7.01 -9.32
CA SER A 45 3.06 -7.54 -8.84
C SER A 45 3.91 -6.52 -8.07
N ILE A 46 4.66 -6.95 -6.99
CA ILE A 46 5.40 -6.10 -6.06
C ILE A 46 6.94 -6.36 -6.06
N PRO A 47 7.81 -5.37 -6.42
CA PRO A 47 9.28 -5.33 -6.23
C PRO A 47 9.69 -5.12 -4.75
N SER A 48 11.00 -5.15 -4.37
CA SER A 48 11.53 -5.03 -3.00
C SER A 48 11.41 -3.66 -2.30
N GLY A 49 11.85 -2.55 -2.98
CA GLY A 49 11.70 -1.14 -2.47
C GLY A 49 10.25 -0.68 -2.37
N VAL A 50 9.42 -1.28 -3.26
CA VAL A 50 7.99 -1.17 -3.30
C VAL A 50 7.32 -2.07 -2.24
N LEU A 51 7.95 -3.16 -1.73
CA LEU A 51 7.44 -4.01 -0.63
C LEU A 51 7.44 -3.27 0.72
N ILE A 52 8.55 -2.53 1.02
CA ILE A 52 8.64 -1.60 2.18
C ILE A 52 7.67 -0.41 2.07
N PHE A 53 7.47 0.14 0.82
CA PHE A 53 6.44 1.15 0.52
C PHE A 53 5.00 0.63 0.79
N VAL A 54 4.56 -0.47 0.13
CA VAL A 54 3.20 -1.01 0.13
C VAL A 54 2.67 -1.45 1.48
N ALA A 55 3.38 -2.38 2.17
CA ALA A 55 3.18 -2.76 3.56
C ALA A 55 3.18 -1.63 4.59
N LYS A 56 4.19 -0.68 4.61
CA LYS A 56 4.22 0.43 5.55
C LYS A 56 3.26 1.57 5.25
N ALA A 57 2.88 1.80 3.95
CA ALA A 57 1.88 2.74 3.45
C ALA A 57 0.51 2.48 4.00
N ALA A 58 0.14 1.19 3.92
CA ALA A 58 -1.12 0.67 4.28
C ALA A 58 -1.29 0.50 5.78
N GLN A 59 -0.22 0.13 6.56
CA GLN A 59 -0.25 0.12 8.04
C GLN A 59 -0.25 1.53 8.63
N PHE A 60 0.25 2.54 7.87
CA PHE A 60 0.20 3.98 8.20
C PHE A 60 -1.21 4.57 8.05
N TYR A 61 -1.81 4.42 6.82
CA TYR A 61 -3.15 4.88 6.48
C TYR A 61 -4.33 4.12 7.05
N MET A 62 -4.31 2.77 7.05
CA MET A 62 -5.44 1.97 7.47
C MET A 62 -5.68 1.91 8.97
N THR A 63 -4.61 2.07 9.82
CA THR A 63 -4.67 2.00 11.28
C THR A 63 -5.22 3.26 11.92
N ASN A 64 -4.57 4.42 11.65
CA ASN A 64 -5.00 5.78 11.96
C ASN A 64 -3.99 6.84 11.61
N ALA A 65 -4.03 7.29 10.32
CA ALA A 65 -3.30 8.45 9.79
C ALA A 65 -3.69 9.81 10.38
N GLY A 66 -5.01 9.98 10.70
CA GLY A 66 -5.48 11.12 11.48
C GLY A 66 -6.74 11.70 10.96
N LEU A 67 -7.21 11.26 9.77
CA LEU A 67 -8.38 11.82 9.12
C LEU A 67 -9.57 10.88 9.24
N THR A 68 -9.61 9.88 8.33
CA THR A 68 -10.66 8.87 8.20
C THR A 68 -10.05 7.48 8.14
N GLY A 69 -8.84 7.32 8.70
CA GLY A 69 -8.00 6.15 8.52
C GLY A 69 -8.27 5.04 9.50
N ARG A 70 -9.43 4.36 9.45
CA ARG A 70 -9.76 3.31 10.41
C ARG A 70 -10.87 2.49 9.79
N SER A 71 -10.85 2.38 8.43
CA SER A 71 -11.82 1.68 7.58
C SER A 71 -13.14 2.40 7.43
N MET A 72 -13.24 3.45 6.57
CA MET A 72 -14.50 4.15 6.30
C MET A 72 -14.87 3.83 4.85
N ASP A 73 -15.97 3.07 4.66
CA ASP A 73 -16.41 2.46 3.41
C ASP A 73 -17.08 3.34 2.36
N THR A 74 -17.62 4.51 2.78
CA THR A 74 -18.38 5.43 1.94
C THR A 74 -17.79 6.82 2.08
N VAL A 75 -16.45 6.97 1.95
CA VAL A 75 -15.76 8.23 2.18
C VAL A 75 -15.06 8.73 0.93
N SER A 76 -15.25 8.02 -0.21
CA SER A 76 -14.53 8.18 -1.51
C SER A 76 -13.13 7.59 -1.35
N TYR A 77 -13.09 6.34 -0.80
CA TYR A 77 -11.97 5.56 -0.28
C TYR A 77 -10.88 5.18 -1.29
N ASN A 78 -10.16 6.18 -1.84
CA ASN A 78 -9.09 5.97 -2.80
C ASN A 78 -7.77 6.51 -2.34
N PHE A 79 -6.78 5.58 -2.38
CA PHE A 79 -5.36 5.64 -2.12
C PHE A 79 -4.58 6.25 -3.27
N ALA A 80 -5.32 6.65 -4.32
CA ALA A 80 -4.93 7.42 -5.49
C ALA A 80 -5.05 8.90 -5.15
N THR A 81 -5.70 9.21 -4.01
CA THR A 81 -5.91 10.57 -3.50
C THR A 81 -5.64 10.65 -1.99
N GLU A 82 -5.99 9.65 -1.14
CA GLU A 82 -5.80 9.76 0.32
C GLU A 82 -4.77 8.75 0.92
N ILE A 83 -3.48 9.10 1.22
CA ILE A 83 -2.43 8.25 1.83
C ILE A 83 -1.34 9.17 2.43
N PRO A 84 -0.32 8.71 3.27
CA PRO A 84 0.65 9.58 3.97
C PRO A 84 1.64 10.42 3.13
N SER A 85 1.98 11.66 3.63
CA SER A 85 2.93 12.63 3.05
C SER A 85 4.41 12.27 3.26
N THR A 86 4.70 11.31 4.17
CA THR A 86 6.04 10.76 4.45
C THR A 86 6.40 9.61 3.52
N ILE A 87 5.56 8.52 3.46
CA ILE A 87 5.81 7.33 2.65
C ILE A 87 5.67 7.48 1.13
N LEU A 88 4.84 8.41 0.58
CA LEU A 88 4.66 8.68 -0.88
C LEU A 88 5.98 8.99 -1.65
N LYS A 89 7.01 9.53 -0.91
CA LYS A 89 8.40 9.66 -1.34
C LYS A 89 9.14 8.30 -1.48
N LYS A 90 8.70 7.27 -0.67
CA LYS A 90 9.11 5.87 -0.64
C LYS A 90 8.41 5.03 -1.73
N LEU A 91 7.30 5.49 -2.40
CA LEU A 91 6.66 4.88 -3.62
C LEU A 91 7.63 4.72 -4.81
N ASN A 92 8.68 5.56 -4.82
CA ASN A 92 9.71 5.69 -5.84
C ASN A 92 11.04 4.91 -5.78
N PRO A 93 11.84 4.55 -4.72
CA PRO A 93 13.23 4.02 -4.81
C PRO A 93 13.54 2.73 -5.60
N TYR A 94 12.48 2.01 -6.08
CA TYR A 94 12.51 0.89 -7.02
C TYR A 94 12.46 1.54 -8.41
N ARG A 95 11.21 1.84 -8.84
CA ARG A 95 10.70 2.42 -10.11
C ARG A 95 11.57 2.27 -11.37
N LYS A 96 11.72 0.98 -11.82
CA LYS A 96 12.52 0.50 -12.93
C LYS A 96 14.00 0.32 -12.53
N MET A 97 14.19 -0.34 -11.35
CA MET A 97 15.45 -0.68 -10.66
C MET A 97 16.40 -1.61 -11.40
N ALA A 98 15.86 -2.48 -12.29
CA ALA A 98 16.57 -3.41 -13.14
C ALA A 98 15.56 -3.82 -14.19
N ARG A 99 16.00 -4.50 -15.28
CA ARG A 99 15.13 -4.97 -16.35
C ARG A 99 15.92 -6.00 -17.13
N GLN A 1 8.45 2.57 17.32
CA GLN A 1 7.04 2.52 17.58
C GLN A 1 6.44 1.38 16.79
N ARG A 2 7.30 0.68 16.00
CA ARG A 2 6.99 -0.41 15.08
C ARG A 2 6.94 -1.81 15.68
N VAL A 3 7.24 -1.98 17.00
CA VAL A 3 7.27 -3.25 17.76
C VAL A 3 5.90 -3.93 17.93
N LYS A 4 4.90 -3.19 18.48
CA LYS A 4 3.48 -3.51 18.65
C LYS A 4 2.74 -3.57 17.32
N ARG A 5 3.23 -2.81 16.31
CA ARG A 5 2.63 -2.62 15.00
C ARG A 5 2.26 -3.84 14.14
N LEU A 6 2.92 -5.03 14.31
CA LEU A 6 2.62 -6.26 13.57
C LEU A 6 1.36 -7.01 14.08
N LEU A 7 1.28 -7.28 15.41
CA LEU A 7 0.21 -7.87 16.18
C LEU A 7 -0.87 -6.85 16.54
N SER A 8 -0.73 -5.58 16.08
CA SER A 8 -1.70 -4.50 16.23
C SER A 8 -2.74 -4.59 15.12
N ILE A 9 -2.48 -5.38 14.02
CA ILE A 9 -3.37 -5.34 12.82
C ILE A 9 -4.52 -6.38 12.90
N THR A 10 -5.29 -6.22 14.01
CA THR A 10 -6.33 -7.09 14.62
C THR A 10 -5.63 -8.01 15.61
N ASN A 11 -4.58 -8.65 15.07
CA ASN A 11 -3.53 -9.51 15.57
C ASN A 11 -3.05 -10.16 14.29
N ASP A 12 -2.20 -9.47 13.44
CA ASP A 12 -1.71 -9.84 12.11
C ASP A 12 -2.59 -10.65 11.14
N LYS A 13 -3.92 -10.39 11.18
CA LYS A 13 -4.99 -11.02 10.41
C LYS A 13 -5.21 -10.34 9.08
N HIS A 14 -5.46 -9.00 9.14
CA HIS A 14 -5.76 -8.03 8.12
C HIS A 14 -4.62 -7.70 7.17
N ASP A 15 -3.86 -8.74 6.69
CA ASP A 15 -2.80 -8.65 5.68
C ASP A 15 -3.40 -8.30 4.33
N GLU A 16 -4.61 -8.87 4.07
CA GLU A 16 -5.50 -8.66 2.95
C GLU A 16 -6.20 -7.29 2.97
N TYR A 17 -6.63 -6.78 4.18
CA TYR A 17 -7.26 -5.46 4.33
C TYR A 17 -6.24 -4.31 4.27
N LEU A 18 -5.02 -4.50 4.84
CA LEU A 18 -3.88 -3.58 4.65
C LEU A 18 -3.26 -3.64 3.28
N THR A 19 -2.85 -4.81 2.69
CA THR A 19 -2.39 -4.88 1.31
C THR A 19 -3.35 -4.45 0.20
N GLU A 20 -4.66 -4.85 0.01
CA GLU A 20 -5.53 -4.39 -1.13
C GLU A 20 -5.64 -2.87 -1.46
N MET A 21 -5.68 -2.00 -0.39
CA MET A 21 -5.58 -0.52 -0.33
C MET A 21 -4.43 0.00 -1.16
N VAL A 22 -3.28 -0.62 -0.86
CA VAL A 22 -2.03 -0.32 -1.50
C VAL A 22 -1.89 -0.82 -2.95
N PRO A 23 -2.00 -1.99 -3.67
CA PRO A 23 -2.05 -2.07 -5.14
C PRO A 23 -3.11 -1.22 -5.84
N LEU A 24 -4.18 -0.66 -5.15
CA LEU A 24 -4.89 0.50 -5.73
C LEU A 24 -3.97 1.76 -5.93
N LEU A 25 -3.14 2.10 -4.88
CA LEU A 25 -2.07 3.11 -4.90
C LEU A 25 -0.75 2.77 -5.64
N VAL A 26 -0.17 1.55 -5.46
CA VAL A 26 1.03 0.98 -6.10
C VAL A 26 0.80 0.69 -7.54
N GLU A 27 -0.41 0.22 -7.96
CA GLU A 27 -0.67 -0.03 -9.37
C GLU A 27 -0.96 1.31 -10.08
N PHE A 28 -1.69 2.29 -9.42
CA PHE A 28 -1.84 3.67 -9.90
C PHE A 28 -0.49 4.45 -10.10
N ALA A 29 0.33 4.51 -9.02
CA ALA A 29 1.66 5.09 -8.85
C ALA A 29 2.85 4.37 -9.49
N LYS A 30 2.88 3.01 -9.49
CA LYS A 30 3.85 2.14 -10.19
C LYS A 30 3.65 2.18 -11.70
N ASP A 31 2.44 2.57 -12.22
CA ASP A 31 2.15 2.75 -13.67
C ASP A 31 3.02 3.84 -14.36
N GLU A 32 3.55 4.79 -13.52
CA GLU A 32 4.48 5.88 -13.77
C GLU A 32 5.93 5.43 -14.02
N CYS A 33 6.24 4.12 -13.76
CA CYS A 33 7.54 3.48 -13.92
C CYS A 33 7.79 2.99 -15.35
N HIS A 34 7.08 3.52 -16.37
CA HIS A 34 7.24 3.25 -17.81
C HIS A 34 6.58 1.95 -18.34
N ASN A 35 6.39 0.99 -17.40
CA ASN A 35 5.95 -0.38 -17.57
C ASN A 35 4.51 -0.66 -17.12
N PRO A 36 3.82 -1.74 -17.55
CA PRO A 36 2.52 -2.16 -17.01
C PRO A 36 2.64 -3.14 -15.82
N PHE A 37 3.83 -3.25 -15.12
CA PHE A 37 4.23 -4.09 -13.96
C PHE A 37 3.74 -5.55 -13.95
N ILE A 38 3.88 -6.24 -15.12
CA ILE A 38 3.43 -7.60 -15.40
C ILE A 38 4.39 -8.71 -14.92
N ASP A 39 3.80 -9.83 -14.42
CA ASP A 39 4.50 -11.01 -13.88
C ASP A 39 4.18 -12.24 -14.73
N LYS A 40 4.80 -13.41 -14.41
CA LYS A 40 4.79 -14.74 -15.01
C LYS A 40 3.50 -15.38 -15.56
N ASP A 41 2.28 -15.00 -15.07
CA ASP A 41 1.00 -15.54 -15.57
C ASP A 41 0.34 -14.55 -16.51
N GLY A 42 0.93 -13.33 -16.53
CA GLY A 42 0.48 -12.10 -17.16
C GLY A 42 -0.42 -11.29 -16.27
N ASN A 43 -0.15 -11.39 -14.96
CA ASN A 43 -0.83 -10.70 -13.87
C ASN A 43 -0.09 -9.43 -13.53
N GLU A 44 -0.75 -8.50 -12.79
CA GLU A 44 -0.26 -7.24 -12.25
C GLU A 44 0.57 -7.48 -10.96
N SER A 45 1.55 -6.58 -10.64
CA SER A 45 2.59 -6.95 -9.66
C SER A 45 3.19 -5.76 -8.89
N ILE A 46 3.80 -6.09 -7.71
CA ILE A 46 4.36 -5.23 -6.67
C ILE A 46 5.76 -5.76 -6.29
N PRO A 47 6.94 -5.22 -6.70
CA PRO A 47 8.30 -5.66 -6.29
C PRO A 47 8.69 -5.40 -4.82
N SER A 48 9.88 -5.87 -4.36
CA SER A 48 10.41 -5.87 -2.98
C SER A 48 10.35 -4.58 -2.13
N GLY A 49 10.83 -3.44 -2.68
CA GLY A 49 10.78 -2.09 -2.03
C GLY A 49 9.41 -1.44 -2.04
N VAL A 50 8.62 -1.74 -3.11
CA VAL A 50 7.25 -1.26 -3.27
C VAL A 50 6.23 -2.05 -2.40
N LEU A 51 6.62 -3.30 -2.03
CA LEU A 51 6.01 -4.24 -1.07
C LEU A 51 6.19 -3.76 0.39
N ILE A 52 7.38 -3.13 0.73
CA ILE A 52 7.55 -2.41 2.05
C ILE A 52 6.63 -1.19 2.17
N PHE A 53 6.42 -0.47 1.02
CA PHE A 53 5.47 0.63 0.84
C PHE A 53 4.02 0.13 1.00
N VAL A 54 3.59 -1.05 0.45
CA VAL A 54 2.21 -1.60 0.64
C VAL A 54 1.83 -1.88 2.11
N ALA A 55 2.56 -2.80 2.77
CA ALA A 55 2.50 -3.08 4.20
C ALA A 55 2.67 -1.89 5.16
N LYS A 56 3.72 -1.01 4.97
CA LYS A 56 3.93 0.15 5.86
C LYS A 56 3.00 1.34 5.66
N ALA A 57 2.45 1.55 4.42
CA ALA A 57 1.45 2.55 4.02
C ALA A 57 0.14 2.41 4.74
N ALA A 58 -0.42 1.18 4.59
CA ALA A 58 -1.66 0.75 5.17
C ALA A 58 -1.59 0.37 6.65
N GLN A 59 -0.44 -0.15 7.20
CA GLN A 59 -0.28 -0.31 8.67
C GLN A 59 -0.14 1.04 9.39
N PHE A 60 0.32 2.11 8.68
CA PHE A 60 0.28 3.47 9.19
C PHE A 60 -1.14 4.05 9.21
N TYR A 61 -1.82 4.06 8.02
CA TYR A 61 -3.14 4.64 7.79
C TYR A 61 -4.38 3.95 8.35
N MET A 62 -4.47 2.59 8.26
CA MET A 62 -5.61 1.77 8.66
C MET A 62 -5.91 1.81 10.15
N THR A 63 -4.87 2.05 10.99
CA THR A 63 -4.99 2.25 12.45
C THR A 63 -5.63 3.59 12.84
N ASN A 64 -5.89 4.55 11.88
CA ASN A 64 -6.72 5.74 12.11
C ASN A 64 -8.19 5.36 12.07
N ALA A 65 -8.55 4.12 11.64
CA ALA A 65 -9.91 3.63 11.66
C ALA A 65 -10.26 2.79 12.89
N GLY A 66 -9.42 2.89 13.95
CA GLY A 66 -9.82 2.63 15.32
C GLY A 66 -10.36 3.89 15.95
N LEU A 67 -10.17 5.07 15.28
CA LEU A 67 -10.65 6.40 15.66
C LEU A 67 -11.60 7.09 14.71
N THR A 68 -11.24 7.20 13.39
CA THR A 68 -12.00 7.76 12.25
C THR A 68 -12.80 6.60 11.66
N GLY A 69 -13.11 5.63 12.54
CA GLY A 69 -13.58 4.27 12.30
C GLY A 69 -15.03 4.13 11.88
N ARG A 70 -15.89 5.05 12.40
CA ARG A 70 -17.32 5.16 12.14
C ARG A 70 -17.62 6.33 11.20
N SER A 71 -16.61 7.19 10.91
CA SER A 71 -16.72 8.41 10.12
C SER A 71 -15.73 8.44 8.97
N MET A 72 -15.32 7.23 8.52
CA MET A 72 -14.36 6.76 7.50
C MET A 72 -13.80 7.63 6.36
N ASP A 73 -13.60 8.96 6.60
CA ASP A 73 -13.06 10.02 5.75
C ASP A 73 -14.14 10.54 4.82
N THR A 74 -14.61 9.65 3.92
CA THR A 74 -15.67 9.84 2.96
C THR A 74 -16.45 8.55 3.14
N VAL A 75 -15.76 7.47 2.73
CA VAL A 75 -16.03 6.05 2.80
C VAL A 75 -16.17 5.58 1.38
N SER A 76 -15.42 4.50 0.99
CA SER A 76 -15.33 3.99 -0.39
C SER A 76 -14.36 4.87 -1.20
N TYR A 77 -13.21 5.21 -0.57
CA TYR A 77 -12.14 6.11 -0.99
C TYR A 77 -11.08 5.49 -1.90
N ASN A 78 -10.22 6.33 -2.53
CA ASN A 78 -9.07 5.89 -3.31
C ASN A 78 -7.81 6.37 -2.63
N PHE A 79 -6.78 5.51 -2.63
CA PHE A 79 -5.54 5.59 -1.86
C PHE A 79 -4.51 6.58 -2.36
N ALA A 80 -4.78 7.17 -3.55
CA ALA A 80 -4.07 8.26 -4.20
C ALA A 80 -4.61 9.62 -3.76
N THR A 81 -5.75 9.61 -3.01
CA THR A 81 -6.42 10.78 -2.43
C THR A 81 -6.45 10.59 -0.91
N GLU A 82 -5.51 9.77 -0.34
CA GLU A 82 -5.31 9.56 1.09
C GLU A 82 -3.95 8.89 1.36
N ILE A 83 -3.72 8.37 2.61
CA ILE A 83 -2.55 7.68 3.20
C ILE A 83 -1.39 8.60 3.68
N PRO A 84 -0.34 8.27 4.52
CA PRO A 84 0.71 9.21 4.93
C PRO A 84 1.68 9.66 3.81
N SER A 85 1.98 11.00 3.77
CA SER A 85 2.92 11.74 2.91
C SER A 85 4.38 11.29 3.02
N THR A 86 4.74 10.70 4.19
CA THR A 86 6.04 10.14 4.53
C THR A 86 6.36 8.80 3.85
N ILE A 87 5.43 7.78 3.84
CA ILE A 87 5.58 6.48 3.16
C ILE A 87 5.51 6.59 1.62
N LEU A 88 4.78 7.64 1.12
CA LEU A 88 4.67 8.10 -0.29
C LEU A 88 6.02 8.46 -0.92
N LYS A 89 7.00 8.88 -0.07
CA LYS A 89 8.40 9.08 -0.41
C LYS A 89 9.16 7.75 -0.60
N LYS A 90 8.66 6.63 0.02
CA LYS A 90 9.10 5.24 -0.11
C LYS A 90 8.45 4.52 -1.33
N LEU A 91 7.32 5.06 -1.93
CA LEU A 91 6.71 4.57 -3.22
C LEU A 91 7.67 4.67 -4.41
N ASN A 92 8.40 5.80 -4.46
CA ASN A 92 9.30 6.26 -5.49
C ASN A 92 10.75 5.69 -5.56
N PRO A 93 11.55 5.32 -4.52
CA PRO A 93 12.82 4.57 -4.59
C PRO A 93 12.72 3.17 -5.20
N TYR A 94 11.49 2.65 -5.52
CA TYR A 94 11.06 1.42 -6.20
C TYR A 94 11.86 0.93 -7.40
N ARG A 95 11.25 0.06 -8.25
CA ARG A 95 11.94 -0.51 -9.42
C ARG A 95 12.45 0.41 -10.54
N LYS A 96 11.81 1.60 -10.86
CA LYS A 96 12.23 2.55 -11.94
C LYS A 96 13.63 3.14 -11.77
N MET A 97 14.10 3.02 -10.51
CA MET A 97 15.36 3.45 -9.95
C MET A 97 16.46 2.38 -10.02
N ALA A 98 16.16 1.13 -10.43
CA ALA A 98 17.10 0.01 -10.59
C ALA A 98 17.93 0.06 -11.89
N ARG A 99 18.61 1.21 -12.11
CA ARG A 99 19.41 1.52 -13.28
C ARG A 99 20.65 2.27 -12.85
N GLN A 1 -1.59 -4.60 24.09
CA GLN A 1 -0.33 -4.36 24.74
C GLN A 1 0.45 -3.39 23.88
N ARG A 2 -0.21 -2.68 22.93
CA ARG A 2 0.34 -1.71 21.95
C ARG A 2 1.24 -2.31 20.86
N VAL A 3 2.26 -3.11 21.26
CA VAL A 3 3.28 -3.82 20.47
C VAL A 3 2.71 -4.82 19.48
N LYS A 4 1.58 -5.51 19.86
CA LYS A 4 0.74 -6.42 19.07
C LYS A 4 0.07 -5.78 17.87
N ARG A 5 -0.22 -4.44 17.90
CA ARG A 5 -0.87 -3.66 16.83
C ARG A 5 -0.04 -3.55 15.54
N LEU A 6 1.31 -3.64 15.66
CA LEU A 6 2.28 -3.63 14.57
C LEU A 6 2.30 -4.88 13.71
N LEU A 7 2.11 -6.09 14.32
CA LEU A 7 2.04 -7.38 13.69
C LEU A 7 0.59 -7.84 13.56
N SER A 8 -0.46 -7.07 14.02
CA SER A 8 -1.92 -7.32 13.98
C SER A 8 -2.52 -7.43 12.56
N ILE A 9 -1.63 -6.97 11.66
CA ILE A 9 -1.74 -6.70 10.24
C ILE A 9 -0.75 -7.41 9.34
N THR A 10 0.45 -7.79 9.82
CA THR A 10 1.50 -8.49 9.06
C THR A 10 1.84 -9.69 9.90
N ASN A 11 0.85 -10.56 10.13
CA ASN A 11 0.97 -11.78 10.96
C ASN A 11 -0.39 -12.44 11.05
N ASP A 12 -1.41 -11.70 11.62
CA ASP A 12 -2.82 -12.02 11.68
C ASP A 12 -3.53 -11.88 10.31
N LYS A 13 -4.83 -11.48 10.29
CA LYS A 13 -5.71 -11.54 9.12
C LYS A 13 -5.69 -10.36 8.18
N HIS A 14 -5.48 -9.15 8.75
CA HIS A 14 -5.47 -7.83 8.14
C HIS A 14 -4.32 -7.56 7.15
N ASP A 15 -3.49 -8.61 6.81
CA ASP A 15 -2.39 -8.66 5.83
C ASP A 15 -2.90 -8.59 4.40
N GLU A 16 -4.13 -9.12 4.22
CA GLU A 16 -4.96 -9.02 3.04
C GLU A 16 -5.53 -7.60 2.91
N TYR A 17 -6.16 -7.10 4.02
CA TYR A 17 -6.72 -5.75 4.08
C TYR A 17 -5.73 -4.58 4.06
N LEU A 18 -4.61 -4.49 4.86
CA LEU A 18 -3.68 -3.35 4.69
C LEU A 18 -2.88 -3.39 3.43
N THR A 19 -2.18 -4.49 3.09
CA THR A 19 -1.49 -4.71 1.84
C THR A 19 -2.25 -4.51 0.54
N GLU A 20 -3.60 -4.80 0.43
CA GLU A 20 -4.41 -4.50 -0.78
C GLU A 20 -4.69 -2.99 -1.11
N MET A 21 -4.84 -2.06 -0.10
CA MET A 21 -4.99 -0.57 -0.17
C MET A 21 -3.95 0.07 -1.05
N VAL A 22 -2.73 -0.45 -0.77
CA VAL A 22 -1.50 -0.09 -1.42
C VAL A 22 -1.35 -0.60 -2.86
N PRO A 23 -1.34 -1.81 -3.51
CA PRO A 23 -1.39 -2.00 -4.96
C PRO A 23 -2.57 -1.38 -5.70
N LEU A 24 -3.71 -0.96 -5.04
CA LEU A 24 -4.63 0.01 -5.66
C LEU A 24 -3.92 1.37 -6.00
N LEU A 25 -3.17 1.92 -4.99
CA LEU A 25 -2.23 3.06 -5.13
C LEU A 25 -0.97 2.79 -5.98
N VAL A 26 -0.14 1.75 -5.70
CA VAL A 26 1.10 1.32 -6.34
C VAL A 26 0.92 0.88 -7.76
N GLU A 27 -0.23 0.27 -8.15
CA GLU A 27 -0.49 -0.05 -9.56
C GLU A 27 -0.91 1.24 -10.32
N PHE A 28 -1.82 2.10 -9.74
CA PHE A 28 -2.22 3.43 -10.26
C PHE A 28 -1.07 4.45 -10.53
N ALA A 29 -0.27 4.68 -9.45
CA ALA A 29 0.89 5.52 -9.24
C ALA A 29 2.15 5.08 -9.91
N LYS A 30 2.48 3.74 -9.86
CA LYS A 30 3.67 3.19 -10.51
C LYS A 30 3.58 3.04 -12.00
N ASP A 31 2.33 2.97 -12.58
CA ASP A 31 2.03 2.92 -14.03
C ASP A 31 2.66 4.08 -14.84
N GLU A 32 2.95 5.21 -14.13
CA GLU A 32 3.64 6.43 -14.50
C GLU A 32 5.09 6.29 -14.89
N CYS A 33 5.76 5.16 -14.50
CA CYS A 33 7.20 5.01 -14.58
C CYS A 33 7.74 4.10 -15.68
N HIS A 34 6.96 3.80 -16.76
CA HIS A 34 7.31 2.96 -17.93
C HIS A 34 6.85 1.52 -17.82
N ASN A 35 7.00 0.94 -16.60
CA ASN A 35 6.78 -0.48 -16.33
C ASN A 35 5.30 -0.81 -16.08
N PRO A 36 4.70 -1.90 -16.58
CA PRO A 36 3.29 -2.26 -16.35
C PRO A 36 3.08 -3.04 -15.05
N PHE A 37 4.15 -3.70 -14.48
CA PHE A 37 4.25 -4.54 -13.26
C PHE A 37 3.08 -5.50 -12.91
N ILE A 38 2.53 -6.15 -13.96
CA ILE A 38 1.46 -7.13 -14.02
C ILE A 38 2.15 -8.36 -14.57
N ASP A 39 1.69 -9.58 -14.19
CA ASP A 39 2.31 -10.85 -14.59
C ASP A 39 1.47 -11.61 -15.63
N LYS A 40 1.93 -12.83 -16.03
CA LYS A 40 1.34 -13.72 -17.05
C LYS A 40 -0.07 -14.27 -16.78
N ASP A 41 -0.57 -14.22 -15.52
CA ASP A 41 -1.91 -14.66 -15.11
C ASP A 41 -2.81 -13.44 -14.95
N GLY A 42 -2.21 -12.24 -15.13
CA GLY A 42 -2.78 -10.90 -15.05
C GLY A 42 -3.04 -10.37 -13.67
N ASN A 43 -2.18 -10.78 -12.72
CA ASN A 43 -2.19 -10.34 -11.34
C ASN A 43 -1.04 -9.37 -11.18
N GLU A 44 -1.01 -8.64 -10.04
CA GLU A 44 -0.01 -7.66 -9.64
C GLU A 44 1.37 -8.27 -9.32
N SER A 45 2.46 -7.64 -9.79
CA SER A 45 3.80 -8.21 -9.61
C SER A 45 4.78 -7.12 -9.19
N ILE A 46 5.08 -6.96 -7.89
CA ILE A 46 5.94 -5.90 -7.38
C ILE A 46 7.18 -6.49 -6.68
N PRO A 47 8.45 -6.00 -6.90
CA PRO A 47 9.67 -6.41 -6.18
C PRO A 47 9.78 -5.78 -4.77
N SER A 48 10.95 -5.97 -4.11
CA SER A 48 11.37 -5.57 -2.76
C SER A 48 11.13 -4.13 -2.30
N GLY A 49 11.38 -3.10 -3.16
CA GLY A 49 11.17 -1.66 -2.81
C GLY A 49 9.71 -1.22 -2.80
N VAL A 50 8.89 -1.68 -3.81
CA VAL A 50 7.46 -1.32 -3.89
C VAL A 50 6.65 -2.09 -2.82
N LEU A 51 7.21 -3.26 -2.37
CA LEU A 51 6.76 -4.17 -1.32
C LEU A 51 6.90 -3.60 0.10
N ILE A 52 8.07 -2.94 0.39
CA ILE A 52 8.31 -2.15 1.64
C ILE A 52 7.40 -0.92 1.73
N PHE A 53 7.00 -0.35 0.55
CA PHE A 53 5.94 0.63 0.46
C PHE A 53 4.55 0.03 0.79
N VAL A 54 4.05 -1.09 0.16
CA VAL A 54 2.70 -1.66 0.43
C VAL A 54 2.36 -2.00 1.90
N ALA A 55 3.18 -2.88 2.53
CA ALA A 55 3.18 -3.21 3.95
C ALA A 55 3.33 -2.04 4.92
N LYS A 56 4.37 -1.15 4.82
CA LYS A 56 4.54 -0.05 5.78
C LYS A 56 3.57 1.13 5.59
N ALA A 57 3.10 1.38 4.34
CA ALA A 57 2.12 2.41 3.97
C ALA A 57 0.73 2.23 4.53
N ALA A 58 0.13 1.01 4.39
CA ALA A 58 -1.17 0.74 4.94
C ALA A 58 -1.17 0.40 6.44
N GLN A 59 -0.05 -0.21 6.96
CA GLN A 59 0.27 -0.46 8.37
C GLN A 59 0.29 0.82 9.18
N PHE A 60 0.74 1.93 8.51
CA PHE A 60 0.72 3.29 9.04
C PHE A 60 -0.71 3.84 9.07
N TYR A 61 -1.43 3.83 7.90
CA TYR A 61 -2.75 4.44 7.72
C TYR A 61 -3.97 3.82 8.40
N MET A 62 -4.13 2.48 8.32
CA MET A 62 -5.26 1.74 8.91
C MET A 62 -5.23 1.60 10.43
N THR A 63 -4.02 1.66 11.06
CA THR A 63 -3.76 1.55 12.49
C THR A 63 -3.88 2.94 13.08
N ASN A 64 -3.06 3.88 12.50
CA ASN A 64 -2.90 5.33 12.63
C ASN A 64 -3.54 6.06 13.77
N ALA A 65 -4.86 6.23 13.53
CA ALA A 65 -5.83 6.95 14.32
C ALA A 65 -6.78 6.09 15.12
N GLY A 66 -7.26 4.95 14.55
CA GLY A 66 -8.11 3.94 15.18
C GLY A 66 -9.59 4.15 15.05
N LEU A 67 -10.03 4.97 14.06
CA LEU A 67 -11.45 5.30 13.81
C LEU A 67 -11.90 4.83 12.44
N THR A 68 -11.15 5.25 11.39
CA THR A 68 -11.36 5.01 9.96
C THR A 68 -10.30 4.04 9.48
N GLY A 69 -10.01 3.12 10.42
CA GLY A 69 -9.03 2.07 10.35
C GLY A 69 -9.60 0.72 9.97
N ARG A 70 -10.91 0.65 9.67
CA ARG A 70 -11.61 -0.54 9.25
C ARG A 70 -11.77 -0.42 7.74
N SER A 71 -12.80 -1.06 7.14
CA SER A 71 -13.15 -0.95 5.74
C SER A 71 -14.21 0.14 5.61
N MET A 72 -13.95 1.25 4.86
CA MET A 72 -14.80 2.42 4.67
C MET A 72 -16.05 2.19 3.78
N ASP A 73 -16.07 1.00 3.10
CA ASP A 73 -17.07 0.45 2.20
C ASP A 73 -16.92 0.96 0.77
N THR A 74 -18.05 1.28 0.09
CA THR A 74 -18.12 1.76 -1.29
C THR A 74 -17.89 3.26 -1.39
N VAL A 75 -16.63 3.68 -1.11
CA VAL A 75 -16.18 5.06 -1.10
C VAL A 75 -15.37 5.36 -2.36
N SER A 76 -15.32 4.37 -3.31
CA SER A 76 -14.57 4.30 -4.58
C SER A 76 -13.07 4.28 -4.33
N TYR A 77 -12.73 3.58 -3.22
CA TYR A 77 -11.47 3.43 -2.45
C TYR A 77 -10.23 4.26 -2.79
N ASN A 78 -10.37 5.53 -2.33
CA ASN A 78 -9.58 6.76 -2.35
C ASN A 78 -8.07 6.79 -2.14
N PHE A 79 -7.28 5.72 -2.43
CA PHE A 79 -5.82 5.64 -2.16
C PHE A 79 -4.91 6.64 -2.84
N ALA A 80 -5.49 7.31 -3.87
CA ALA A 80 -5.07 8.45 -4.65
C ALA A 80 -4.99 9.74 -3.83
N THR A 81 -5.80 9.80 -2.73
CA THR A 81 -5.90 10.90 -1.79
C THR A 81 -5.88 10.33 -0.37
N GLU A 82 -5.33 9.11 -0.17
CA GLU A 82 -5.31 8.48 1.13
C GLU A 82 -3.92 7.90 1.33
N ILE A 83 -3.61 7.35 2.54
CA ILE A 83 -2.33 6.80 3.04
C ILE A 83 -1.31 7.90 3.44
N PRO A 84 -0.25 7.73 4.28
CA PRO A 84 0.70 8.81 4.64
C PRO A 84 1.60 9.34 3.50
N SER A 85 1.72 10.70 3.40
CA SER A 85 2.50 11.46 2.41
C SER A 85 4.03 11.38 2.56
N THR A 86 4.50 10.76 3.69
CA THR A 86 5.87 10.40 4.07
C THR A 86 6.35 9.14 3.34
N ILE A 87 5.58 8.00 3.47
CA ILE A 87 5.83 6.69 2.85
C ILE A 87 5.60 6.76 1.31
N LEU A 88 4.70 7.71 0.87
CA LEU A 88 4.38 8.11 -0.51
C LEU A 88 5.59 8.45 -1.42
N LYS A 89 6.73 8.89 -0.80
CA LYS A 89 8.03 9.04 -1.45
C LYS A 89 8.68 7.68 -1.77
N LYS A 90 8.48 6.69 -0.84
CA LYS A 90 8.83 5.27 -0.88
C LYS A 90 8.02 4.47 -1.89
N LEU A 91 6.88 5.03 -2.45
CA LEU A 91 6.15 4.53 -3.67
C LEU A 91 7.05 4.44 -4.93
N ASN A 92 8.12 5.27 -4.97
CA ASN A 92 9.09 5.44 -6.05
C ASN A 92 10.43 4.65 -6.08
N PRO A 93 11.24 4.25 -5.08
CA PRO A 93 12.63 3.78 -5.28
C PRO A 93 12.86 2.41 -5.94
N TYR A 94 11.97 1.39 -5.73
CA TYR A 94 11.95 0.01 -6.26
C TYR A 94 12.77 -0.43 -7.50
N ARG A 95 12.19 -0.17 -8.68
CA ARG A 95 12.73 -0.50 -9.99
C ARG A 95 13.00 0.70 -10.87
N LYS A 96 12.15 1.76 -10.91
CA LYS A 96 12.41 2.91 -11.78
C LYS A 96 13.16 4.07 -11.11
N MET A 97 13.12 4.14 -9.76
CA MET A 97 13.72 5.17 -8.89
C MET A 97 13.11 6.58 -8.99
N ALA A 98 13.15 7.19 -10.22
CA ALA A 98 12.73 8.54 -10.62
C ALA A 98 13.72 9.64 -10.20
N ARG A 99 14.07 9.66 -8.88
CA ARG A 99 15.01 10.57 -8.26
C ARG A 99 16.44 10.03 -8.33
N GLN A 1 1.13 1.57 22.73
CA GLN A 1 0.09 0.95 21.95
C GLN A 1 0.62 0.66 20.56
N ARG A 2 1.75 1.34 20.17
CA ARG A 2 2.47 1.23 18.89
C ARG A 2 3.11 -0.13 18.62
N VAL A 3 3.47 -0.86 19.72
CA VAL A 3 3.98 -2.22 19.82
C VAL A 3 2.95 -3.26 19.34
N LYS A 4 1.64 -2.99 19.58
CA LYS A 4 0.46 -3.74 19.16
C LYS A 4 0.22 -3.71 17.67
N ARG A 5 0.67 -2.67 16.91
CA ARG A 5 0.60 -2.55 15.45
C ARG A 5 1.36 -3.64 14.68
N LEU A 6 2.39 -4.24 15.31
CA LEU A 6 3.16 -5.37 14.83
C LEU A 6 2.36 -6.67 14.80
N LEU A 7 1.50 -6.93 15.82
CA LEU A 7 0.66 -8.10 15.95
C LEU A 7 -0.86 -7.89 15.77
N SER A 8 -1.41 -6.65 15.88
CA SER A 8 -2.85 -6.35 15.77
C SER A 8 -3.35 -6.22 14.34
N ILE A 9 -2.40 -6.03 13.40
CA ILE A 9 -2.70 -5.85 11.97
C ILE A 9 -1.96 -6.83 11.10
N THR A 10 -0.67 -6.55 10.77
CA THR A 10 0.27 -7.32 9.93
C THR A 10 0.81 -8.52 10.69
N ASN A 11 -0.07 -9.50 10.93
CA ASN A 11 0.16 -10.70 11.73
C ASN A 11 -1.22 -11.27 11.82
N ASP A 12 -2.17 -10.62 12.58
CA ASP A 12 -3.60 -10.98 12.64
C ASP A 12 -4.41 -10.85 11.33
N LYS A 13 -5.54 -10.12 11.26
CA LYS A 13 -6.49 -10.24 10.14
C LYS A 13 -6.22 -9.40 8.90
N HIS A 14 -5.19 -8.53 8.96
CA HIS A 14 -5.02 -7.45 8.03
C HIS A 14 -3.84 -7.52 7.06
N ASP A 15 -2.98 -8.58 7.03
CA ASP A 15 -1.84 -8.74 6.09
C ASP A 15 -2.23 -8.80 4.60
N GLU A 16 -3.37 -9.49 4.34
CA GLU A 16 -4.14 -9.58 3.10
C GLU A 16 -4.90 -8.30 2.76
N TYR A 17 -5.52 -7.63 3.78
CA TYR A 17 -6.27 -6.39 3.62
C TYR A 17 -5.38 -5.13 3.46
N LEU A 18 -4.18 -5.01 4.14
CA LEU A 18 -3.28 -3.84 4.01
C LEU A 18 -2.73 -3.75 2.58
N THR A 19 -2.12 -4.89 2.16
CA THR A 19 -1.54 -5.31 0.91
C THR A 19 -2.30 -5.10 -0.39
N GLU A 20 -3.66 -5.12 -0.39
CA GLU A 20 -4.58 -4.76 -1.50
C GLU A 20 -4.82 -3.23 -1.73
N MET A 21 -5.08 -2.42 -0.66
CA MET A 21 -5.27 -0.94 -0.60
C MET A 21 -4.15 -0.15 -1.26
N VAL A 22 -2.95 -0.58 -0.88
CA VAL A 22 -1.67 -0.05 -1.28
C VAL A 22 -1.31 -0.31 -2.75
N PRO A 23 -1.42 -1.43 -3.52
CA PRO A 23 -1.39 -1.49 -4.98
C PRO A 23 -2.51 -0.73 -5.66
N LEU A 24 -3.69 -0.37 -5.06
CA LEU A 24 -4.56 0.67 -5.68
C LEU A 24 -3.84 2.05 -5.85
N LEU A 25 -3.16 2.44 -4.74
CA LEU A 25 -2.21 3.55 -4.59
C LEU A 25 -0.90 3.45 -5.44
N VAL A 26 -0.10 2.34 -5.38
CA VAL A 26 1.14 2.08 -6.13
C VAL A 26 0.95 1.75 -7.59
N GLU A 27 -0.18 1.09 -8.00
CA GLU A 27 -0.49 0.72 -9.40
C GLU A 27 -0.91 1.99 -10.15
N PHE A 28 -1.65 2.95 -9.49
CA PHE A 28 -1.87 4.35 -9.93
C PHE A 28 -0.54 5.11 -10.19
N ALA A 29 0.41 5.03 -9.22
CA ALA A 29 1.73 5.66 -9.21
C ALA A 29 2.75 5.11 -10.20
N LYS A 30 2.86 3.76 -10.27
CA LYS A 30 3.76 2.98 -11.10
C LYS A 30 3.43 2.84 -12.59
N ASP A 31 2.10 3.03 -12.92
CA ASP A 31 1.42 3.10 -14.24
C ASP A 31 1.92 4.24 -15.13
N GLU A 32 2.53 5.25 -14.46
CA GLU A 32 3.12 6.50 -14.87
C GLU A 32 4.21 6.37 -15.93
N CYS A 33 5.14 5.38 -15.83
CA CYS A 33 6.12 5.16 -16.92
C CYS A 33 5.91 3.87 -17.71
N HIS A 34 4.88 3.04 -17.37
CA HIS A 34 4.62 1.68 -17.85
C HIS A 34 5.67 0.64 -17.40
N ASN A 35 5.82 0.47 -16.08
CA ASN A 35 6.76 -0.39 -15.38
C ASN A 35 6.13 -1.78 -15.23
N PRO A 36 6.78 -2.97 -15.18
CA PRO A 36 6.11 -4.27 -15.23
C PRO A 36 5.47 -4.68 -13.89
N PHE A 37 4.49 -3.86 -13.37
CA PHE A 37 3.64 -4.11 -12.19
C PHE A 37 2.48 -5.07 -12.50
N ILE A 38 2.64 -5.86 -13.59
CA ILE A 38 1.76 -6.84 -14.17
C ILE A 38 2.62 -8.10 -14.33
N ASP A 39 2.02 -9.31 -14.20
CA ASP A 39 2.68 -10.61 -14.34
C ASP A 39 2.13 -11.31 -15.56
N LYS A 40 2.78 -12.42 -16.02
CA LYS A 40 2.46 -13.27 -17.18
C LYS A 40 1.05 -13.93 -17.28
N ASP A 41 0.25 -13.83 -16.20
CA ASP A 41 -1.12 -14.33 -16.06
C ASP A 41 -2.11 -13.17 -16.16
N GLY A 42 -1.55 -11.93 -16.24
CA GLY A 42 -2.19 -10.61 -16.25
C GLY A 42 -2.69 -10.14 -14.92
N ASN A 43 -1.99 -10.62 -13.87
CA ASN A 43 -2.22 -10.33 -12.46
C ASN A 43 -1.24 -9.23 -12.08
N GLU A 44 -1.43 -8.58 -10.91
CA GLU A 44 -0.68 -7.46 -10.36
C GLU A 44 0.64 -7.88 -9.68
N SER A 45 1.72 -7.04 -9.77
CA SER A 45 3.08 -7.42 -9.31
C SER A 45 3.70 -6.46 -8.28
N ILE A 46 4.71 -6.95 -7.48
CA ILE A 46 5.34 -6.23 -6.37
C ILE A 46 6.90 -6.40 -6.38
N PRO A 47 7.75 -5.36 -6.62
CA PRO A 47 9.20 -5.37 -6.31
C PRO A 47 9.49 -5.12 -4.81
N SER A 48 10.79 -5.07 -4.40
CA SER A 48 11.35 -4.95 -3.04
C SER A 48 11.01 -3.71 -2.22
N GLY A 49 11.21 -2.50 -2.84
CA GLY A 49 10.92 -1.15 -2.27
C GLY A 49 9.44 -0.88 -2.10
N VAL A 50 8.65 -1.41 -3.06
CA VAL A 50 7.19 -1.48 -3.08
C VAL A 50 6.61 -2.51 -2.10
N LEU A 51 7.38 -3.54 -1.67
CA LEU A 51 7.01 -4.47 -0.59
C LEU A 51 7.04 -3.77 0.79
N ILE A 52 8.11 -2.95 1.03
CA ILE A 52 8.20 -2.03 2.22
C ILE A 52 7.14 -0.91 2.20
N PHE A 53 6.68 -0.52 0.97
CA PHE A 53 5.50 0.33 0.73
C PHE A 53 4.20 -0.38 1.09
N VAL A 54 3.85 -1.60 0.58
CA VAL A 54 2.58 -2.30 0.87
C VAL A 54 2.28 -2.56 2.36
N ALA A 55 3.21 -3.30 3.01
CA ALA A 55 3.30 -3.59 4.42
C ALA A 55 3.36 -2.34 5.31
N LYS A 56 4.31 -1.38 5.16
CA LYS A 56 4.30 -0.20 6.04
C LYS A 56 3.26 0.88 5.75
N ALA A 57 2.85 1.14 4.46
CA ALA A 57 1.86 2.14 4.00
C ALA A 57 0.53 1.96 4.59
N ALA A 58 0.04 0.69 4.48
CA ALA A 58 -1.22 0.28 4.99
C ALA A 58 -1.16 0.11 6.47
N GLN A 59 0.02 -0.24 7.04
CA GLN A 59 0.23 -0.23 8.49
C GLN A 59 -0.01 1.10 9.20
N PHE A 60 0.32 2.23 8.50
CA PHE A 60 0.04 3.59 8.94
C PHE A 60 -1.43 4.01 8.83
N TYR A 61 -2.07 3.91 7.61
CA TYR A 61 -3.50 4.28 7.42
C TYR A 61 -4.55 3.36 8.02
N MET A 62 -4.30 2.01 7.94
CA MET A 62 -5.15 0.90 8.37
C MET A 62 -5.43 0.93 9.87
N THR A 63 -4.47 1.51 10.64
CA THR A 63 -4.52 1.88 12.07
C THR A 63 -5.70 2.84 12.44
N ASN A 64 -6.31 3.52 11.42
CA ASN A 64 -7.54 4.30 11.51
C ASN A 64 -8.76 3.49 11.00
N ALA A 65 -8.61 2.21 10.53
CA ALA A 65 -9.66 1.52 9.80
C ALA A 65 -10.47 0.42 10.47
N GLY A 66 -10.60 0.38 11.82
CA GLY A 66 -11.46 -0.61 12.49
C GLY A 66 -12.92 -0.19 12.49
N LEU A 67 -13.14 1.06 12.05
CA LEU A 67 -14.39 1.78 11.95
C LEU A 67 -14.80 2.21 10.57
N THR A 68 -13.94 3.07 9.94
CA THR A 68 -14.19 3.73 8.67
C THR A 68 -13.75 2.88 7.51
N GLY A 69 -13.02 1.79 7.86
CA GLY A 69 -12.28 0.88 7.01
C GLY A 69 -13.07 -0.16 6.26
N ARG A 70 -14.38 0.10 6.16
CA ARG A 70 -15.43 -0.75 5.67
C ARG A 70 -16.63 0.08 5.23
N SER A 71 -16.50 1.45 5.17
CA SER A 71 -17.51 2.39 4.67
C SER A 71 -17.10 2.69 3.24
N MET A 72 -17.30 1.67 2.35
CA MET A 72 -16.82 1.52 0.99
C MET A 72 -17.04 2.66 0.00
N ASP A 73 -18.28 3.23 -0.10
CA ASP A 73 -18.67 4.36 -0.97
C ASP A 73 -18.61 4.05 -2.47
N THR A 74 -17.39 4.08 -3.04
CA THR A 74 -17.07 3.76 -4.43
C THR A 74 -16.52 2.33 -4.53
N VAL A 75 -15.65 1.97 -3.56
CA VAL A 75 -14.88 0.72 -3.37
C VAL A 75 -13.41 0.92 -3.75
N SER A 76 -13.08 1.99 -4.54
CA SER A 76 -11.72 2.45 -4.86
C SER A 76 -11.28 3.57 -3.91
N TYR A 77 -12.09 3.83 -2.83
CA TYR A 77 -11.92 4.79 -1.71
C TYR A 77 -11.45 6.22 -2.04
N ASN A 78 -10.10 6.39 -1.94
CA ASN A 78 -9.40 7.65 -1.87
C ASN A 78 -7.93 7.57 -2.29
N PHE A 79 -7.47 6.37 -2.74
CA PHE A 79 -6.08 5.87 -2.88
C PHE A 79 -4.92 6.72 -3.40
N ALA A 80 -5.15 7.96 -3.89
CA ALA A 80 -4.15 8.95 -4.22
C ALA A 80 -3.78 9.87 -3.04
N THR A 81 -4.74 10.11 -2.09
CA THR A 81 -4.62 11.23 -1.15
C THR A 81 -4.88 10.95 0.34
N GLU A 82 -5.01 9.68 0.80
CA GLU A 82 -5.31 9.38 2.22
C GLU A 82 -4.13 8.93 3.10
N ILE A 83 -3.06 8.48 2.44
CA ILE A 83 -1.90 7.80 2.97
C ILE A 83 -0.71 8.71 3.30
N PRO A 84 0.28 8.21 4.11
CA PRO A 84 1.39 9.01 4.65
C PRO A 84 2.45 9.49 3.66
N SER A 85 2.84 10.80 3.76
CA SER A 85 3.84 11.49 2.95
C SER A 85 5.30 11.04 3.16
N THR A 86 5.55 10.26 4.25
CA THR A 86 6.81 9.63 4.65
C THR A 86 7.05 8.27 3.96
N ILE A 87 6.00 7.37 3.89
CA ILE A 87 5.94 6.09 3.19
C ILE A 87 5.89 6.27 1.64
N LEU A 88 5.35 7.45 1.22
CA LEU A 88 5.26 8.02 -0.14
C LEU A 88 6.56 8.08 -0.96
N LYS A 89 7.76 8.10 -0.30
CA LYS A 89 9.04 7.91 -0.97
C LYS A 89 9.35 6.41 -1.23
N LYS A 90 8.71 5.47 -0.47
CA LYS A 90 8.73 4.02 -0.62
C LYS A 90 7.80 3.52 -1.75
N LEU A 91 6.87 4.42 -2.22
CA LEU A 91 6.06 4.36 -3.47
C LEU A 91 6.89 4.32 -4.77
N ASN A 92 8.14 4.83 -4.69
CA ASN A 92 9.14 5.09 -5.73
C ASN A 92 10.27 4.09 -6.09
N PRO A 93 10.93 3.18 -5.32
CA PRO A 93 12.23 2.55 -5.64
C PRO A 93 12.48 1.71 -6.91
N TYR A 94 11.45 1.39 -7.72
CA TYR A 94 11.43 0.55 -8.93
C TYR A 94 12.10 1.10 -10.21
N ARG A 95 11.46 0.96 -11.41
CA ARG A 95 11.97 1.45 -12.68
C ARG A 95 11.37 2.78 -13.12
N LYS A 96 10.03 3.05 -12.97
CA LYS A 96 9.31 4.26 -13.45
C LYS A 96 9.96 5.64 -13.34
N MET A 97 10.62 5.90 -12.18
CA MET A 97 11.41 7.11 -11.88
C MET A 97 12.78 7.25 -12.59
N ALA A 98 13.32 6.13 -13.15
CA ALA A 98 14.64 6.01 -13.76
C ALA A 98 14.64 6.07 -15.28
N ARG A 99 13.46 6.34 -15.90
CA ARG A 99 13.20 6.52 -17.32
C ARG A 99 13.17 5.24 -18.16
N GLN A 1 2.79 2.10 21.89
CA GLN A 1 1.52 1.67 21.37
C GLN A 1 1.74 1.18 19.96
N ARG A 2 3.00 1.23 19.49
CA ARG A 2 3.46 0.82 18.15
C ARG A 2 3.89 -0.64 18.06
N VAL A 3 4.05 -1.34 19.22
CA VAL A 3 4.52 -2.73 19.36
C VAL A 3 3.53 -3.79 18.88
N LYS A 4 2.21 -3.67 19.25
CA LYS A 4 1.09 -4.50 18.77
C LYS A 4 0.77 -4.29 17.32
N ARG A 5 1.07 -3.11 16.74
CA ARG A 5 0.81 -2.75 15.36
C ARG A 5 1.49 -3.61 14.26
N LEU A 6 2.65 -4.23 14.63
CA LEU A 6 3.49 -5.15 13.90
C LEU A 6 2.91 -6.55 13.78
N LEU A 7 2.03 -6.93 14.73
CA LEU A 7 1.34 -8.21 14.79
C LEU A 7 -0.20 -8.17 14.84
N SER A 8 -0.89 -7.05 15.23
CA SER A 8 -2.36 -6.89 15.26
C SER A 8 -2.93 -6.55 13.87
N ILE A 9 -1.99 -6.21 12.96
CA ILE A 9 -2.26 -5.86 11.58
C ILE A 9 -1.46 -6.75 10.64
N THR A 10 -0.10 -6.67 10.60
CA THR A 10 0.75 -7.44 9.69
C THR A 10 1.24 -8.75 10.33
N ASN A 11 0.35 -9.77 10.39
CA ASN A 11 0.53 -11.10 11.00
C ASN A 11 -0.90 -11.60 11.10
N ASP A 12 -1.78 -10.90 11.90
CA ASP A 12 -3.23 -11.14 11.96
C ASP A 12 -3.95 -10.89 10.60
N LYS A 13 -5.27 -11.24 10.48
CA LYS A 13 -6.08 -11.24 9.24
C LYS A 13 -6.13 -9.95 8.43
N HIS A 14 -5.93 -8.81 9.14
CA HIS A 14 -5.86 -7.43 8.70
C HIS A 14 -4.65 -7.14 7.80
N ASP A 15 -3.71 -8.13 7.66
CA ASP A 15 -2.52 -8.19 6.79
C ASP A 15 -2.92 -8.21 5.33
N GLU A 16 -4.05 -8.89 4.99
CA GLU A 16 -4.66 -8.95 3.67
C GLU A 16 -5.33 -7.63 3.27
N TYR A 17 -6.02 -6.97 4.25
CA TYR A 17 -6.68 -5.66 4.14
C TYR A 17 -5.68 -4.50 4.12
N LEU A 18 -4.62 -4.49 5.01
CA LEU A 18 -3.49 -3.53 4.98
C LEU A 18 -2.72 -3.66 3.68
N THR A 19 -2.29 -4.87 3.22
CA THR A 19 -1.82 -5.07 1.86
C THR A 19 -2.78 -4.75 0.70
N GLU A 20 -4.10 -5.16 0.54
CA GLU A 20 -4.96 -4.72 -0.60
C GLU A 20 -5.29 -3.19 -0.83
N MET A 21 -5.29 -2.32 0.24
CA MET A 21 -5.35 -0.83 0.19
C MET A 21 -4.23 -0.27 -0.66
N VAL A 22 -3.07 -0.95 -0.54
CA VAL A 22 -1.89 -0.70 -1.33
C VAL A 22 -1.96 -1.12 -2.79
N PRO A 23 -2.24 -2.28 -3.46
CA PRO A 23 -2.50 -2.40 -4.91
C PRO A 23 -3.56 -1.43 -5.47
N LEU A 24 -4.48 -0.84 -4.63
CA LEU A 24 -5.14 0.42 -5.05
C LEU A 24 -4.14 1.59 -5.36
N LEU A 25 -3.27 2.00 -4.38
CA LEU A 25 -2.16 2.96 -4.65
C LEU A 25 -0.87 2.50 -5.41
N VAL A 26 -0.16 1.36 -5.14
CA VAL A 26 1.00 0.83 -5.90
C VAL A 26 0.67 0.41 -7.30
N GLU A 27 -0.59 -0.06 -7.59
CA GLU A 27 -0.97 -0.37 -8.97
C GLU A 27 -1.27 0.95 -9.74
N PHE A 28 -1.97 1.96 -9.09
CA PHE A 28 -2.15 3.33 -9.64
C PHE A 28 -0.84 4.12 -9.94
N ALA A 29 0.03 4.26 -8.92
CA ALA A 29 1.34 4.89 -8.82
C ALA A 29 2.49 4.20 -9.52
N LYS A 30 2.60 2.84 -9.45
CA LYS A 30 3.65 2.09 -10.17
C LYS A 30 3.41 1.93 -11.67
N ASP A 31 2.13 2.03 -12.19
CA ASP A 31 1.79 1.85 -13.62
C ASP A 31 2.37 2.93 -14.54
N GLU A 32 2.65 4.09 -13.90
CA GLU A 32 3.25 5.34 -14.30
C GLU A 32 4.78 5.31 -14.46
N CYS A 33 5.52 4.33 -13.86
CA CYS A 33 6.98 4.43 -13.73
C CYS A 33 7.86 4.41 -14.98
N HIS A 34 7.38 3.76 -16.07
CA HIS A 34 8.00 3.58 -17.38
C HIS A 34 7.39 2.30 -17.94
N ASN A 35 7.05 1.35 -17.03
CA ASN A 35 6.45 0.07 -17.35
C ASN A 35 5.14 -0.02 -16.59
N PRO A 36 4.11 -0.73 -17.01
CA PRO A 36 2.85 -0.85 -16.27
C PRO A 36 2.92 -1.91 -15.17
N PHE A 37 4.11 -2.57 -14.89
CA PHE A 37 4.47 -3.62 -13.94
C PHE A 37 3.82 -4.98 -14.22
N ILE A 38 3.07 -5.05 -15.34
CA ILE A 38 2.29 -6.18 -15.86
C ILE A 38 3.22 -7.13 -16.60
N ASP A 39 2.88 -8.44 -16.60
CA ASP A 39 3.69 -9.53 -17.15
C ASP A 39 2.98 -10.16 -18.35
N LYS A 40 3.67 -11.08 -19.10
CA LYS A 40 3.26 -11.82 -20.30
C LYS A 40 1.93 -12.60 -20.29
N ASP A 41 1.33 -12.87 -19.10
CA ASP A 41 0.05 -13.55 -18.91
C ASP A 41 -1.06 -12.52 -18.68
N GLY A 42 -0.63 -11.25 -18.48
CA GLY A 42 -1.40 -10.06 -18.14
C GLY A 42 -1.72 -9.94 -16.67
N ASN A 43 -0.78 -10.43 -15.83
CA ASN A 43 -0.83 -10.41 -14.38
C ASN A 43 -0.03 -9.22 -13.89
N GLU A 44 -0.56 -8.58 -12.82
CA GLU A 44 -0.14 -7.41 -12.05
C GLU A 44 1.02 -7.68 -11.08
N SER A 45 1.86 -6.68 -10.71
CA SER A 45 3.05 -6.98 -9.87
C SER A 45 3.50 -5.88 -8.91
N ILE A 46 4.26 -6.31 -7.85
CA ILE A 46 4.81 -5.58 -6.71
C ILE A 46 6.22 -6.16 -6.42
N PRO A 47 7.39 -5.48 -6.59
CA PRO A 47 8.72 -5.92 -6.14
C PRO A 47 8.97 -5.69 -4.63
N SER A 48 10.12 -6.16 -4.08
CA SER A 48 10.59 -6.13 -2.69
C SER A 48 10.68 -4.78 -1.95
N GLY A 49 11.11 -3.69 -2.66
CA GLY A 49 11.11 -2.29 -2.13
C GLY A 49 9.72 -1.69 -2.05
N VAL A 50 8.88 -1.93 -3.12
CA VAL A 50 7.48 -1.48 -3.19
C VAL A 50 6.55 -2.21 -2.21
N LEU A 51 6.98 -3.45 -1.78
CA LEU A 51 6.47 -4.39 -0.77
C LEU A 51 6.68 -3.89 0.67
N ILE A 52 7.89 -3.30 1.01
CA ILE A 52 8.09 -2.57 2.30
C ILE A 52 7.19 -1.34 2.41
N PHE A 53 6.94 -0.69 1.22
CA PHE A 53 5.98 0.38 1.01
C PHE A 53 4.53 -0.12 1.21
N VAL A 54 4.08 -1.30 0.66
CA VAL A 54 2.71 -1.88 0.85
C VAL A 54 2.30 -2.06 2.32
N ALA A 55 3.05 -2.92 3.06
CA ALA A 55 3.00 -3.09 4.49
C ALA A 55 3.11 -1.82 5.35
N LYS A 56 4.13 -0.92 5.19
CA LYS A 56 4.33 0.28 5.99
C LYS A 56 3.39 1.45 5.70
N ALA A 57 2.91 1.61 4.41
CA ALA A 57 1.96 2.58 3.87
C ALA A 57 0.62 2.51 4.53
N ALA A 58 0.07 1.26 4.45
CA ALA A 58 -1.19 0.88 5.01
C ALA A 58 -1.13 0.67 6.50
N GLN A 59 0.04 0.25 7.08
CA GLN A 59 0.26 0.16 8.53
C GLN A 59 0.10 1.47 9.29
N PHE A 60 0.55 2.58 8.66
CA PHE A 60 0.36 3.94 9.14
C PHE A 60 -1.09 4.43 8.98
N TYR A 61 -1.63 4.35 7.74
CA TYR A 61 -2.94 4.87 7.37
C TYR A 61 -4.18 4.14 7.85
N MET A 62 -4.30 2.80 7.60
CA MET A 62 -5.43 1.88 7.86
C MET A 62 -5.93 1.82 9.28
N THR A 63 -4.99 2.13 10.19
CA THR A 63 -4.92 2.26 11.64
C THR A 63 -5.68 3.48 12.17
N ASN A 64 -6.11 4.47 11.32
CA ASN A 64 -6.92 5.64 11.67
C ASN A 64 -8.40 5.37 11.99
N ALA A 65 -8.79 4.07 12.20
CA ALA A 65 -10.10 3.44 12.36
C ALA A 65 -11.23 4.15 13.10
N GLY A 66 -10.88 4.92 14.14
CA GLY A 66 -11.81 5.88 14.72
C GLY A 66 -11.11 6.60 15.81
N LEU A 67 -9.83 6.98 15.57
CA LEU A 67 -8.99 7.65 16.55
C LEU A 67 -8.62 9.01 16.00
N THR A 68 -7.65 8.98 15.06
CA THR A 68 -7.06 10.09 14.30
C THR A 68 -7.95 10.52 13.16
N GLY A 69 -8.63 9.51 12.55
CA GLY A 69 -9.51 9.55 11.41
C GLY A 69 -10.86 10.20 11.65
N ARG A 70 -10.99 11.57 11.60
CA ARG A 70 -12.20 12.37 11.76
C ARG A 70 -13.38 12.02 10.84
N SER A 71 -14.17 10.98 11.25
CA SER A 71 -15.26 10.30 10.57
C SER A 71 -14.73 9.37 9.47
N MET A 72 -13.48 8.85 9.66
CA MET A 72 -12.63 7.99 8.83
C MET A 72 -12.40 8.46 7.38
N ASP A 73 -12.32 9.81 7.22
CA ASP A 73 -12.14 10.60 5.99
C ASP A 73 -13.35 10.56 5.06
N THR A 74 -14.51 10.13 5.62
CA THR A 74 -15.86 9.97 5.06
C THR A 74 -16.23 8.50 5.01
N VAL A 75 -15.21 7.60 4.82
CA VAL A 75 -15.35 6.14 4.70
C VAL A 75 -15.59 5.71 3.25
N SER A 76 -15.08 4.50 2.84
CA SER A 76 -15.00 4.03 1.44
C SER A 76 -13.91 4.81 0.68
N TYR A 77 -12.90 5.28 1.46
CA TYR A 77 -11.72 6.12 1.24
C TYR A 77 -10.74 5.81 0.12
N ASN A 78 -9.76 6.73 -0.14
CA ASN A 78 -8.80 6.49 -1.20
C ASN A 78 -7.45 7.11 -0.99
N PHE A 79 -6.42 6.27 -1.17
CA PHE A 79 -4.99 6.47 -0.99
C PHE A 79 -4.29 7.28 -2.09
N ALA A 80 -5.03 7.51 -3.20
CA ALA A 80 -4.68 8.36 -4.31
C ALA A 80 -5.11 9.81 -4.03
N THR A 81 -5.87 10.04 -2.91
CA THR A 81 -6.25 11.36 -2.40
C THR A 81 -5.77 11.55 -0.95
N GLU A 82 -5.79 10.50 -0.06
CA GLU A 82 -5.35 10.58 1.36
C GLU A 82 -3.91 10.05 1.60
N ILE A 83 -3.64 9.19 2.66
CA ILE A 83 -2.39 8.52 3.12
C ILE A 83 -1.20 9.36 3.66
N PRO A 84 -0.19 8.79 4.42
CA PRO A 84 1.06 9.46 4.80
C PRO A 84 1.92 9.91 3.62
N SER A 85 2.19 11.24 3.54
CA SER A 85 3.05 11.93 2.56
C SER A 85 4.55 11.65 2.75
N THR A 86 4.91 11.01 3.90
CA THR A 86 6.24 10.54 4.30
C THR A 86 6.58 9.14 3.76
N ILE A 87 5.65 8.11 3.77
CA ILE A 87 5.82 6.78 3.15
C ILE A 87 5.75 6.86 1.60
N LEU A 88 4.99 7.88 1.09
CA LEU A 88 4.74 8.28 -0.32
C LEU A 88 5.99 8.48 -1.18
N LYS A 89 7.13 8.85 -0.52
CA LYS A 89 8.47 8.96 -1.09
C LYS A 89 9.18 7.60 -1.13
N LYS A 90 8.76 6.57 -0.31
CA LYS A 90 9.19 5.17 -0.34
C LYS A 90 8.53 4.37 -1.49
N LEU A 91 7.41 4.89 -2.09
CA LEU A 91 6.74 4.41 -3.35
C LEU A 91 7.67 4.36 -4.57
N ASN A 92 8.50 5.43 -4.73
CA ASN A 92 9.42 5.72 -5.82
C ASN A 92 10.82 5.07 -5.81
N PRO A 93 11.61 4.71 -4.76
CA PRO A 93 12.86 3.92 -4.87
C PRO A 93 12.71 2.47 -5.40
N TYR A 94 11.45 1.94 -5.56
CA TYR A 94 10.94 0.65 -6.07
C TYR A 94 11.80 -0.24 -6.98
N ARG A 95 11.26 -0.66 -8.14
CA ARG A 95 12.00 -1.46 -9.13
C ARG A 95 12.66 -0.66 -10.23
N LYS A 96 12.18 0.57 -10.56
CA LYS A 96 12.63 1.36 -11.72
C LYS A 96 14.07 1.90 -11.70
N MET A 97 14.57 2.18 -10.47
CA MET A 97 15.92 2.68 -10.21
C MET A 97 16.82 1.61 -9.58
N ALA A 98 16.50 0.30 -9.78
CA ALA A 98 17.21 -0.87 -9.25
C ALA A 98 18.56 -1.18 -9.92
N ARG A 99 19.49 -0.20 -9.80
CA ARG A 99 20.88 -0.17 -10.28
C ARG A 99 20.99 0.24 -11.75
N GLN A 1 4.43 2.09 17.13
CA GLN A 1 4.67 2.40 18.52
C GLN A 1 3.84 1.49 19.41
N ARG A 2 2.92 0.72 18.80
CA ARG A 2 2.03 -0.23 19.44
C ARG A 2 2.55 -1.62 19.14
N VAL A 3 2.84 -2.45 20.19
CA VAL A 3 3.42 -3.80 20.14
C VAL A 3 2.56 -4.86 19.44
N LYS A 4 1.21 -4.78 19.58
CA LYS A 4 0.17 -5.56 18.90
C LYS A 4 0.07 -5.24 17.42
N ARG A 5 0.46 -4.02 16.97
CA ARG A 5 0.44 -3.54 15.58
C ARG A 5 1.25 -4.35 14.55
N LEU A 6 2.31 -5.07 15.02
CA LEU A 6 3.18 -5.96 14.26
C LEU A 6 2.51 -7.28 13.90
N LEU A 7 1.66 -7.83 14.81
CA LEU A 7 0.91 -9.05 14.62
C LEU A 7 -0.60 -8.90 14.43
N SER A 8 -1.26 -7.75 14.81
CA SER A 8 -2.70 -7.48 14.67
C SER A 8 -3.13 -7.11 13.27
N ILE A 9 -2.12 -6.73 12.46
CA ILE A 9 -2.25 -6.31 11.07
C ILE A 9 -1.42 -7.18 10.15
N THR A 10 -0.07 -7.14 10.19
CA THR A 10 0.80 -7.95 9.29
C THR A 10 1.23 -9.26 9.96
N ASN A 11 0.32 -10.27 9.94
CA ASN A 11 0.38 -11.61 10.53
C ASN A 11 -1.09 -12.05 10.50
N ASP A 12 -2.02 -11.33 11.22
CA ASP A 12 -3.48 -11.50 11.16
C ASP A 12 -4.10 -11.22 9.76
N LYS A 13 -5.45 -11.36 9.58
CA LYS A 13 -6.16 -11.37 8.29
C LYS A 13 -6.16 -10.05 7.54
N HIS A 14 -5.92 -8.98 8.33
CA HIS A 14 -5.72 -7.59 7.99
C HIS A 14 -4.49 -7.31 7.14
N ASP A 15 -3.58 -8.32 6.96
CA ASP A 15 -2.41 -8.33 6.08
C ASP A 15 -2.81 -8.32 4.61
N GLU A 16 -4.00 -8.92 4.28
CA GLU A 16 -4.63 -8.91 2.95
C GLU A 16 -5.23 -7.54 2.60
N TYR A 17 -5.88 -6.90 3.61
CA TYR A 17 -6.49 -5.58 3.57
C TYR A 17 -5.44 -4.45 3.58
N LEU A 18 -4.40 -4.51 4.47
CA LEU A 18 -3.26 -3.55 4.48
C LEU A 18 -2.45 -3.62 3.18
N THR A 19 -1.99 -4.81 2.73
CA THR A 19 -1.44 -5.04 1.40
C THR A 19 -2.35 -4.76 0.21
N GLU A 20 -3.70 -4.93 0.17
CA GLU A 20 -4.57 -4.50 -0.97
C GLU A 20 -4.68 -2.97 -1.26
N MET A 21 -4.84 -2.10 -0.21
CA MET A 21 -4.89 -0.60 -0.23
C MET A 21 -3.79 0.04 -1.07
N VAL A 22 -2.58 -0.46 -0.81
CA VAL A 22 -1.37 -0.04 -1.45
C VAL A 22 -1.24 -0.44 -2.92
N PRO A 23 -1.31 -1.62 -3.61
CA PRO A 23 -1.40 -1.78 -5.06
C PRO A 23 -2.54 -1.04 -5.73
N LEU A 24 -3.62 -0.55 -5.02
CA LEU A 24 -4.44 0.54 -5.63
C LEU A 24 -3.61 1.88 -5.80
N LEU A 25 -2.81 2.27 -4.76
CA LEU A 25 -1.80 3.36 -4.83
C LEU A 25 -0.55 3.11 -5.72
N VAL A 26 0.23 2.00 -5.54
CA VAL A 26 1.41 1.60 -6.31
C VAL A 26 1.08 1.16 -7.71
N GLU A 27 -0.01 0.42 -8.02
CA GLU A 27 -0.30 0.06 -9.42
C GLU A 27 -0.89 1.26 -10.23
N PHE A 28 -1.75 2.16 -9.61
CA PHE A 28 -2.18 3.43 -10.24
C PHE A 28 -1.05 4.46 -10.44
N ALA A 29 -0.22 4.72 -9.41
CA ALA A 29 0.90 5.66 -9.42
C ALA A 29 2.08 5.23 -10.27
N LYS A 30 2.35 3.89 -10.26
CA LYS A 30 3.36 3.20 -11.04
C LYS A 30 3.03 3.04 -12.50
N ASP A 31 1.70 3.12 -12.91
CA ASP A 31 1.20 3.02 -14.31
C ASP A 31 1.84 3.95 -15.36
N GLU A 32 2.42 5.06 -14.85
CA GLU A 32 3.19 6.09 -15.52
C GLU A 32 4.62 5.69 -15.90
N CYS A 33 5.12 4.53 -15.38
CA CYS A 33 6.51 4.10 -15.41
C CYS A 33 6.90 3.18 -16.57
N HIS A 34 6.11 3.18 -17.68
CA HIS A 34 6.31 2.41 -18.93
C HIS A 34 5.76 0.99 -18.93
N ASN A 35 5.79 0.33 -17.75
CA ASN A 35 5.44 -1.08 -17.57
C ASN A 35 3.97 -1.29 -17.19
N PRO A 36 3.36 -2.47 -17.37
CA PRO A 36 1.99 -2.73 -16.95
C PRO A 36 1.90 -3.24 -15.50
N PHE A 37 3.01 -3.67 -14.81
CA PHE A 37 3.14 -4.28 -13.45
C PHE A 37 2.05 -5.30 -13.01
N ILE A 38 1.47 -6.05 -13.98
CA ILE A 38 0.42 -7.05 -13.85
C ILE A 38 0.97 -8.21 -14.67
N ASP A 39 0.76 -9.47 -14.20
CA ASP A 39 1.31 -10.68 -14.79
C ASP A 39 0.20 -11.56 -15.35
N LYS A 40 0.56 -12.61 -16.14
CA LYS A 40 -0.28 -13.62 -16.82
C LYS A 40 -1.49 -14.28 -16.13
N ASP A 41 -1.53 -14.29 -14.77
CA ASP A 41 -2.58 -14.86 -13.92
C ASP A 41 -3.47 -13.75 -13.36
N GLY A 42 -3.04 -12.49 -13.62
CA GLY A 42 -3.59 -11.22 -13.14
C GLY A 42 -3.16 -10.84 -11.76
N ASN A 43 -1.94 -11.31 -11.38
CA ASN A 43 -1.24 -11.03 -10.14
C ASN A 43 -0.40 -9.78 -10.36
N GLU A 44 -0.20 -9.00 -9.28
CA GLU A 44 0.51 -7.73 -9.17
C GLU A 44 2.04 -7.84 -9.19
N SER A 45 2.78 -6.89 -9.83
CA SER A 45 4.25 -7.00 -9.88
C SER A 45 4.83 -5.99 -8.90
N ILE A 46 5.16 -6.45 -7.65
CA ILE A 46 5.58 -5.60 -6.56
C ILE A 46 6.99 -6.01 -6.15
N PRO A 47 8.10 -5.33 -6.55
CA PRO A 47 9.46 -5.62 -6.09
C PRO A 47 9.71 -5.24 -4.61
N SER A 48 10.88 -5.62 -4.03
CA SER A 48 11.31 -5.51 -2.64
C SER A 48 11.15 -4.18 -1.90
N GLY A 49 11.55 -3.03 -2.50
CA GLY A 49 11.37 -1.65 -1.93
C GLY A 49 9.94 -1.14 -1.95
N VAL A 50 9.19 -1.35 -3.08
CA VAL A 50 7.79 -0.94 -3.24
C VAL A 50 6.82 -1.76 -2.34
N LEU A 51 7.27 -3.01 -1.99
CA LEU A 51 6.72 -4.00 -1.04
C LEU A 51 6.86 -3.57 0.42
N ILE A 52 8.05 -3.05 0.88
CA ILE A 52 8.22 -2.53 2.27
C ILE A 52 7.38 -1.30 2.54
N PHE A 53 7.15 -0.53 1.44
CA PHE A 53 6.23 0.58 1.28
C PHE A 53 4.78 0.08 1.39
N VAL A 54 4.31 -1.01 0.70
CA VAL A 54 2.92 -1.55 0.87
C VAL A 54 2.51 -1.89 2.31
N ALA A 55 3.25 -2.84 2.95
CA ALA A 55 3.24 -3.20 4.35
C ALA A 55 3.36 -2.05 5.36
N LYS A 56 4.36 -1.09 5.22
CA LYS A 56 4.47 0.03 6.14
C LYS A 56 3.45 1.13 5.98
N ALA A 57 3.03 1.49 4.72
CA ALA A 57 2.06 2.52 4.34
C ALA A 57 0.70 2.36 4.95
N ALA A 58 0.18 1.12 4.76
CA ALA A 58 -1.08 0.67 5.27
C ALA A 58 -1.05 0.30 6.76
N GLN A 59 0.08 -0.20 7.38
CA GLN A 59 0.14 -0.36 8.86
C GLN A 59 0.04 0.93 9.66
N PHE A 60 0.47 2.13 9.12
CA PHE A 60 0.07 3.40 9.76
C PHE A 60 -1.41 3.81 9.54
N TYR A 61 -1.77 3.92 8.23
CA TYR A 61 -3.01 4.45 7.67
C TYR A 61 -4.31 3.70 7.78
N MET A 62 -4.26 2.35 7.66
CA MET A 62 -5.38 1.42 7.66
C MET A 62 -6.13 1.30 8.97
N THR A 63 -5.38 1.60 10.07
CA THR A 63 -5.65 1.54 11.52
C THR A 63 -6.94 2.20 11.96
N ASN A 64 -7.41 3.16 11.13
CA ASN A 64 -8.65 3.88 11.17
C ASN A 64 -8.48 5.20 11.88
N ALA A 65 -7.68 6.12 11.26
CA ALA A 65 -7.46 7.49 11.75
C ALA A 65 -8.64 8.52 11.65
N GLY A 66 -9.92 8.05 11.59
CA GLY A 66 -11.17 8.83 11.60
C GLY A 66 -11.57 9.49 10.30
N LEU A 67 -11.16 8.91 9.16
CA LEU A 67 -11.36 9.42 7.80
C LEU A 67 -12.20 8.50 6.90
N THR A 68 -12.02 7.16 7.06
CA THR A 68 -12.73 6.07 6.35
C THR A 68 -13.48 5.28 7.41
N GLY A 69 -13.80 5.95 8.55
CA GLY A 69 -14.24 5.40 9.81
C GLY A 69 -15.71 5.14 10.01
N ARG A 70 -16.51 5.26 8.93
CA ARG A 70 -17.94 5.10 8.91
C ARG A 70 -18.35 3.77 8.26
N SER A 71 -17.50 2.72 8.37
CA SER A 71 -17.69 1.35 7.84
C SER A 71 -17.54 1.19 6.34
N MET A 72 -16.92 2.20 5.70
CA MET A 72 -16.62 2.41 4.30
C MET A 72 -15.67 1.42 3.62
N ASP A 73 -15.94 0.08 3.73
CA ASP A 73 -15.17 -1.02 3.15
C ASP A 73 -15.48 -1.24 1.65
N THR A 74 -15.21 -0.19 0.85
CA THR A 74 -15.37 0.04 -0.59
C THR A 74 -16.18 1.33 -0.76
N VAL A 75 -15.59 2.32 -1.48
CA VAL A 75 -16.14 3.64 -1.75
C VAL A 75 -15.24 4.09 -2.89
N SER A 76 -15.35 5.31 -3.45
CA SER A 76 -14.50 5.93 -4.48
C SER A 76 -13.12 6.35 -3.91
N TYR A 77 -12.47 5.33 -3.28
CA TYR A 77 -11.28 5.21 -2.46
C TYR A 77 -10.05 6.10 -2.67
N ASN A 78 -9.67 6.80 -1.58
CA ASN A 78 -8.59 7.78 -1.41
C ASN A 78 -7.11 7.39 -1.65
N PHE A 79 -6.80 6.33 -2.46
CA PHE A 79 -5.45 5.78 -2.76
C PHE A 79 -4.54 6.65 -3.60
N ALA A 80 -5.09 7.82 -3.99
CA ALA A 80 -4.51 8.95 -4.64
C ALA A 80 -3.95 9.97 -3.66
N THR A 81 -4.53 10.07 -2.42
CA THR A 81 -4.15 11.12 -1.48
C THR A 81 -4.00 10.69 -0.02
N GLU A 82 -4.16 9.37 0.35
CA GLU A 82 -4.14 8.91 1.74
C GLU A 82 -2.85 8.97 2.60
N ILE A 83 -2.13 7.81 2.75
CA ILE A 83 -0.91 7.41 3.47
C ILE A 83 0.08 8.46 4.00
N PRO A 84 0.87 8.22 5.11
CA PRO A 84 1.82 9.19 5.70
C PRO A 84 2.89 9.66 4.70
N SER A 85 2.91 10.99 4.39
CA SER A 85 3.66 11.78 3.40
C SER A 85 5.08 11.40 3.01
N THR A 86 5.82 10.78 3.96
CA THR A 86 7.18 10.26 3.84
C THR A 86 7.26 8.95 3.01
N ILE A 87 6.34 7.94 3.19
CA ILE A 87 6.27 6.68 2.43
C ILE A 87 5.80 6.86 0.98
N LEU A 88 4.97 7.90 0.70
CA LEU A 88 4.45 8.31 -0.60
C LEU A 88 5.54 8.73 -1.61
N LYS A 89 6.71 9.20 -1.08
CA LYS A 89 7.97 9.41 -1.82
C LYS A 89 8.70 8.08 -2.07
N LYS A 90 8.52 7.10 -1.14
CA LYS A 90 8.94 5.69 -1.13
C LYS A 90 8.20 4.81 -2.14
N LEU A 91 7.06 5.34 -2.71
CA LEU A 91 6.34 4.87 -3.92
C LEU A 91 7.26 4.83 -5.15
N ASN A 92 8.20 5.80 -5.25
CA ASN A 92 9.17 6.02 -6.31
C ASN A 92 10.54 5.31 -6.30
N PRO A 93 11.34 4.92 -5.27
CA PRO A 93 12.53 4.07 -5.38
C PRO A 93 12.28 2.63 -5.91
N TYR A 94 10.99 2.21 -6.08
CA TYR A 94 10.37 1.00 -6.63
C TYR A 94 11.08 0.09 -7.64
N ARG A 95 10.41 -0.07 -8.80
CA ARG A 95 10.86 -0.83 -9.96
C ARG A 95 11.58 -0.01 -11.02
N LYS A 96 11.04 1.14 -11.52
CA LYS A 96 11.64 1.90 -12.62
C LYS A 96 12.75 2.90 -12.26
N MET A 97 13.59 2.45 -11.30
CA MET A 97 14.81 3.06 -10.79
C MET A 97 15.88 1.97 -10.76
N ALA A 98 15.55 0.73 -11.19
CA ALA A 98 16.43 -0.42 -11.16
C ALA A 98 16.22 -1.24 -12.43
N ARG A 99 17.26 -1.99 -12.89
CA ARG A 99 17.25 -2.83 -14.08
C ARG A 99 17.02 -4.29 -13.74
N GLN A 1 5.95 2.98 17.06
CA GLN A 1 5.65 3.65 18.29
C GLN A 1 4.61 2.83 18.98
N ARG A 2 3.69 2.23 18.17
CA ARG A 2 2.62 1.36 18.60
C ARG A 2 3.10 -0.06 18.38
N VAL A 3 3.75 -0.67 19.42
CA VAL A 3 4.42 -1.98 19.46
C VAL A 3 3.55 -3.18 19.02
N LYS A 4 2.23 -3.15 19.36
CA LYS A 4 1.18 -4.08 18.91
C LYS A 4 0.85 -3.97 17.44
N ARG A 5 1.04 -2.79 16.79
CA ARG A 5 0.75 -2.54 15.37
C ARG A 5 1.63 -3.34 14.41
N LEU A 6 2.85 -3.70 14.89
CA LEU A 6 3.85 -4.52 14.25
C LEU A 6 3.45 -5.98 14.07
N LEU A 7 2.56 -6.48 14.97
CA LEU A 7 1.99 -7.81 14.92
C LEU A 7 0.46 -7.95 14.92
N SER A 8 -0.35 -6.93 15.34
CA SER A 8 -1.81 -6.92 15.35
C SER A 8 -2.39 -6.69 13.96
N ILE A 9 -1.52 -6.13 13.08
CA ILE A 9 -1.87 -5.81 11.68
C ILE A 9 -0.88 -6.38 10.68
N THR A 10 0.45 -6.08 10.79
CA THR A 10 1.47 -6.57 9.85
C THR A 10 2.09 -7.87 10.29
N ASN A 11 1.33 -8.98 10.30
CA ASN A 11 1.74 -10.32 10.76
C ASN A 11 0.43 -11.08 10.79
N ASP A 12 -0.53 -10.72 11.71
CA ASP A 12 -1.91 -11.25 11.74
C ASP A 12 -2.71 -10.96 10.44
N LYS A 13 -3.73 -11.80 10.10
CA LYS A 13 -4.54 -11.88 8.87
C LYS A 13 -5.04 -10.61 8.17
N HIS A 14 -5.11 -9.49 8.93
CA HIS A 14 -5.44 -8.10 8.65
C HIS A 14 -4.50 -7.48 7.61
N ASP A 15 -3.27 -8.07 7.53
CA ASP A 15 -2.16 -7.84 6.59
C ASP A 15 -2.56 -7.95 5.11
N GLU A 16 -3.55 -8.85 4.78
CA GLU A 16 -4.17 -8.96 3.45
C GLU A 16 -5.13 -7.79 3.15
N TYR A 17 -5.88 -7.31 4.20
CA TYR A 17 -6.74 -6.12 4.15
C TYR A 17 -5.92 -4.82 4.13
N LEU A 18 -4.75 -4.70 4.85
CA LEU A 18 -3.83 -3.55 4.72
C LEU A 18 -3.08 -3.52 3.42
N THR A 19 -2.40 -4.61 2.97
CA THR A 19 -1.73 -4.67 1.68
C THR A 19 -2.61 -4.40 0.45
N GLU A 20 -3.89 -4.89 0.28
CA GLU A 20 -4.83 -4.58 -0.85
C GLU A 20 -5.16 -3.10 -1.19
N MET A 21 -5.24 -2.20 -0.13
CA MET A 21 -5.36 -0.72 -0.12
C MET A 21 -4.28 -0.10 -0.99
N VAL A 22 -3.09 -0.68 -0.77
CA VAL A 22 -1.89 -0.38 -1.50
C VAL A 22 -1.83 -0.91 -2.94
N PRO A 23 -1.96 -2.10 -3.65
CA PRO A 23 -2.08 -2.18 -5.12
C PRO A 23 -3.18 -1.35 -5.77
N LEU A 24 -4.22 -0.84 -5.03
CA LEU A 24 -4.99 0.29 -5.60
C LEU A 24 -4.13 1.59 -5.81
N LEU A 25 -3.34 2.00 -4.76
CA LEU A 25 -2.30 3.06 -4.79
C LEU A 25 -0.99 2.76 -5.57
N VAL A 26 -0.22 1.66 -5.33
CA VAL A 26 1.00 1.21 -6.02
C VAL A 26 0.78 0.81 -7.46
N GLU A 27 -0.42 0.30 -7.87
CA GLU A 27 -0.72 0.07 -9.29
C GLU A 27 -1.03 1.41 -10.02
N PHE A 28 -1.85 2.34 -9.37
CA PHE A 28 -2.13 3.73 -9.83
C PHE A 28 -0.86 4.61 -10.05
N ALA A 29 -0.02 4.70 -9.00
CA ALA A 29 1.23 5.43 -8.81
C ALA A 29 2.41 4.88 -9.59
N LYS A 30 2.51 3.53 -9.74
CA LYS A 30 3.57 2.86 -10.51
C LYS A 30 3.41 2.97 -12.00
N ASP A 31 2.12 3.08 -12.51
CA ASP A 31 1.68 3.21 -13.92
C ASP A 31 2.37 4.34 -14.68
N GLU A 32 2.80 5.34 -13.87
CA GLU A 32 3.63 6.50 -14.08
C GLU A 32 5.03 6.22 -14.65
N CYS A 33 5.59 5.01 -14.34
CA CYS A 33 6.96 4.63 -14.67
C CYS A 33 7.09 3.81 -15.94
N HIS A 34 5.97 3.65 -16.69
CA HIS A 34 5.81 2.93 -17.95
C HIS A 34 5.65 1.44 -17.81
N ASN A 35 4.72 0.94 -16.97
CA ASN A 35 4.48 -0.49 -17.01
C ASN A 35 3.10 -0.70 -16.43
N PRO A 36 2.37 -1.77 -16.80
CA PRO A 36 1.14 -2.16 -16.14
C PRO A 36 1.44 -3.11 -14.97
N PHE A 37 2.75 -3.38 -14.60
CA PHE A 37 3.24 -4.26 -13.50
C PHE A 37 2.96 -5.75 -13.71
N ILE A 38 2.61 -6.12 -14.97
CA ILE A 38 2.27 -7.44 -15.50
C ILE A 38 3.45 -7.99 -16.31
N ASP A 39 3.68 -9.33 -16.21
CA ASP A 39 4.67 -10.10 -16.97
C ASP A 39 3.97 -10.81 -18.16
N LYS A 40 4.48 -11.92 -18.77
CA LYS A 40 3.86 -12.64 -19.91
C LYS A 40 2.39 -13.07 -19.72
N ASP A 41 2.11 -13.94 -18.71
CA ASP A 41 0.77 -14.07 -18.12
C ASP A 41 0.86 -13.68 -16.67
N GLY A 42 1.98 -13.05 -16.25
CA GLY A 42 2.31 -12.73 -14.87
C GLY A 42 1.60 -11.51 -14.40
N ASN A 43 0.26 -11.66 -14.21
CA ASN A 43 -0.78 -10.70 -13.86
C ASN A 43 -0.40 -9.87 -12.63
N GLU A 44 -0.81 -8.56 -12.61
CA GLU A 44 -0.18 -7.47 -11.85
C GLU A 44 0.44 -7.65 -10.47
N SER A 45 1.59 -6.96 -10.27
CA SER A 45 2.59 -7.34 -9.27
C SER A 45 3.13 -6.19 -8.43
N ILE A 46 3.69 -6.56 -7.22
CA ILE A 46 4.28 -5.73 -6.21
C ILE A 46 5.68 -6.29 -5.85
N PRO A 47 6.85 -5.83 -6.39
CA PRO A 47 8.19 -6.29 -5.97
C PRO A 47 8.58 -5.84 -4.54
N SER A 48 9.61 -6.48 -3.93
CA SER A 48 10.03 -6.38 -2.51
C SER A 48 10.20 -5.02 -1.84
N GLY A 49 10.78 -4.00 -2.53
CA GLY A 49 10.90 -2.59 -2.06
C GLY A 49 9.59 -1.81 -2.09
N VAL A 50 8.73 -2.07 -3.12
CA VAL A 50 7.39 -1.50 -3.24
C VAL A 50 6.37 -2.17 -2.30
N LEU A 51 6.67 -3.44 -1.87
CA LEU A 51 6.00 -4.24 -0.82
C LEU A 51 6.27 -3.67 0.59
N ILE A 52 7.52 -3.12 0.84
CA ILE A 52 7.81 -2.33 2.07
C ILE A 52 7.00 -1.05 2.10
N PHE A 53 6.79 -0.38 0.90
CA PHE A 53 5.82 0.71 0.70
C PHE A 53 4.37 0.25 1.06
N VAL A 54 3.83 -0.81 0.39
CA VAL A 54 2.51 -1.43 0.55
C VAL A 54 2.11 -1.83 1.98
N ALA A 55 2.83 -2.77 2.64
CA ALA A 55 2.64 -3.18 4.03
C ALA A 55 2.87 -2.16 5.15
N LYS A 56 3.96 -1.32 5.11
CA LYS A 56 4.18 -0.28 6.12
C LYS A 56 3.33 0.99 5.97
N ALA A 57 2.96 1.41 4.72
CA ALA A 57 2.07 2.53 4.40
C ALA A 57 0.66 2.34 4.92
N ALA A 58 0.19 1.11 4.66
CA ALA A 58 -1.10 0.61 4.99
C ALA A 58 -1.26 0.26 6.44
N GLN A 59 -0.18 -0.19 7.17
CA GLN A 59 -0.19 -0.42 8.63
C GLN A 59 -0.19 0.87 9.40
N PHE A 60 0.30 1.97 8.74
CA PHE A 60 0.26 3.33 9.28
C PHE A 60 -1.15 3.90 9.24
N TYR A 61 -1.78 3.89 8.03
CA TYR A 61 -3.11 4.40 7.75
C TYR A 61 -4.25 3.58 8.35
N MET A 62 -4.23 2.22 8.27
CA MET A 62 -5.23 1.26 8.77
C MET A 62 -5.72 1.41 10.22
N THR A 63 -4.86 1.97 11.12
CA THR A 63 -5.17 2.21 12.53
C THR A 63 -5.84 3.56 12.80
N ASN A 64 -5.98 4.41 11.77
CA ASN A 64 -6.54 5.75 11.87
C ASN A 64 -6.94 6.11 10.46
N ALA A 65 -7.78 5.24 9.86
CA ALA A 65 -8.28 5.41 8.51
C ALA A 65 -9.70 5.93 8.53
N GLY A 66 -10.70 5.06 8.79
CA GLY A 66 -12.09 5.42 8.93
C GLY A 66 -12.83 4.33 9.63
N LEU A 67 -12.16 3.65 10.59
CA LEU A 67 -12.71 2.59 11.42
C LEU A 67 -12.72 3.08 12.85
N THR A 68 -11.51 3.27 13.42
CA THR A 68 -11.22 3.82 14.75
C THR A 68 -10.63 5.22 14.59
N GLY A 69 -10.84 5.85 13.40
CA GLY A 69 -10.36 7.17 12.99
C GLY A 69 -11.25 8.32 13.37
N ARG A 70 -12.41 7.96 13.93
CA ARG A 70 -13.50 8.81 14.33
C ARG A 70 -14.57 7.80 14.66
N SER A 71 -15.42 7.50 13.66
CA SER A 71 -16.49 6.53 13.70
C SER A 71 -17.04 6.57 12.28
N MET A 72 -16.12 6.40 11.30
CA MET A 72 -16.33 6.45 9.86
C MET A 72 -16.31 7.87 9.30
N ASP A 73 -15.08 8.35 8.96
CA ASP A 73 -14.74 9.64 8.33
C ASP A 73 -15.11 9.65 6.85
N THR A 74 -14.82 8.49 6.21
CA THR A 74 -15.05 8.07 4.85
C THR A 74 -14.90 6.56 5.02
N VAL A 75 -15.26 5.74 4.01
CA VAL A 75 -15.27 4.27 4.12
C VAL A 75 -15.10 3.63 2.74
N SER A 76 -15.82 4.13 1.70
CA SER A 76 -15.71 3.75 0.29
C SER A 76 -14.66 4.67 -0.34
N TYR A 77 -13.43 4.57 0.20
CA TYR A 77 -12.27 5.41 -0.01
C TYR A 77 -11.30 4.96 -1.11
N ASN A 78 -10.46 5.91 -1.62
CA ASN A 78 -9.42 5.62 -2.58
C ASN A 78 -8.11 6.15 -2.06
N PHE A 79 -7.06 5.32 -2.21
CA PHE A 79 -5.73 5.39 -1.65
C PHE A 79 -4.78 6.40 -2.28
N ALA A 80 -5.23 7.04 -3.37
CA ALA A 80 -4.62 8.19 -4.03
C ALA A 80 -5.13 9.49 -3.38
N THR A 81 -6.17 9.36 -2.49
CA THR A 81 -6.75 10.40 -1.66
C THR A 81 -6.67 9.93 -0.19
N GLU A 82 -5.72 8.99 0.14
CA GLU A 82 -5.43 8.50 1.50
C GLU A 82 -3.96 8.06 1.56
N ILE A 83 -3.54 7.42 2.72
CA ILE A 83 -2.24 6.77 3.03
C ILE A 83 -1.06 7.77 3.28
N PRO A 84 -0.09 7.70 4.24
CA PRO A 84 0.88 8.80 4.51
C PRO A 84 1.90 9.21 3.41
N SER A 85 2.25 10.53 3.42
CA SER A 85 3.21 11.27 2.59
C SER A 85 4.67 10.88 2.76
N THR A 86 5.01 10.25 3.92
CA THR A 86 6.35 9.74 4.26
C THR A 86 6.65 8.40 3.58
N ILE A 87 5.72 7.40 3.60
CA ILE A 87 5.84 6.09 2.92
C ILE A 87 5.73 6.22 1.37
N LEU A 88 5.00 7.24 0.84
CA LEU A 88 4.95 7.68 -0.58
C LEU A 88 6.33 7.93 -1.24
N LYS A 89 7.36 8.29 -0.41
CA LYS A 89 8.78 8.44 -0.68
C LYS A 89 9.50 7.08 -0.81
N LYS A 90 8.89 5.98 -0.29
CA LYS A 90 9.24 4.57 -0.51
C LYS A 90 8.59 4.00 -1.80
N LEU A 91 7.42 4.57 -2.29
CA LEU A 91 6.77 4.31 -3.62
C LEU A 91 7.57 4.96 -4.78
N ASN A 92 8.69 5.60 -4.44
CA ASN A 92 9.65 6.29 -5.27
C ASN A 92 10.94 5.51 -5.70
N PRO A 93 11.80 4.90 -4.83
CA PRO A 93 13.00 4.11 -5.18
C PRO A 93 12.78 2.76 -5.91
N TYR A 94 11.54 2.26 -6.08
CA TYR A 94 11.12 1.00 -6.70
C TYR A 94 11.58 0.57 -8.13
N ARG A 95 10.83 -0.41 -8.73
CA ARG A 95 11.04 -0.92 -10.09
C ARG A 95 10.56 0.07 -11.19
N LYS A 96 11.48 0.61 -12.05
CA LYS A 96 11.27 1.52 -13.18
C LYS A 96 11.62 2.97 -12.88
N MET A 97 11.90 3.34 -11.59
CA MET A 97 12.32 4.68 -11.19
C MET A 97 13.79 4.71 -10.75
N ALA A 98 14.61 3.77 -11.29
CA ALA A 98 16.04 3.59 -11.06
C ALA A 98 16.92 4.47 -11.95
N ARG A 99 16.52 5.76 -12.11
CA ARG A 99 17.20 6.77 -12.90
C ARG A 99 16.64 8.12 -12.50
N GLN A 1 6.91 0.25 22.29
CA GLN A 1 5.90 0.53 23.28
C GLN A 1 4.58 -0.02 22.81
N ARG A 2 4.44 -0.22 21.48
CA ARG A 2 3.23 -0.71 20.81
C ARG A 2 3.63 -1.79 19.82
N VAL A 3 4.51 -2.72 20.27
CA VAL A 3 5.15 -3.85 19.59
C VAL A 3 4.22 -4.85 18.91
N LYS A 4 3.07 -5.22 19.55
CA LYS A 4 1.98 -6.06 19.04
C LYS A 4 1.18 -5.46 17.91
N ARG A 5 1.08 -4.10 17.79
CA ARG A 5 0.37 -3.38 16.73
C ARG A 5 0.84 -3.64 15.29
N LEU A 6 2.12 -4.05 15.07
CA LEU A 6 2.64 -4.45 13.78
C LEU A 6 2.19 -5.84 13.35
N LEU A 7 2.36 -6.86 14.22
CA LEU A 7 2.07 -8.27 14.00
C LEU A 7 0.62 -8.68 14.21
N SER A 8 -0.20 -7.81 14.89
CA SER A 8 -1.65 -7.99 15.13
C SER A 8 -2.49 -7.81 13.87
N ILE A 9 -1.81 -7.31 12.81
CA ILE A 9 -2.35 -7.03 11.49
C ILE A 9 -1.38 -7.44 10.39
N THR A 10 -0.13 -6.92 10.37
CA THR A 10 0.91 -7.19 9.38
C THR A 10 1.73 -8.37 9.86
N ASN A 11 1.09 -9.55 9.75
CA ASN A 11 1.54 -10.90 10.15
C ASN A 11 0.25 -11.68 10.26
N ASP A 12 -0.73 -11.25 11.11
CA ASP A 12 -2.10 -11.77 11.19
C ASP A 12 -2.98 -11.61 9.90
N LYS A 13 -4.30 -11.28 9.98
CA LYS A 13 -5.21 -11.38 8.83
C LYS A 13 -5.32 -10.18 7.90
N HIS A 14 -5.06 -8.98 8.44
CA HIS A 14 -5.21 -7.69 7.79
C HIS A 14 -4.05 -7.30 6.90
N ASP A 15 -2.99 -8.18 6.84
CA ASP A 15 -1.79 -8.18 6.00
C ASP A 15 -2.13 -8.15 4.52
N GLU A 16 -3.17 -8.92 4.12
CA GLU A 16 -3.80 -9.01 2.81
C GLU A 16 -4.64 -7.78 2.48
N TYR A 17 -5.48 -7.35 3.48
CA TYR A 17 -6.42 -6.23 3.44
C TYR A 17 -5.75 -4.86 3.31
N LEU A 18 -4.72 -4.54 4.14
CA LEU A 18 -3.93 -3.31 4.07
C LEU A 18 -3.01 -3.25 2.88
N THR A 19 -2.36 -4.39 2.48
CA THR A 19 -1.52 -4.48 1.28
C THR A 19 -2.21 -4.20 -0.05
N GLU A 20 -3.37 -4.84 -0.46
CA GLU A 20 -4.15 -4.59 -1.71
C GLU A 20 -4.70 -3.16 -1.97
N MET A 21 -4.86 -2.35 -0.89
CA MET A 21 -5.14 -0.91 -0.79
C MET A 21 -4.10 -0.06 -1.50
N VAL A 22 -2.84 -0.48 -1.24
CA VAL A 22 -1.65 0.04 -1.88
C VAL A 22 -1.52 -0.38 -3.36
N PRO A 23 -1.59 -1.57 -4.05
CA PRO A 23 -1.76 -1.71 -5.50
C PRO A 23 -2.89 -0.91 -6.14
N LEU A 24 -3.99 -0.50 -5.43
CA LEU A 24 -4.86 0.59 -5.97
C LEU A 24 -4.09 1.93 -6.19
N LEU A 25 -3.38 2.43 -5.14
CA LEU A 25 -2.37 3.53 -5.25
C LEU A 25 -1.11 3.34 -6.14
N VAL A 26 -0.32 2.26 -5.93
CA VAL A 26 0.94 1.88 -6.59
C VAL A 26 0.74 1.43 -8.02
N GLU A 27 -0.44 0.84 -8.40
CA GLU A 27 -0.75 0.50 -9.80
C GLU A 27 -1.15 1.78 -10.57
N PHE A 28 -1.98 2.69 -9.92
CA PHE A 28 -2.35 4.04 -10.43
C PHE A 28 -1.14 4.97 -10.70
N ALA A 29 -0.29 5.15 -9.66
CA ALA A 29 0.92 5.93 -9.59
C ALA A 29 2.11 5.38 -10.36
N LYS A 30 2.33 4.03 -10.35
CA LYS A 30 3.41 3.36 -11.07
C LYS A 30 3.22 3.22 -12.55
N ASP A 31 1.97 3.26 -13.14
CA ASP A 31 1.64 3.18 -14.58
C ASP A 31 2.38 4.21 -15.48
N GLU A 32 2.82 5.29 -14.80
CA GLU A 32 3.71 6.41 -15.09
C GLU A 32 5.14 6.00 -15.45
N CYS A 33 5.56 4.77 -15.02
CA CYS A 33 6.88 4.16 -15.14
C CYS A 33 7.32 3.73 -16.52
N HIS A 34 6.38 3.34 -17.42
CA HIS A 34 6.57 2.75 -18.74
C HIS A 34 5.81 1.42 -18.81
N ASN A 35 5.17 0.94 -17.70
CA ASN A 35 4.68 -0.43 -17.69
C ASN A 35 3.38 -0.64 -16.88
N PRO A 36 2.73 -1.80 -17.03
CA PRO A 36 1.53 -2.15 -16.29
C PRO A 36 1.77 -3.04 -15.06
N PHE A 37 3.01 -3.58 -14.72
CA PHE A 37 3.39 -4.49 -13.60
C PHE A 37 2.39 -5.62 -13.27
N ILE A 38 2.19 -6.53 -14.25
CA ILE A 38 1.30 -7.69 -14.23
C ILE A 38 2.23 -8.91 -14.22
N ASP A 39 1.83 -10.02 -13.55
CA ASP A 39 2.60 -11.28 -13.47
C ASP A 39 1.87 -12.42 -14.15
N LYS A 40 2.51 -13.63 -14.25
CA LYS A 40 2.07 -14.89 -14.85
C LYS A 40 0.67 -15.46 -14.52
N ASP A 41 0.02 -15.01 -13.41
CA ASP A 41 -1.31 -15.45 -12.98
C ASP A 41 -2.32 -14.33 -13.26
N GLY A 42 -1.82 -13.22 -13.87
CA GLY A 42 -2.49 -11.98 -14.28
C GLY A 42 -2.87 -11.05 -13.18
N ASN A 43 -2.05 -11.07 -12.12
CA ASN A 43 -2.19 -10.27 -10.92
C ASN A 43 -1.03 -9.31 -10.91
N GLU A 44 -1.05 -8.34 -9.96
CA GLU A 44 -0.09 -7.26 -9.77
C GLU A 44 1.34 -7.66 -9.34
N SER A 45 2.37 -6.84 -9.70
CA SER A 45 3.78 -7.18 -9.44
C SER A 45 4.53 -6.10 -8.63
N ILE A 46 5.11 -6.42 -7.42
CA ILE A 46 5.81 -5.48 -6.56
C ILE A 46 7.13 -6.16 -6.12
N PRO A 47 8.33 -5.50 -6.11
CA PRO A 47 9.61 -5.99 -5.58
C PRO A 47 9.70 -5.77 -4.06
N SER A 48 10.83 -6.16 -3.40
CA SER A 48 11.11 -6.09 -1.96
C SER A 48 10.92 -4.76 -1.20
N GLY A 49 11.46 -3.62 -1.73
CA GLY A 49 11.41 -2.29 -1.06
C GLY A 49 10.06 -1.61 -1.12
N VAL A 50 9.38 -1.77 -2.27
CA VAL A 50 8.07 -1.24 -2.62
C VAL A 50 6.92 -2.00 -1.90
N LEU A 51 7.22 -3.28 -1.51
CA LEU A 51 6.46 -4.21 -0.65
C LEU A 51 6.48 -3.77 0.80
N ILE A 52 7.68 -3.40 1.35
CA ILE A 52 7.81 -2.84 2.72
C ILE A 52 7.08 -1.50 2.91
N PHE A 53 6.95 -0.72 1.77
CA PHE A 53 6.05 0.42 1.58
C PHE A 53 4.58 0.00 1.70
N VAL A 54 4.05 -0.96 0.88
CA VAL A 54 2.61 -1.37 0.88
C VAL A 54 2.02 -1.73 2.26
N ALA A 55 2.70 -2.65 2.97
CA ALA A 55 2.47 -3.03 4.35
C ALA A 55 2.66 -1.93 5.41
N LYS A 56 3.80 -1.17 5.48
CA LYS A 56 3.97 -0.15 6.51
C LYS A 56 3.18 1.13 6.31
N ALA A 57 2.87 1.51 5.04
CA ALA A 57 2.02 2.60 4.61
C ALA A 57 0.60 2.47 5.08
N ALA A 58 0.00 1.29 4.77
CA ALA A 58 -1.35 0.95 5.08
C ALA A 58 -1.58 0.54 6.51
N GLN A 59 -0.59 -0.13 7.20
CA GLN A 59 -0.68 -0.44 8.63
C GLN A 59 -0.58 0.80 9.51
N PHE A 60 0.10 1.84 8.98
CA PHE A 60 0.22 3.17 9.58
C PHE A 60 -1.08 3.99 9.45
N TYR A 61 -1.64 4.23 8.22
CA TYR A 61 -2.91 4.98 8.06
C TYR A 61 -4.21 4.27 8.46
N MET A 62 -4.38 3.03 7.93
CA MET A 62 -5.60 2.22 7.94
C MET A 62 -6.03 1.76 9.33
N THR A 63 -5.04 1.58 10.24
CA THR A 63 -5.19 1.21 11.66
C THR A 63 -5.76 2.33 12.54
N ASN A 64 -5.99 3.55 11.97
CA ASN A 64 -6.72 4.64 12.61
C ASN A 64 -8.22 4.46 12.32
N ALA A 65 -8.61 3.51 11.42
CA ALA A 65 -9.97 3.33 10.96
C ALA A 65 -10.83 2.37 11.75
N GLY A 66 -10.63 2.35 13.09
CA GLY A 66 -11.59 1.78 14.02
C GLY A 66 -12.65 2.81 14.40
N LEU A 67 -12.31 4.13 14.29
CA LEU A 67 -13.19 5.24 14.67
C LEU A 67 -13.59 6.20 13.58
N THR A 68 -12.59 6.83 12.92
CA THR A 68 -12.69 7.79 11.81
C THR A 68 -12.48 7.01 10.52
N GLY A 69 -13.03 5.77 10.56
CA GLY A 69 -13.06 4.70 9.62
C GLY A 69 -14.14 4.85 8.55
N ARG A 70 -14.23 3.89 7.57
CA ARG A 70 -15.11 3.93 6.38
C ARG A 70 -14.22 3.27 5.35
N SER A 71 -12.89 3.47 5.59
CA SER A 71 -11.66 3.03 4.92
C SER A 71 -11.59 1.58 4.55
N MET A 72 -12.31 1.26 3.45
CA MET A 72 -12.40 -0.04 2.85
C MET A 72 -11.56 -0.01 1.54
N ASP A 73 -11.43 -1.12 0.78
CA ASP A 73 -10.72 -1.20 -0.52
C ASP A 73 -11.52 -0.60 -1.68
N THR A 74 -11.69 0.75 -1.63
CA THR A 74 -12.52 1.67 -2.44
C THR A 74 -13.85 1.87 -1.72
N VAL A 75 -14.32 3.14 -1.54
CA VAL A 75 -15.61 3.35 -0.82
C VAL A 75 -16.11 4.72 -1.24
N SER A 76 -15.86 4.98 -2.54
CA SER A 76 -16.01 6.20 -3.33
C SER A 76 -14.66 6.90 -3.42
N TYR A 77 -13.79 6.75 -2.39
CA TYR A 77 -12.44 7.32 -2.29
C TYR A 77 -11.31 6.45 -2.85
N ASN A 78 -10.10 7.05 -3.05
CA ASN A 78 -8.92 6.32 -3.47
C ASN A 78 -7.71 6.66 -2.63
N PHE A 79 -6.70 5.78 -2.77
CA PHE A 79 -5.41 5.72 -2.12
C PHE A 79 -4.40 6.72 -2.67
N ALA A 80 -4.82 7.42 -3.76
CA ALA A 80 -4.21 8.54 -4.42
C ALA A 80 -4.55 9.86 -3.72
N THR A 81 -5.51 9.78 -2.74
CA THR A 81 -6.09 10.86 -1.96
C THR A 81 -5.60 10.88 -0.50
N GLU A 82 -5.23 9.70 0.09
CA GLU A 82 -4.80 9.55 1.50
C GLU A 82 -3.32 9.10 1.67
N ILE A 83 -3.06 8.21 2.69
CA ILE A 83 -1.83 7.50 3.12
C ILE A 83 -0.74 8.40 3.79
N PRO A 84 0.28 7.94 4.59
CA PRO A 84 1.32 8.78 5.19
C PRO A 84 2.28 9.41 4.15
N SER A 85 2.60 10.73 4.27
CA SER A 85 3.46 11.58 3.43
C SER A 85 4.83 11.01 3.10
N THR A 86 5.48 10.43 4.14
CA THR A 86 6.77 9.74 4.19
C THR A 86 6.87 8.52 3.27
N ILE A 87 5.96 7.51 3.42
CA ILE A 87 5.97 6.26 2.64
C ILE A 87 5.57 6.42 1.15
N LEU A 88 4.73 7.45 0.81
CA LEU A 88 4.36 7.88 -0.56
C LEU A 88 5.57 8.19 -1.48
N LYS A 89 6.71 8.59 -0.86
CA LYS A 89 8.03 8.76 -1.43
C LYS A 89 8.72 7.41 -1.76
N LYS A 90 8.33 6.29 -1.08
CA LYS A 90 8.76 4.89 -1.29
C LYS A 90 8.00 4.17 -2.40
N LEU A 91 6.81 4.72 -2.86
CA LEU A 91 6.12 4.34 -4.15
C LEU A 91 6.99 4.54 -5.41
N ASN A 92 7.83 5.60 -5.41
CA ASN A 92 8.70 6.04 -6.51
C ASN A 92 10.02 5.25 -6.76
N PRO A 93 10.93 4.90 -5.79
CA PRO A 93 12.12 4.02 -5.86
C PRO A 93 11.93 2.62 -6.45
N TYR A 94 10.67 2.23 -6.77
CA TYR A 94 10.13 1.01 -7.31
C TYR A 94 10.61 0.64 -8.72
N ARG A 95 9.82 -0.26 -9.32
CA ARG A 95 9.83 -0.95 -10.64
C ARG A 95 10.82 -0.53 -11.75
N LYS A 96 10.97 0.80 -12.06
CA LYS A 96 11.85 1.39 -13.10
C LYS A 96 13.36 1.21 -12.86
N MET A 97 13.71 0.62 -11.68
CA MET A 97 15.01 0.14 -11.24
C MET A 97 15.35 -1.22 -11.84
N ALA A 98 14.30 -2.02 -12.21
CA ALA A 98 14.32 -3.33 -12.86
C ALA A 98 14.87 -4.51 -12.05
N ARG A 99 16.05 -4.31 -11.41
CA ARG A 99 16.83 -5.22 -10.59
C ARG A 99 17.66 -6.19 -11.39
N GLN A 1 2.16 2.61 17.32
CA GLN A 1 2.33 3.46 18.47
C GLN A 1 2.70 2.57 19.63
N ARG A 2 2.21 1.32 19.57
CA ARG A 2 2.43 0.22 20.48
C ARG A 2 3.09 -0.88 19.67
N VAL A 3 4.02 -1.67 20.29
CA VAL A 3 4.81 -2.78 19.73
C VAL A 3 3.99 -3.87 19.05
N LYS A 4 2.83 -4.23 19.67
CA LYS A 4 1.81 -5.18 19.20
C LYS A 4 1.04 -4.70 17.98
N ARG A 5 0.88 -3.36 17.76
CA ARG A 5 0.13 -2.77 16.65
C ARG A 5 0.61 -3.15 15.25
N LEU A 6 1.90 -3.51 15.11
CA LEU A 6 2.52 -3.99 13.89
C LEU A 6 2.17 -5.44 13.56
N LEU A 7 2.31 -6.37 14.55
CA LEU A 7 2.03 -7.79 14.46
C LEU A 7 0.56 -8.16 14.66
N SER A 8 -0.26 -7.24 15.26
CA SER A 8 -1.71 -7.31 15.46
C SER A 8 -2.47 -7.18 14.13
N ILE A 9 -1.77 -6.69 13.08
CA ILE A 9 -2.31 -6.52 11.72
C ILE A 9 -1.47 -7.18 10.64
N THR A 10 -0.19 -6.76 10.42
CA THR A 10 0.67 -7.26 9.35
C THR A 10 1.58 -8.35 9.89
N ASN A 11 0.92 -9.48 10.23
CA ASN A 11 1.46 -10.74 10.77
C ASN A 11 0.21 -11.55 11.00
N ASP A 12 -0.71 -11.11 11.94
CA ASP A 12 -2.08 -11.66 12.07
C ASP A 12 -3.01 -11.43 10.83
N LYS A 13 -4.34 -11.31 10.99
CA LYS A 13 -5.34 -11.36 9.89
C LYS A 13 -5.41 -10.29 8.78
N HIS A 14 -4.61 -9.20 8.85
CA HIS A 14 -4.75 -8.05 7.98
C HIS A 14 -3.58 -7.86 7.03
N ASP A 15 -2.68 -8.88 6.83
CA ASP A 15 -1.50 -8.91 5.95
C ASP A 15 -1.91 -8.80 4.48
N GLU A 16 -3.02 -9.52 4.13
CA GLU A 16 -3.74 -9.42 2.87
C GLU A 16 -4.57 -8.14 2.73
N TYR A 17 -5.35 -7.76 3.80
CA TYR A 17 -6.20 -6.55 3.81
C TYR A 17 -5.46 -5.22 3.75
N LEU A 18 -4.32 -5.04 4.51
CA LEU A 18 -3.45 -3.86 4.41
C LEU A 18 -2.70 -3.79 3.10
N THR A 19 -2.12 -4.92 2.62
CA THR A 19 -1.42 -4.98 1.34
C THR A 19 -2.26 -4.74 0.10
N GLU A 20 -3.57 -5.12 -0.03
CA GLU A 20 -4.47 -4.86 -1.19
C GLU A 20 -4.82 -3.36 -1.52
N MET A 21 -5.00 -2.50 -0.45
CA MET A 21 -5.17 -1.02 -0.41
C MET A 21 -4.13 -0.31 -1.23
N VAL A 22 -2.91 -0.86 -1.00
CA VAL A 22 -1.67 -0.47 -1.61
C VAL A 22 -1.49 -0.90 -3.08
N PRO A 23 -1.57 -2.05 -3.86
CA PRO A 23 -1.65 -2.07 -5.33
C PRO A 23 -2.78 -1.23 -5.93
N LEU A 24 -3.87 -0.81 -5.19
CA LEU A 24 -4.68 0.35 -5.69
C LEU A 24 -3.84 1.66 -5.86
N LEU A 25 -3.03 1.99 -4.81
CA LEU A 25 -2.00 3.03 -4.84
C LEU A 25 -0.73 2.79 -5.71
N VAL A 26 0.03 1.67 -5.58
CA VAL A 26 1.22 1.35 -6.40
C VAL A 26 0.92 0.98 -7.82
N GLU A 27 -0.25 0.36 -8.18
CA GLU A 27 -0.59 0.12 -9.58
C GLU A 27 -0.95 1.45 -10.28
N PHE A 28 -1.75 2.38 -9.63
CA PHE A 28 -1.93 3.76 -10.14
C PHE A 28 -0.62 4.61 -10.26
N ALA A 29 0.15 4.69 -9.14
CA ALA A 29 1.41 5.41 -8.96
C ALA A 29 2.64 4.88 -9.68
N LYS A 30 2.86 3.53 -9.77
CA LYS A 30 3.97 2.88 -10.49
C LYS A 30 3.73 2.93 -12.00
N ASP A 31 2.44 2.92 -12.51
CA ASP A 31 2.03 3.03 -13.94
C ASP A 31 2.61 4.24 -14.70
N GLU A 32 2.99 5.27 -13.91
CA GLU A 32 3.68 6.52 -14.20
C GLU A 32 5.10 6.31 -14.71
N CYS A 33 5.73 5.16 -14.32
CA CYS A 33 7.11 4.81 -14.54
C CYS A 33 7.42 3.92 -15.72
N HIS A 34 6.49 3.86 -16.73
CA HIS A 34 6.65 3.23 -18.06
C HIS A 34 6.03 1.87 -18.29
N ASN A 35 5.61 1.15 -17.23
CA ASN A 35 5.23 -0.26 -17.36
C ASN A 35 3.97 -0.60 -16.61
N PRO A 36 3.22 -1.67 -16.95
CA PRO A 36 1.99 -2.05 -16.28
C PRO A 36 2.19 -2.97 -15.09
N PHE A 37 3.41 -3.54 -14.74
CA PHE A 37 3.72 -4.49 -13.61
C PHE A 37 2.67 -5.58 -13.34
N ILE A 38 2.16 -6.18 -14.43
CA ILE A 38 1.12 -7.18 -14.53
C ILE A 38 1.41 -7.79 -15.89
N ASP A 39 0.89 -8.99 -16.23
CA ASP A 39 1.02 -9.57 -17.58
C ASP A 39 -0.33 -9.46 -18.31
N LYS A 40 -0.64 -10.27 -19.36
CA LYS A 40 -1.89 -10.30 -20.14
C LYS A 40 -3.19 -10.43 -19.32
N ASP A 41 -3.33 -11.55 -18.56
CA ASP A 41 -4.26 -11.68 -17.43
C ASP A 41 -3.43 -11.92 -16.18
N GLY A 42 -2.08 -11.81 -16.32
CA GLY A 42 -1.09 -12.16 -15.31
C GLY A 42 -1.02 -11.18 -14.17
N ASN A 43 -1.94 -11.34 -13.21
CA ASN A 43 -2.34 -10.54 -12.05
C ASN A 43 -1.17 -10.05 -11.18
N GLU A 44 -1.23 -8.73 -10.81
CA GLU A 44 -0.16 -7.74 -10.49
C GLU A 44 1.13 -8.10 -9.74
N SER A 45 2.26 -7.37 -10.02
CA SER A 45 3.63 -7.78 -9.62
C SER A 45 4.41 -6.79 -8.70
N ILE A 46 4.92 -7.25 -7.51
CA ILE A 46 5.56 -6.40 -6.50
C ILE A 46 6.96 -6.89 -6.11
N PRO A 47 8.08 -6.12 -6.30
CA PRO A 47 9.39 -6.39 -5.72
C PRO A 47 9.46 -5.91 -4.25
N SER A 48 10.57 -6.29 -3.55
CA SER A 48 10.93 -6.06 -2.14
C SER A 48 10.83 -4.66 -1.53
N GLY A 49 11.20 -3.59 -2.28
CA GLY A 49 11.09 -2.16 -1.83
C GLY A 49 9.66 -1.65 -1.84
N VAL A 50 8.90 -1.96 -2.95
CA VAL A 50 7.47 -1.62 -3.08
C VAL A 50 6.55 -2.42 -2.09
N LEU A 51 7.06 -3.59 -1.63
CA LEU A 51 6.54 -4.53 -0.60
C LEU A 51 6.64 -3.95 0.82
N ILE A 52 7.80 -3.27 1.18
CA ILE A 52 7.92 -2.48 2.44
C ILE A 52 6.96 -1.30 2.47
N PHE A 53 6.68 -0.74 1.24
CA PHE A 53 5.73 0.32 0.97
C PHE A 53 4.30 -0.17 1.20
N VAL A 54 3.80 -1.29 0.55
CA VAL A 54 2.43 -1.84 0.75
C VAL A 54 2.03 -2.07 2.21
N ALA A 55 2.83 -2.88 2.96
CA ALA A 55 2.68 -3.12 4.38
C ALA A 55 2.84 -1.91 5.31
N LYS A 56 3.95 -1.10 5.24
CA LYS A 56 4.15 0.03 6.17
C LYS A 56 3.30 1.27 5.90
N ALA A 57 2.90 1.53 4.60
CA ALA A 57 1.92 2.53 4.16
C ALA A 57 0.59 2.29 4.82
N ALA A 58 0.07 1.07 4.59
CA ALA A 58 -1.19 0.57 5.07
C ALA A 58 -1.31 0.33 6.56
N GLN A 59 -0.24 -0.12 7.29
CA GLN A 59 -0.26 -0.16 8.77
C GLN A 59 -0.23 1.23 9.38
N PHE A 60 0.29 2.24 8.61
CA PHE A 60 0.20 3.65 9.03
C PHE A 60 -1.21 4.29 8.87
N TYR A 61 -1.79 4.29 7.62
CA TYR A 61 -3.11 4.85 7.32
C TYR A 61 -4.35 4.13 7.79
N MET A 62 -4.32 2.77 7.87
CA MET A 62 -5.52 1.97 8.15
C MET A 62 -6.12 2.16 9.55
N THR A 63 -5.25 2.49 10.55
CA THR A 63 -5.53 2.74 11.97
C THR A 63 -6.02 4.18 12.24
N ASN A 64 -5.96 5.05 11.20
CA ASN A 64 -6.42 6.43 11.09
C ASN A 64 -7.72 6.46 10.27
N ALA A 65 -7.71 5.90 9.01
CA ALA A 65 -8.87 5.87 8.13
C ALA A 65 -9.81 4.72 8.32
N GLY A 66 -9.52 3.96 9.40
CA GLY A 66 -10.41 3.04 10.06
C GLY A 66 -11.31 3.76 11.01
N LEU A 67 -10.93 4.98 11.49
CA LEU A 67 -11.78 5.81 12.35
C LEU A 67 -12.21 7.19 11.94
N THR A 68 -11.19 8.01 11.58
CA THR A 68 -11.24 9.46 11.36
C THR A 68 -10.87 9.69 9.94
N GLY A 69 -11.37 8.75 9.11
CA GLY A 69 -11.01 8.53 7.75
C GLY A 69 -11.66 9.36 6.67
N ARG A 70 -12.17 10.56 7.03
CA ARG A 70 -12.69 11.64 6.15
C ARG A 70 -13.96 11.36 5.35
N SER A 71 -13.91 10.31 4.48
CA SER A 71 -15.02 9.76 3.70
C SER A 71 -15.71 8.68 4.54
N MET A 72 -14.93 7.71 5.10
CA MET A 72 -15.49 6.68 5.94
C MET A 72 -14.37 5.99 6.69
N ASP A 73 -14.78 4.99 7.51
CA ASP A 73 -14.03 4.12 8.39
C ASP A 73 -13.71 2.77 7.73
N THR A 74 -12.56 2.61 7.00
CA THR A 74 -12.05 1.42 6.27
C THR A 74 -12.87 0.94 5.05
N VAL A 75 -13.56 1.83 4.28
CA VAL A 75 -14.41 1.39 3.16
C VAL A 75 -14.00 2.18 1.94
N SER A 76 -14.39 3.47 1.87
CA SER A 76 -14.06 4.44 0.83
C SER A 76 -12.75 5.16 1.16
N TYR A 77 -11.80 4.42 1.78
CA TYR A 77 -10.50 4.87 2.23
C TYR A 77 -9.47 4.91 1.08
N ASN A 78 -9.74 5.76 0.05
CA ASN A 78 -8.99 5.89 -1.20
C ASN A 78 -7.58 6.48 -1.10
N PHE A 79 -6.60 5.55 -1.11
CA PHE A 79 -5.15 5.49 -1.06
C PHE A 79 -4.36 6.55 -1.83
N ALA A 80 -4.89 6.98 -2.99
CA ALA A 80 -4.37 8.02 -3.87
C ALA A 80 -4.84 9.41 -3.45
N THR A 81 -5.78 9.46 -2.47
CA THR A 81 -6.41 10.64 -1.88
C THR A 81 -5.96 10.80 -0.43
N GLU A 82 -5.87 9.68 0.36
CA GLU A 82 -5.59 9.78 1.80
C GLU A 82 -4.57 8.79 2.40
N ILE A 83 -3.22 9.03 2.38
CA ILE A 83 -2.24 8.16 3.08
C ILE A 83 -1.08 9.02 3.61
N PRO A 84 -0.08 8.58 4.47
CA PRO A 84 1.09 9.37 4.89
C PRO A 84 2.00 9.91 3.77
N SER A 85 2.34 11.23 3.84
CA SER A 85 3.23 11.99 2.94
C SER A 85 4.66 11.45 2.86
N THR A 86 5.15 10.96 4.03
CA THR A 86 6.44 10.32 4.30
C THR A 86 6.70 9.04 3.53
N ILE A 87 5.80 8.02 3.66
CA ILE A 87 5.90 6.71 3.00
C ILE A 87 5.65 6.77 1.48
N LEU A 88 4.85 7.75 0.97
CA LEU A 88 4.55 8.05 -0.45
C LEU A 88 5.78 8.35 -1.33
N LYS A 89 6.88 8.85 -0.71
CA LYS A 89 8.20 9.02 -1.32
C LYS A 89 8.95 7.67 -1.44
N LYS A 90 8.63 6.72 -0.52
CA LYS A 90 9.03 5.33 -0.42
C LYS A 90 8.23 4.42 -1.38
N LEU A 91 7.08 4.92 -1.96
CA LEU A 91 6.35 4.28 -3.12
C LEU A 91 7.25 4.10 -4.36
N ASN A 92 8.14 5.08 -4.63
CA ASN A 92 9.01 5.21 -5.79
C ASN A 92 10.44 4.61 -5.83
N PRO A 93 11.24 4.19 -4.82
CA PRO A 93 12.56 3.56 -5.03
C PRO A 93 12.54 2.11 -5.53
N TYR A 94 11.35 1.45 -5.60
CA TYR A 94 10.99 0.09 -6.06
C TYR A 94 11.77 -0.58 -7.19
N ARG A 95 11.13 -0.59 -8.37
CA ARG A 95 11.69 -1.09 -9.63
C ARG A 95 12.07 0.07 -10.52
N LYS A 96 11.12 0.59 -11.33
CA LYS A 96 11.34 1.68 -12.26
C LYS A 96 11.24 3.03 -11.58
N MET A 97 12.33 3.37 -10.85
CA MET A 97 12.56 4.61 -10.12
C MET A 97 12.94 5.76 -11.05
N ALA A 98 13.88 5.51 -11.97
CA ALA A 98 14.39 6.46 -12.93
C ALA A 98 15.28 5.63 -13.84
N ARG A 99 16.00 6.29 -14.79
CA ARG A 99 16.94 5.73 -15.77
C ARG A 99 16.26 5.11 -16.98
#